data_3V2R
# 
_entry.id   3V2R 
# 
_audit_conform.dict_name       mmcif_pdbx.dic 
_audit_conform.dict_version    5.399 
_audit_conform.dict_location   http://mmcif.pdb.org/dictionaries/ascii/mmcif_pdbx.dic 
# 
loop_
_database_2.database_id 
_database_2.database_code 
_database_2.pdbx_database_accession 
_database_2.pdbx_DOI 
PDB   3V2R         pdb_00003v2r 10.2210/pdb3v2r/pdb 
RCSB  RCSB069521   ?            ?                   
WWPDB D_1000069521 ?            ?                   
# 
loop_
_pdbx_audit_revision_history.ordinal 
_pdbx_audit_revision_history.data_content_type 
_pdbx_audit_revision_history.major_revision 
_pdbx_audit_revision_history.minor_revision 
_pdbx_audit_revision_history.revision_date 
1 'Structure model' 1 0 2013-01-16 
2 'Structure model' 1 1 2023-09-13 
3 'Structure model' 1 2 2024-11-20 
# 
_pdbx_audit_revision_details.ordinal             1 
_pdbx_audit_revision_details.revision_ordinal    1 
_pdbx_audit_revision_details.data_content_type   'Structure model' 
_pdbx_audit_revision_details.provider            repository 
_pdbx_audit_revision_details.type                'Initial release' 
_pdbx_audit_revision_details.description         ? 
_pdbx_audit_revision_details.details             ? 
# 
loop_
_pdbx_audit_revision_group.ordinal 
_pdbx_audit_revision_group.revision_ordinal 
_pdbx_audit_revision_group.data_content_type 
_pdbx_audit_revision_group.group 
1 2 'Structure model' 'Data collection'        
2 2 'Structure model' 'Database references'    
3 2 'Structure model' 'Derived calculations'   
4 2 'Structure model' 'Refinement description' 
5 3 'Structure model' 'Structure summary'      
# 
loop_
_pdbx_audit_revision_category.ordinal 
_pdbx_audit_revision_category.revision_ordinal 
_pdbx_audit_revision_category.data_content_type 
_pdbx_audit_revision_category.category 
1 2 'Structure model' chem_comp_atom                
2 2 'Structure model' chem_comp_bond                
3 2 'Structure model' database_2                    
4 2 'Structure model' pdbx_initial_refinement_model 
5 2 'Structure model' struct_site                   
6 3 'Structure model' pdbx_entry_details            
7 3 'Structure model' pdbx_modification_feature     
# 
loop_
_pdbx_audit_revision_item.ordinal 
_pdbx_audit_revision_item.revision_ordinal 
_pdbx_audit_revision_item.data_content_type 
_pdbx_audit_revision_item.item 
1 2 'Structure model' '_database_2.pdbx_DOI'                
2 2 'Structure model' '_database_2.pdbx_database_accession' 
3 2 'Structure model' '_struct_site.pdbx_auth_asym_id'      
4 2 'Structure model' '_struct_site.pdbx_auth_comp_id'      
5 2 'Structure model' '_struct_site.pdbx_auth_seq_id'       
# 
_pdbx_database_status.entry_id                        3V2R 
_pdbx_database_status.deposit_site                    RCSB 
_pdbx_database_status.process_site                    RCSB 
_pdbx_database_status.recvd_initial_deposition_date   2011-12-12 
_pdbx_database_status.status_code                     REL 
_pdbx_database_status.status_code_sf                  REL 
_pdbx_database_status.status_code_mr                  ? 
_pdbx_database_status.SG_entry                        ? 
_pdbx_database_status.status_code_cs                  ? 
_pdbx_database_status.methods_development_category    ? 
_pdbx_database_status.pdb_format_compatible           Y 
_pdbx_database_status.status_code_nmr_data            ? 
# 
loop_
_pdbx_database_related.db_name 
_pdbx_database_related.db_id 
_pdbx_database_related.details 
_pdbx_database_related.content_type 
PDB 1MZ9 . unspecified 
PDB 3V2N . unspecified 
PDB 3V2Q . unspecified 
PDB 3V2P . unspecified 
PDB 3V2S . unspecified 
# 
_audit_author.name           'Stetefeld, J.' 
_audit_author.pdbx_ordinal   1 
# 
_citation.id                        primary 
_citation.title                     'COMPcc in complex with fatty acids' 
_citation.journal_abbrev            'To be Published' 
_citation.journal_volume            ? 
_citation.page_first                ? 
_citation.page_last                 ? 
_citation.year                      ? 
_citation.journal_id_ASTM           ? 
_citation.country                   ? 
_citation.journal_id_ISSN           ? 
_citation.journal_id_CSD            0353 
_citation.book_publisher            ? 
_citation.pdbx_database_id_PubMed   ? 
_citation.pdbx_database_id_DOI      ? 
# 
_citation_author.citation_id        primary 
_citation_author.name               'Stetefeld, J.' 
_citation_author.ordinal            1 
_citation_author.identifier_ORCID   ? 
# 
loop_
_entity.id 
_entity.type 
_entity.src_method 
_entity.pdbx_description 
_entity.formula_weight 
_entity.pdbx_number_of_molecules 
_entity.pdbx_ec 
_entity.pdbx_mutation 
_entity.pdbx_fragment 
_entity.details 
1 polymer     man 'Cartilage Oligomerization matrix protein (coiled-coil domain)' 5242.078 5  ? ? ? COMPcc 
2 non-polymer syn 'OLEIC ACID'                                                    282.461  1  ? ? ? ?      
3 water       nat water                                                           18.015   54 ? ? ? ?      
# 
_entity_poly.entity_id                      1 
_entity_poly.type                           'polypeptide(L)' 
_entity_poly.nstd_linkage                   no 
_entity_poly.nstd_monomer                   no 
_entity_poly.pdbx_seq_one_letter_code       MDLAPQMLRELQETNAALQDVRELLRQQVKEITFLKNTVMECDAC 
_entity_poly.pdbx_seq_one_letter_code_can   MDLAPQMLRELQETNAALQDVRELLRQQVKEITFLKNTVMECDAC 
_entity_poly.pdbx_strand_id                 A,B,C,D,E 
_entity_poly.pdbx_target_identifier         ? 
# 
loop_
_pdbx_entity_nonpoly.entity_id 
_pdbx_entity_nonpoly.name 
_pdbx_entity_nonpoly.comp_id 
2 'OLEIC ACID' OLA 
3 water        HOH 
# 
loop_
_entity_poly_seq.entity_id 
_entity_poly_seq.num 
_entity_poly_seq.mon_id 
_entity_poly_seq.hetero 
1 1  MET n 
1 2  ASP n 
1 3  LEU n 
1 4  ALA n 
1 5  PRO n 
1 6  GLN n 
1 7  MET n 
1 8  LEU n 
1 9  ARG n 
1 10 GLU n 
1 11 LEU n 
1 12 GLN n 
1 13 GLU n 
1 14 THR n 
1 15 ASN n 
1 16 ALA n 
1 17 ALA n 
1 18 LEU n 
1 19 GLN n 
1 20 ASP n 
1 21 VAL n 
1 22 ARG n 
1 23 GLU n 
1 24 LEU n 
1 25 LEU n 
1 26 ARG n 
1 27 GLN n 
1 28 GLN n 
1 29 VAL n 
1 30 LYS n 
1 31 GLU n 
1 32 ILE n 
1 33 THR n 
1 34 PHE n 
1 35 LEU n 
1 36 LYS n 
1 37 ASN n 
1 38 THR n 
1 39 VAL n 
1 40 MET n 
1 41 GLU n 
1 42 CYS n 
1 43 ASP n 
1 44 ALA n 
1 45 CYS n 
# 
_entity_src_gen.entity_id                          1 
_entity_src_gen.pdbx_src_id                        1 
_entity_src_gen.pdbx_alt_source_flag               sample 
_entity_src_gen.pdbx_seq_type                      ? 
_entity_src_gen.pdbx_beg_seq_num                   ? 
_entity_src_gen.pdbx_end_seq_num                   ? 
_entity_src_gen.gene_src_common_name               mouse 
_entity_src_gen.gene_src_genus                     ? 
_entity_src_gen.pdbx_gene_src_gene                 ? 
_entity_src_gen.gene_src_species                   ? 
_entity_src_gen.gene_src_strain                    ? 
_entity_src_gen.gene_src_tissue                    ? 
_entity_src_gen.gene_src_tissue_fraction           ? 
_entity_src_gen.gene_src_details                   ? 
_entity_src_gen.pdbx_gene_src_fragment             ? 
_entity_src_gen.pdbx_gene_src_scientific_name      'Mus musculus' 
_entity_src_gen.pdbx_gene_src_ncbi_taxonomy_id     10090 
_entity_src_gen.pdbx_gene_src_variant              ? 
_entity_src_gen.pdbx_gene_src_cell_line            ? 
_entity_src_gen.pdbx_gene_src_atcc                 ? 
_entity_src_gen.pdbx_gene_src_organ                ? 
_entity_src_gen.pdbx_gene_src_organelle            ? 
_entity_src_gen.pdbx_gene_src_cell                 ? 
_entity_src_gen.pdbx_gene_src_cellular_location    ? 
_entity_src_gen.host_org_common_name               ? 
_entity_src_gen.pdbx_host_org_scientific_name      'Escherichia coli' 
_entity_src_gen.pdbx_host_org_ncbi_taxonomy_id     511693 
_entity_src_gen.host_org_genus                     ? 
_entity_src_gen.pdbx_host_org_gene                 ? 
_entity_src_gen.pdbx_host_org_organ                ? 
_entity_src_gen.host_org_species                   ? 
_entity_src_gen.pdbx_host_org_tissue               ? 
_entity_src_gen.pdbx_host_org_tissue_fraction      ? 
_entity_src_gen.pdbx_host_org_strain               BL21 
_entity_src_gen.pdbx_host_org_variant              ? 
_entity_src_gen.pdbx_host_org_cell_line            ? 
_entity_src_gen.pdbx_host_org_atcc                 ? 
_entity_src_gen.pdbx_host_org_culture_collection   ? 
_entity_src_gen.pdbx_host_org_cell                 ? 
_entity_src_gen.pdbx_host_org_organelle            ? 
_entity_src_gen.pdbx_host_org_cellular_location    ? 
_entity_src_gen.pdbx_host_org_vector_type          ? 
_entity_src_gen.pdbx_host_org_vector               ? 
_entity_src_gen.host_org_details                   ? 
_entity_src_gen.expression_system_id               ? 
_entity_src_gen.plasmid_name                       ? 
_entity_src_gen.plasmid_details                    ? 
_entity_src_gen.pdbx_description                   ? 
# 
loop_
_chem_comp.id 
_chem_comp.type 
_chem_comp.mon_nstd_flag 
_chem_comp.name 
_chem_comp.pdbx_synonyms 
_chem_comp.formula 
_chem_comp.formula_weight 
ALA 'L-peptide linking' y ALANINE         ? 'C3 H7 N O2'     89.093  
ARG 'L-peptide linking' y ARGININE        ? 'C6 H15 N4 O2 1' 175.209 
ASN 'L-peptide linking' y ASPARAGINE      ? 'C4 H8 N2 O3'    132.118 
ASP 'L-peptide linking' y 'ASPARTIC ACID' ? 'C4 H7 N O4'     133.103 
CYS 'L-peptide linking' y CYSTEINE        ? 'C3 H7 N O2 S'   121.158 
GLN 'L-peptide linking' y GLUTAMINE       ? 'C5 H10 N2 O3'   146.144 
GLU 'L-peptide linking' y 'GLUTAMIC ACID' ? 'C5 H9 N O4'     147.129 
HOH non-polymer         . WATER           ? 'H2 O'           18.015  
ILE 'L-peptide linking' y ISOLEUCINE      ? 'C6 H13 N O2'    131.173 
LEU 'L-peptide linking' y LEUCINE         ? 'C6 H13 N O2'    131.173 
LYS 'L-peptide linking' y LYSINE          ? 'C6 H15 N2 O2 1' 147.195 
MET 'L-peptide linking' y METHIONINE      ? 'C5 H11 N O2 S'  149.211 
OLA non-polymer         . 'OLEIC ACID'    ? 'C18 H34 O2'     282.461 
PHE 'L-peptide linking' y PHENYLALANINE   ? 'C9 H11 N O2'    165.189 
PRO 'L-peptide linking' y PROLINE         ? 'C5 H9 N O2'     115.130 
THR 'L-peptide linking' y THREONINE       ? 'C4 H9 N O3'     119.119 
VAL 'L-peptide linking' y VALINE          ? 'C5 H11 N O2'    117.146 
# 
loop_
_pdbx_poly_seq_scheme.asym_id 
_pdbx_poly_seq_scheme.entity_id 
_pdbx_poly_seq_scheme.seq_id 
_pdbx_poly_seq_scheme.mon_id 
_pdbx_poly_seq_scheme.ndb_seq_num 
_pdbx_poly_seq_scheme.pdb_seq_num 
_pdbx_poly_seq_scheme.auth_seq_num 
_pdbx_poly_seq_scheme.pdb_mon_id 
_pdbx_poly_seq_scheme.auth_mon_id 
_pdbx_poly_seq_scheme.pdb_strand_id 
_pdbx_poly_seq_scheme.pdb_ins_code 
_pdbx_poly_seq_scheme.hetero 
A 1 1  MET 1  27 27 MET MET A . n 
A 1 2  ASP 2  28 28 ASP ASP A . n 
A 1 3  LEU 3  29 29 LEU LEU A . n 
A 1 4  ALA 4  30 30 ALA ALA A . n 
A 1 5  PRO 5  31 31 PRO PRO A . n 
A 1 6  GLN 6  32 32 GLN GLN A . n 
A 1 7  MET 7  33 33 MET MET A . n 
A 1 8  LEU 8  34 34 LEU LEU A . n 
A 1 9  ARG 9  35 35 ARG ARG A . n 
A 1 10 GLU 10 36 36 GLU GLU A . n 
A 1 11 LEU 11 37 37 LEU LEU A . n 
A 1 12 GLN 12 38 38 GLN GLN A . n 
A 1 13 GLU 13 39 39 GLU GLU A . n 
A 1 14 THR 14 40 40 THR THR A . n 
A 1 15 ASN 15 41 41 ASN ASN A . n 
A 1 16 ALA 16 42 42 ALA ALA A . n 
A 1 17 ALA 17 43 43 ALA ALA A . n 
A 1 18 LEU 18 44 44 LEU LEU A . n 
A 1 19 GLN 19 45 45 GLN GLN A . n 
A 1 20 ASP 20 46 46 ASP ASP A . n 
A 1 21 VAL 21 47 47 VAL VAL A . n 
A 1 22 ARG 22 48 48 ARG ARG A . n 
A 1 23 GLU 23 49 49 GLU GLU A . n 
A 1 24 LEU 24 50 50 LEU LEU A . n 
A 1 25 LEU 25 51 51 LEU LEU A . n 
A 1 26 ARG 26 52 52 ARG ARG A . n 
A 1 27 GLN 27 53 53 GLN GLN A . n 
A 1 28 GLN 28 54 54 GLN GLN A . n 
A 1 29 VAL 29 55 55 VAL VAL A . n 
A 1 30 LYS 30 56 56 LYS LYS A . n 
A 1 31 GLU 31 57 57 GLU GLU A . n 
A 1 32 ILE 32 58 58 ILE ILE A . n 
A 1 33 THR 33 59 59 THR THR A . n 
A 1 34 PHE 34 60 60 PHE PHE A . n 
A 1 35 LEU 35 61 61 LEU LEU A . n 
A 1 36 LYS 36 62 62 LYS LYS A . n 
A 1 37 ASN 37 63 63 ASN ASN A . n 
A 1 38 THR 38 64 64 THR THR A . n 
A 1 39 VAL 39 65 65 VAL VAL A . n 
A 1 40 MET 40 66 66 MET MET A . n 
A 1 41 GLU 41 67 67 GLU GLU A . n 
A 1 42 CYS 42 68 68 CYS CYS A . n 
A 1 43 ASP 43 69 69 ASP ASP A . n 
A 1 44 ALA 44 70 70 ALA ALA A . n 
A 1 45 CYS 45 71 71 CYS CYS A . n 
B 1 1  MET 1  27 27 MET MET B . n 
B 1 2  ASP 2  28 28 ASP ASP B . n 
B 1 3  LEU 3  29 29 LEU LEU B . n 
B 1 4  ALA 4  30 30 ALA ALA B . n 
B 1 5  PRO 5  31 31 PRO PRO B . n 
B 1 6  GLN 6  32 32 GLN GLN B . n 
B 1 7  MET 7  33 33 MET MET B . n 
B 1 8  LEU 8  34 34 LEU LEU B . n 
B 1 9  ARG 9  35 35 ARG ARG B . n 
B 1 10 GLU 10 36 36 GLU GLU B . n 
B 1 11 LEU 11 37 37 LEU LEU B . n 
B 1 12 GLN 12 38 38 GLN GLN B . n 
B 1 13 GLU 13 39 39 GLU GLU B . n 
B 1 14 THR 14 40 40 THR THR B . n 
B 1 15 ASN 15 41 41 ASN ASN B . n 
B 1 16 ALA 16 42 42 ALA ALA B . n 
B 1 17 ALA 17 43 43 ALA ALA B . n 
B 1 18 LEU 18 44 44 LEU LEU B . n 
B 1 19 GLN 19 45 45 GLN GLN B . n 
B 1 20 ASP 20 46 46 ASP ASP B . n 
B 1 21 VAL 21 47 47 VAL VAL B . n 
B 1 22 ARG 22 48 48 ARG ARG B . n 
B 1 23 GLU 23 49 49 GLU GLU B . n 
B 1 24 LEU 24 50 50 LEU LEU B . n 
B 1 25 LEU 25 51 51 LEU LEU B . n 
B 1 26 ARG 26 52 52 ARG ARG B . n 
B 1 27 GLN 27 53 53 GLN GLN B . n 
B 1 28 GLN 28 54 54 GLN GLN B . n 
B 1 29 VAL 29 55 55 VAL VAL B . n 
B 1 30 LYS 30 56 56 LYS LYS B . n 
B 1 31 GLU 31 57 57 GLU GLU B . n 
B 1 32 ILE 32 58 58 ILE ILE B . n 
B 1 33 THR 33 59 59 THR THR B . n 
B 1 34 PHE 34 60 60 PHE PHE B . n 
B 1 35 LEU 35 61 61 LEU LEU B . n 
B 1 36 LYS 36 62 62 LYS LYS B . n 
B 1 37 ASN 37 63 63 ASN ASN B . n 
B 1 38 THR 38 64 64 THR THR B . n 
B 1 39 VAL 39 65 65 VAL VAL B . n 
B 1 40 MET 40 66 66 MET MET B . n 
B 1 41 GLU 41 67 67 GLU GLU B . n 
B 1 42 CYS 42 68 68 CYS CYS B . n 
B 1 43 ASP 43 69 69 ASP ASP B . n 
B 1 44 ALA 44 70 70 ALA ALA B . n 
B 1 45 CYS 45 71 71 CYS CYS B . n 
C 1 1  MET 1  27 27 MET MET C . n 
C 1 2  ASP 2  28 28 ASP ASP C . n 
C 1 3  LEU 3  29 29 LEU LEU C . n 
C 1 4  ALA 4  30 30 ALA ALA C . n 
C 1 5  PRO 5  31 31 PRO PRO C . n 
C 1 6  GLN 6  32 32 GLN GLN C . n 
C 1 7  MET 7  33 33 MET MET C . n 
C 1 8  LEU 8  34 34 LEU LEU C . n 
C 1 9  ARG 9  35 35 ARG ARG C . n 
C 1 10 GLU 10 36 36 GLU GLU C . n 
C 1 11 LEU 11 37 37 LEU LEU C . n 
C 1 12 GLN 12 38 38 GLN GLN C . n 
C 1 13 GLU 13 39 39 GLU GLU C . n 
C 1 14 THR 14 40 40 THR THR C . n 
C 1 15 ASN 15 41 41 ASN ASN C . n 
C 1 16 ALA 16 42 42 ALA ALA C . n 
C 1 17 ALA 17 43 43 ALA ALA C . n 
C 1 18 LEU 18 44 44 LEU LEU C . n 
C 1 19 GLN 19 45 45 GLN GLN C . n 
C 1 20 ASP 20 46 46 ASP ASP C . n 
C 1 21 VAL 21 47 47 VAL VAL C . n 
C 1 22 ARG 22 48 48 ARG ARG C . n 
C 1 23 GLU 23 49 49 GLU GLU C . n 
C 1 24 LEU 24 50 50 LEU LEU C . n 
C 1 25 LEU 25 51 51 LEU LEU C . n 
C 1 26 ARG 26 52 52 ARG ARG C . n 
C 1 27 GLN 27 53 53 GLN GLN C . n 
C 1 28 GLN 28 54 54 GLN GLN C . n 
C 1 29 VAL 29 55 55 VAL VAL C . n 
C 1 30 LYS 30 56 56 LYS LYS C . n 
C 1 31 GLU 31 57 57 GLU GLU C . n 
C 1 32 ILE 32 58 58 ILE ILE C . n 
C 1 33 THR 33 59 59 THR THR C . n 
C 1 34 PHE 34 60 60 PHE PHE C . n 
C 1 35 LEU 35 61 61 LEU LEU C . n 
C 1 36 LYS 36 62 62 LYS LYS C . n 
C 1 37 ASN 37 63 63 ASN ASN C . n 
C 1 38 THR 38 64 64 THR THR C . n 
C 1 39 VAL 39 65 65 VAL VAL C . n 
C 1 40 MET 40 66 66 MET MET C . n 
C 1 41 GLU 41 67 67 GLU GLU C . n 
C 1 42 CYS 42 68 68 CYS CYS C . n 
C 1 43 ASP 43 69 69 ASP ASP C . n 
C 1 44 ALA 44 70 70 ALA ALA C . n 
C 1 45 CYS 45 71 71 CYS CYS C . n 
D 1 1  MET 1  27 27 MET MET D . n 
D 1 2  ASP 2  28 28 ASP ASP D . n 
D 1 3  LEU 3  29 29 LEU LEU D . n 
D 1 4  ALA 4  30 30 ALA ALA D . n 
D 1 5  PRO 5  31 31 PRO PRO D . n 
D 1 6  GLN 6  32 32 GLN GLN D . n 
D 1 7  MET 7  33 33 MET MET D . n 
D 1 8  LEU 8  34 34 LEU LEU D . n 
D 1 9  ARG 9  35 35 ARG ARG D . n 
D 1 10 GLU 10 36 36 GLU GLU D . n 
D 1 11 LEU 11 37 37 LEU LEU D . n 
D 1 12 GLN 12 38 38 GLN GLN D . n 
D 1 13 GLU 13 39 39 GLU GLU D . n 
D 1 14 THR 14 40 40 THR THR D . n 
D 1 15 ASN 15 41 41 ASN ASN D . n 
D 1 16 ALA 16 42 42 ALA ALA D . n 
D 1 17 ALA 17 43 43 ALA ALA D . n 
D 1 18 LEU 18 44 44 LEU LEU D . n 
D 1 19 GLN 19 45 45 GLN GLN D . n 
D 1 20 ASP 20 46 46 ASP ASP D . n 
D 1 21 VAL 21 47 47 VAL VAL D . n 
D 1 22 ARG 22 48 48 ARG ARG D . n 
D 1 23 GLU 23 49 49 GLU GLU D . n 
D 1 24 LEU 24 50 50 LEU LEU D . n 
D 1 25 LEU 25 51 51 LEU LEU D . n 
D 1 26 ARG 26 52 52 ARG ARG D . n 
D 1 27 GLN 27 53 53 GLN GLN D . n 
D 1 28 GLN 28 54 54 GLN GLN D . n 
D 1 29 VAL 29 55 55 VAL VAL D . n 
D 1 30 LYS 30 56 56 LYS LYS D . n 
D 1 31 GLU 31 57 57 GLU GLU D . n 
D 1 32 ILE 32 58 58 ILE ILE D . n 
D 1 33 THR 33 59 59 THR THR D . n 
D 1 34 PHE 34 60 60 PHE PHE D . n 
D 1 35 LEU 35 61 61 LEU LEU D . n 
D 1 36 LYS 36 62 62 LYS LYS D . n 
D 1 37 ASN 37 63 63 ASN ASN D . n 
D 1 38 THR 38 64 64 THR THR D . n 
D 1 39 VAL 39 65 65 VAL VAL D . n 
D 1 40 MET 40 66 66 MET MET D . n 
D 1 41 GLU 41 67 67 GLU GLU D . n 
D 1 42 CYS 42 68 68 CYS CYS D . n 
D 1 43 ASP 43 69 69 ASP ASP D . n 
D 1 44 ALA 44 70 70 ALA ALA D . n 
D 1 45 CYS 45 71 71 CYS CYS D . n 
E 1 1  MET 1  27 27 MET MET E . n 
E 1 2  ASP 2  28 28 ASP ASP E . n 
E 1 3  LEU 3  29 29 LEU LEU E . n 
E 1 4  ALA 4  30 30 ALA ALA E . n 
E 1 5  PRO 5  31 31 PRO PRO E . n 
E 1 6  GLN 6  32 32 GLN GLN E . n 
E 1 7  MET 7  33 33 MET MET E . n 
E 1 8  LEU 8  34 34 LEU LEU E . n 
E 1 9  ARG 9  35 35 ARG ARG E . n 
E 1 10 GLU 10 36 36 GLU GLU E . n 
E 1 11 LEU 11 37 37 LEU LEU E . n 
E 1 12 GLN 12 38 38 GLN GLN E . n 
E 1 13 GLU 13 39 39 GLU GLU E . n 
E 1 14 THR 14 40 40 THR THR E . n 
E 1 15 ASN 15 41 41 ASN ASN E . n 
E 1 16 ALA 16 42 42 ALA ALA E . n 
E 1 17 ALA 17 43 43 ALA ALA E . n 
E 1 18 LEU 18 44 44 LEU LEU E . n 
E 1 19 GLN 19 45 45 GLN GLN E . n 
E 1 20 ASP 20 46 46 ASP ASP E . n 
E 1 21 VAL 21 47 47 VAL VAL E . n 
E 1 22 ARG 22 48 48 ARG ARG E . n 
E 1 23 GLU 23 49 49 GLU GLU E . n 
E 1 24 LEU 24 50 50 LEU LEU E . n 
E 1 25 LEU 25 51 51 LEU LEU E . n 
E 1 26 ARG 26 52 52 ARG ARG E . n 
E 1 27 GLN 27 53 53 GLN GLN E . n 
E 1 28 GLN 28 54 54 GLN GLN E . n 
E 1 29 VAL 29 55 55 VAL VAL E . n 
E 1 30 LYS 30 56 56 LYS LYS E . n 
E 1 31 GLU 31 57 57 GLU GLU E . n 
E 1 32 ILE 32 58 58 ILE ILE E . n 
E 1 33 THR 33 59 59 THR THR E . n 
E 1 34 PHE 34 60 60 PHE PHE E . n 
E 1 35 LEU 35 61 61 LEU LEU E . n 
E 1 36 LYS 36 62 62 LYS LYS E . n 
E 1 37 ASN 37 63 63 ASN ASN E . n 
E 1 38 THR 38 64 64 THR THR E . n 
E 1 39 VAL 39 65 65 VAL VAL E . n 
E 1 40 MET 40 66 66 MET MET E . n 
E 1 41 GLU 41 67 67 GLU GLU E . n 
E 1 42 CYS 42 68 68 CYS CYS E . n 
E 1 43 ASP 43 69 69 ASP ASP E . n 
E 1 44 ALA 44 70 70 ALA ALA E . n 
E 1 45 CYS 45 71 71 CYS CYS E . n 
# 
loop_
_pdbx_nonpoly_scheme.asym_id 
_pdbx_nonpoly_scheme.entity_id 
_pdbx_nonpoly_scheme.mon_id 
_pdbx_nonpoly_scheme.ndb_seq_num 
_pdbx_nonpoly_scheme.pdb_seq_num 
_pdbx_nonpoly_scheme.auth_seq_num 
_pdbx_nonpoly_scheme.pdb_mon_id 
_pdbx_nonpoly_scheme.auth_mon_id 
_pdbx_nonpoly_scheme.pdb_strand_id 
_pdbx_nonpoly_scheme.pdb_ins_code 
F 2 OLA 1  1  1  OLA OLA D . 
G 3 HOH 1  7  7  HOH TIP A . 
G 3 HOH 2  19 19 HOH TIP A . 
G 3 HOH 3  21 21 HOH TIP A . 
G 3 HOH 4  72 27 HOH TIP A . 
G 3 HOH 5  73 31 HOH TIP A . 
G 3 HOH 6  74 48 HOH TIP A . 
H 3 HOH 1  2  2  HOH TIP B . 
H 3 HOH 2  3  3  HOH TIP B . 
H 3 HOH 3  9  9  HOH TIP B . 
H 3 HOH 4  10 10 HOH TIP B . 
H 3 HOH 5  12 12 HOH TIP B . 
H 3 HOH 6  14 14 HOH TIP B . 
H 3 HOH 7  20 20 HOH TIP B . 
H 3 HOH 8  26 26 HOH TIP B . 
H 3 HOH 9  72 32 HOH TIP B . 
H 3 HOH 10 73 33 HOH TIP B . 
H 3 HOH 11 74 41 HOH TIP B . 
H 3 HOH 12 75 45 HOH TIP B . 
H 3 HOH 13 76 46 HOH TIP B . 
H 3 HOH 14 77 52 HOH TIP B . 
I 3 HOH 1  13 13 HOH TIP C . 
I 3 HOH 2  15 15 HOH TIP C . 
I 3 HOH 3  24 24 HOH TIP C . 
I 3 HOH 4  25 25 HOH TIP C . 
I 3 HOH 5  72 28 HOH TIP C . 
I 3 HOH 6  73 29 HOH TIP C . 
I 3 HOH 7  74 34 HOH TIP C . 
I 3 HOH 8  75 39 HOH TIP C . 
I 3 HOH 9  76 42 HOH TIP C . 
I 3 HOH 10 77 43 HOH TIP C . 
I 3 HOH 11 78 44 HOH TIP C . 
I 3 HOH 12 79 47 HOH TIP C . 
I 3 HOH 13 80 49 HOH TIP C . 
I 3 HOH 14 81 51 HOH TIP C . 
J 3 HOH 1  5  5  HOH TIP D . 
J 3 HOH 2  6  6  HOH TIP D . 
J 3 HOH 3  8  8  HOH TIP D . 
J 3 HOH 4  11 11 HOH TIP D . 
J 3 HOH 5  16 16 HOH TIP D . 
J 3 HOH 6  22 22 HOH TIP D . 
J 3 HOH 7  23 23 HOH TIP D . 
J 3 HOH 8  72 1  HOH TIP D . 
J 3 HOH 9  73 35 HOH TIP D . 
J 3 HOH 10 74 36 HOH TIP D . 
J 3 HOH 11 75 37 HOH TIP D . 
J 3 HOH 12 76 50 HOH TIP D . 
J 3 HOH 13 77 54 HOH TIP D . 
K 3 HOH 1  4  4  HOH TIP E . 
K 3 HOH 2  17 17 HOH TIP E . 
K 3 HOH 3  18 18 HOH TIP E . 
K 3 HOH 4  72 30 HOH TIP E . 
K 3 HOH 5  73 38 HOH TIP E . 
K 3 HOH 6  74 40 HOH TIP E . 
K 3 HOH 7  75 53 HOH TIP E . 
# 
loop_
_software.pdbx_ordinal 
_software.name 
_software.version 
_software.date 
_software.type 
_software.contact_author 
_software.contact_author_email 
_software.classification 
_software.location 
_software.language 
_software.citation_id 
1 CNS         1.3  ?               package 'Axel T. Brunger' axel.brunger@yale.edu    refinement        http://cns-online.org/ 
Fortran_77 ? 
2 PDB_EXTRACT 3.10 'June 10, 2010' package PDB               deposit@deposit.rcsb.org 'data extraction' 
http://sw-tools.pdb.org/apps/PDB_EXTRACT/ C++        ? 
# 
_cell.length_a           37.862 
_cell.length_b           49.111 
_cell.length_c           54.258 
_cell.angle_alpha        90.000 
_cell.angle_beta         104.150 
_cell.angle_gamma        90.000 
_cell.entry_id           3V2R 
_cell.pdbx_unique_axis   ? 
_cell.Z_PDB              10 
_cell.length_a_esd       ? 
_cell.length_b_esd       ? 
_cell.length_c_esd       ? 
_cell.angle_alpha_esd    ? 
_cell.angle_beta_esd     ? 
_cell.angle_gamma_esd    ? 
# 
_symmetry.space_group_name_H-M             'P 1 21 1' 
_symmetry.entry_id                         3V2R 
_symmetry.pdbx_full_space_group_name_H-M   ? 
_symmetry.Int_Tables_number                4 
_symmetry.cell_setting                     ? 
_symmetry.space_group_name_Hall            ? 
# 
_exptl.crystals_number   1 
_exptl.entry_id          3V2R 
_exptl.method            'X-RAY DIFFRACTION' 
# 
_exptl_crystal.id                    1 
_exptl_crystal.density_Matthews      1.87 
_exptl_crystal.density_meas          ? 
_exptl_crystal.density_percent_sol   34.09 
_exptl_crystal.description           ? 
_exptl_crystal.F_000                 ? 
_exptl_crystal.preparation           ? 
# 
_diffrn.id                     1 
_diffrn.ambient_temp           ? 
_diffrn.ambient_temp_details   ? 
_diffrn.crystal_id             1 
# 
_diffrn_radiation.diffrn_id                        1 
_diffrn_radiation.wavelength_id                    1 
_diffrn_radiation.pdbx_diffrn_protocol             'SINGLE WAVELENGTH' 
_diffrn_radiation.monochromator                    ? 
_diffrn_radiation.pdbx_monochromatic_or_laue_m_l   M 
_diffrn_radiation.pdbx_scattering_type             x-ray 
# 
_diffrn_radiation_wavelength.id           1 
_diffrn_radiation_wavelength.wavelength   1.25 
_diffrn_radiation_wavelength.wt           1.0 
# 
_diffrn_source.diffrn_id                   1 
_diffrn_source.source                      SYNCHROTRON 
_diffrn_source.type                        'CLSI BEAMLINE 08ID-1' 
_diffrn_source.pdbx_wavelength             ? 
_diffrn_source.pdbx_wavelength_list        1.25 
_diffrn_source.pdbx_synchrotron_site       CLSI 
_diffrn_source.pdbx_synchrotron_beamline   08ID-1 
# 
_reflns.entry_id                     3V2R 
_reflns.B_iso_Wilson_estimate        41.900 
_reflns.observed_criterion_sigma_F   2.0 
_reflns.observed_criterion_sigma_I   2.0 
_reflns.d_resolution_high            2.65 
_reflns.d_resolution_low             50 
_reflns.number_all                   41856 
_reflns.number_obs                   4761 
_reflns.percent_possible_obs         93 
_reflns.pdbx_Rmerge_I_obs            ? 
_reflns.pdbx_Rsym_value              ? 
_reflns.pdbx_netI_over_sigmaI        ? 
_reflns.pdbx_redundancy              ? 
_reflns.R_free_details               ? 
_reflns.limit_h_max                  ? 
_reflns.limit_h_min                  ? 
_reflns.limit_k_max                  ? 
_reflns.limit_k_min                  ? 
_reflns.limit_l_max                  ? 
_reflns.limit_l_min                  ? 
_reflns.observed_criterion_F_max     ? 
_reflns.observed_criterion_F_min     ? 
_reflns.pdbx_chi_squared             ? 
_reflns.pdbx_scaling_rejects         ? 
_reflns.pdbx_ordinal                 1 
_reflns.pdbx_diffrn_id               1 
# 
_refine.entry_id                                 3V2R 
_refine.ls_d_res_high                            2.7500 
_refine.ls_d_res_low                             29.4100 
_refine.pdbx_ls_sigma_F                          0.000 
_refine.pdbx_data_cutoff_high_absF               661068.0000 
_refine.pdbx_data_cutoff_low_absF                0.0000 
_refine.ls_percent_reflns_obs                    92.7000 
_refine.ls_number_reflns_obs                     4761 
_refine.ls_number_reflns_all                     ? 
_refine.pdbx_ls_cross_valid_method               THROUGHOUT 
_refine.pdbx_R_Free_selection_details            RANDOM 
_refine.details                                  'BULK SOLVENT MODEL USED' 
_refine.ls_R_factor_all                          ? 
_refine.ls_R_factor_obs                          ? 
_refine.ls_R_factor_R_work                       0.2010 
_refine.ls_wR_factor_R_work                      ? 
_refine.ls_R_factor_R_free                       0.2750 
_refine.ls_wR_factor_R_free                      ? 
_refine.ls_percent_reflns_R_free                 10.5000 
_refine.ls_number_reflns_R_free                  499 
_refine.ls_R_factor_R_free_error                 0.0150 
_refine.B_iso_mean                               43.8099 
_refine.solvent_model_param_bsol                 54.4495 
_refine.solvent_model_param_ksol                 0.3700 
_refine.pdbx_isotropic_thermal_model             RESTRAINED 
_refine.aniso_B[1][1]                            0.0000 
_refine.aniso_B[2][2]                            0.0000 
_refine.aniso_B[3][3]                            0.0000 
_refine.aniso_B[1][2]                            0.0000 
_refine.aniso_B[1][3]                            0.0000 
_refine.aniso_B[2][3]                            0.0000 
_refine.correlation_coeff_Fo_to_Fc               ? 
_refine.correlation_coeff_Fo_to_Fc_free          ? 
_refine.overall_SU_R_Cruickshank_DPI             ? 
_refine.overall_SU_R_free                        ? 
_refine.pdbx_overall_ESU_R                       ? 
_refine.pdbx_overall_ESU_R_Free                  ? 
_refine.overall_SU_ML                            ? 
_refine.overall_SU_B                             ? 
_refine.solvent_model_details                    'FLAT MODEL' 
_refine.pdbx_solvent_vdw_probe_radii             ? 
_refine.pdbx_solvent_ion_probe_radii             ? 
_refine.pdbx_solvent_shrinkage_radii             ? 
_refine.ls_number_parameters                     ? 
_refine.ls_number_restraints                     ? 
_refine.pdbx_starting_model                      'pdb entry 1MZ9' 
_refine.pdbx_method_to_determine_struct          'MOLECULAR REPLACEMENT' 
_refine.pdbx_stereochemistry_target_values       ? 
_refine.pdbx_stereochem_target_val_spec_case     ? 
_refine.overall_FOM_work_R_set                   ? 
_refine.B_iso_max                                87.610 
_refine.B_iso_min                                21.440 
_refine.pdbx_overall_phase_error                 ? 
_refine.occupancy_max                            1.000 
_refine.occupancy_min                            1.000 
_refine.pdbx_ls_sigma_I                          ? 
_refine.ls_redundancy_reflns_obs                 ? 
_refine.ls_R_factor_R_free_error_details         ? 
_refine.pdbx_data_cutoff_high_rms_absF           ? 
_refine.overall_FOM_free_R_set                   ? 
_refine.pdbx_diffrn_id                           1 
_refine.pdbx_refine_id                           'X-RAY DIFFRACTION' 
_refine.pdbx_TLS_residual_ADP_flag               ? 
_refine.pdbx_overall_SU_R_free_Cruickshank_DPI   ? 
_refine.pdbx_overall_SU_R_Blow_DPI               ? 
_refine.pdbx_overall_SU_R_free_Blow_DPI          ? 
# 
_refine_analyze.entry_id                        3V2R 
_refine_analyze.Luzzati_coordinate_error_obs    0.310 
_refine_analyze.Luzzati_sigma_a_obs             0.380 
_refine_analyze.Luzzati_d_res_low_obs           5.000 
_refine_analyze.Luzzati_coordinate_error_free   0.540 
_refine_analyze.Luzzati_sigma_a_free            0.620 
_refine_analyze.Luzzati_d_res_low_free          ? 
_refine_analyze.number_disordered_residues      ? 
_refine_analyze.occupancy_sum_non_hydrogen      ? 
_refine_analyze.occupancy_sum_hydrogen          ? 
_refine_analyze.pdbx_Luzzati_d_res_high_obs     ? 
_refine_analyze.pdbx_refine_id                  'X-RAY DIFFRACTION' 
# 
_refine_hist.pdbx_refine_id                   'X-RAY DIFFRACTION' 
_refine_hist.cycle_id                         LAST 
_refine_hist.pdbx_number_atoms_protein        1810 
_refine_hist.pdbx_number_atoms_nucleic_acid   0 
_refine_hist.pdbx_number_atoms_ligand         20 
_refine_hist.number_atoms_solvent             54 
_refine_hist.number_atoms_total               1884 
_refine_hist.d_res_high                       2.7500 
_refine_hist.d_res_low                        29.4100 
# 
loop_
_refine_ls_restr.type 
_refine_ls_restr.number 
_refine_ls_restr.dev_ideal 
_refine_ls_restr.dev_ideal_target 
_refine_ls_restr.weight 
_refine_ls_restr.pdbx_restraint_function 
_refine_ls_restr.pdbx_refine_id 
c_bond_d           ? 0.008  ? ? ? 'X-RAY DIFFRACTION' 
c_angle_deg        ? 1.100  ? ? ? 'X-RAY DIFFRACTION' 
c_dihedral_angle_d ? 17.000 ? ? ? 'X-RAY DIFFRACTION' 
c_improper_angle_d ? 0.700  ? ? ? 'X-RAY DIFFRACTION' 
c_mcbond_it        ? ?      ? ? ? 'X-RAY DIFFRACTION' 
c_mcangle_it       ? ?      ? ? ? 'X-RAY DIFFRACTION' 
c_scbond_it        ? ?      ? ? ? 'X-RAY DIFFRACTION' 
c_scangle_it       ? ?      ? ? ? 'X-RAY DIFFRACTION' 
# 
_refine_ls_shell.d_res_high                       2.7500 
_refine_ls_shell.d_res_low                        2.9200 
_refine_ls_shell.pdbx_total_number_of_bins_used   6 
_refine_ls_shell.percent_reflns_obs               93.6000 
_refine_ls_shell.number_reflns_R_work             730 
_refine_ls_shell.R_factor_all                     ? 
_refine_ls_shell.R_factor_R_work                  0.3130 
_refine_ls_shell.R_factor_R_free                  0.3630 
_refine_ls_shell.percent_reflns_R_free            10.2000 
_refine_ls_shell.number_reflns_R_free             83 
_refine_ls_shell.R_factor_R_free_error            0.0450 
_refine_ls_shell.number_reflns_all                813 
_refine_ls_shell.number_reflns_obs                ? 
_refine_ls_shell.redundancy_reflns_obs            ? 
_refine_ls_shell.pdbx_refine_id                   'X-RAY DIFFRACTION' 
# 
loop_
_pdbx_xplor_file.serial_no 
_pdbx_xplor_file.param_file 
_pdbx_xplor_file.topol_file 
_pdbx_xplor_file.pdbx_refine_id 
1 protein_rep.param  protein.top      'X-RAY DIFFRACTION' 
2 dna-rna_rep.param  dna-rna.top      'X-RAY DIFFRACTION' 
3 water_rep.param    water.top        'X-RAY DIFFRACTION' 
4 ion.param          ion.top          'X-RAY DIFFRACTION' 
5 carbohydrate.param carbohydrate.top 'X-RAY DIFFRACTION' 
6 ola.par            ola.top          'X-RAY DIFFRACTION' 
# 
_struct.entry_id                  3V2R 
_struct.title                     'COMPcc in complex with fatty acids' 
_struct.pdbx_model_details        ? 
_struct.pdbx_CASP_flag            ? 
_struct.pdbx_model_type_details   ? 
# 
_struct_keywords.entry_id        3V2R 
_struct_keywords.pdbx_keywords   'PROTEIN BINDING' 
_struct_keywords.text            'coiled coil oleic acid, storage, PROTEIN BINDING' 
# 
loop_
_struct_asym.id 
_struct_asym.pdbx_blank_PDB_chainid_flag 
_struct_asym.pdbx_modified 
_struct_asym.entity_id 
_struct_asym.details 
A N N 1 ? 
B N N 1 ? 
C N N 1 ? 
D N N 1 ? 
E N N 1 ? 
F N N 2 ? 
G N N 3 ? 
H N N 3 ? 
I N N 3 ? 
J N N 3 ? 
K N N 3 ? 
# 
_struct_ref.id                         1 
_struct_ref.db_name                    PDB 
_struct_ref.db_code                    3V2R 
_struct_ref.pdbx_db_accession          3V2R 
_struct_ref.entity_id                  1 
_struct_ref.pdbx_align_begin           ? 
_struct_ref.pdbx_seq_one_letter_code   ? 
_struct_ref.pdbx_db_isoform            ? 
# 
loop_
_struct_ref_seq.align_id 
_struct_ref_seq.ref_id 
_struct_ref_seq.pdbx_PDB_id_code 
_struct_ref_seq.pdbx_strand_id 
_struct_ref_seq.seq_align_beg 
_struct_ref_seq.pdbx_seq_align_beg_ins_code 
_struct_ref_seq.seq_align_end 
_struct_ref_seq.pdbx_seq_align_end_ins_code 
_struct_ref_seq.pdbx_db_accession 
_struct_ref_seq.db_align_beg 
_struct_ref_seq.pdbx_db_align_beg_ins_code 
_struct_ref_seq.db_align_end 
_struct_ref_seq.pdbx_db_align_end_ins_code 
_struct_ref_seq.pdbx_auth_seq_align_beg 
_struct_ref_seq.pdbx_auth_seq_align_end 
1 1 3V2R A 1 ? 45 ? 3V2R 27 ? 71 ? 27 71 
2 1 3V2R B 1 ? 45 ? 3V2R 27 ? 71 ? 27 71 
3 1 3V2R C 1 ? 45 ? 3V2R 27 ? 71 ? 27 71 
4 1 3V2R D 1 ? 45 ? 3V2R 27 ? 71 ? 27 71 
5 1 3V2R E 1 ? 45 ? 3V2R 27 ? 71 ? 27 71 
# 
_pdbx_struct_assembly.id                   1 
_pdbx_struct_assembly.details              author_and_software_defined_assembly 
_pdbx_struct_assembly.method_details       PISA 
_pdbx_struct_assembly.oligomeric_details   pentameric 
_pdbx_struct_assembly.oligomeric_count     5 
# 
loop_
_pdbx_struct_assembly_prop.biol_id 
_pdbx_struct_assembly_prop.type 
_pdbx_struct_assembly_prop.value 
_pdbx_struct_assembly_prop.details 
1 'ABSA (A^2)' 12210 ? 
1 MORE         -113  ? 
1 'SSA (A^2)'  11260 ? 
# 
_pdbx_struct_assembly_gen.assembly_id       1 
_pdbx_struct_assembly_gen.oper_expression   1 
_pdbx_struct_assembly_gen.asym_id_list      A,B,C,D,E,F,G,H,I,J,K 
# 
_pdbx_struct_oper_list.id                   1 
_pdbx_struct_oper_list.type                 'identity operation' 
_pdbx_struct_oper_list.name                 1_555 
_pdbx_struct_oper_list.symmetry_operation   x,y,z 
_pdbx_struct_oper_list.matrix[1][1]         1.0000000000 
_pdbx_struct_oper_list.matrix[1][2]         0.0000000000 
_pdbx_struct_oper_list.matrix[1][3]         0.0000000000 
_pdbx_struct_oper_list.vector[1]            0.0000000000 
_pdbx_struct_oper_list.matrix[2][1]         0.0000000000 
_pdbx_struct_oper_list.matrix[2][2]         1.0000000000 
_pdbx_struct_oper_list.matrix[2][3]         0.0000000000 
_pdbx_struct_oper_list.vector[2]            0.0000000000 
_pdbx_struct_oper_list.matrix[3][1]         0.0000000000 
_pdbx_struct_oper_list.matrix[3][2]         0.0000000000 
_pdbx_struct_oper_list.matrix[3][3]         1.0000000000 
_pdbx_struct_oper_list.vector[3]            0.0000000000 
# 
_struct_biol.id        1 
_struct_biol.details   ? 
# 
loop_
_struct_conf.conf_type_id 
_struct_conf.id 
_struct_conf.pdbx_PDB_helix_id 
_struct_conf.beg_label_comp_id 
_struct_conf.beg_label_asym_id 
_struct_conf.beg_label_seq_id 
_struct_conf.pdbx_beg_PDB_ins_code 
_struct_conf.end_label_comp_id 
_struct_conf.end_label_asym_id 
_struct_conf.end_label_seq_id 
_struct_conf.pdbx_end_PDB_ins_code 
_struct_conf.beg_auth_comp_id 
_struct_conf.beg_auth_asym_id 
_struct_conf.beg_auth_seq_id 
_struct_conf.end_auth_comp_id 
_struct_conf.end_auth_asym_id 
_struct_conf.end_auth_seq_id 
_struct_conf.pdbx_PDB_helix_class 
_struct_conf.details 
_struct_conf.pdbx_PDB_helix_length 
HELX_P HELX_P1 1 LEU A 3 ? CYS A 42 ? LEU A 29 CYS A 68 1 ? 40 
HELX_P HELX_P2 2 LEU B 3 ? GLU B 41 ? LEU B 29 GLU B 67 1 ? 39 
HELX_P HELX_P3 3 LEU C 3 ? GLU C 41 ? LEU C 29 GLU C 67 1 ? 39 
HELX_P HELX_P4 4 LEU D 3 ? GLU D 41 ? LEU D 29 GLU D 67 1 ? 39 
HELX_P HELX_P5 5 LEU E 3 ? CYS E 42 ? LEU E 29 CYS E 68 1 ? 40 
# 
_struct_conf_type.id          HELX_P 
_struct_conf_type.criteria    ? 
_struct_conf_type.reference   ? 
# 
loop_
_struct_conn.id 
_struct_conn.conn_type_id 
_struct_conn.pdbx_leaving_atom_flag 
_struct_conn.pdbx_PDB_id 
_struct_conn.ptnr1_label_asym_id 
_struct_conn.ptnr1_label_comp_id 
_struct_conn.ptnr1_label_seq_id 
_struct_conn.ptnr1_label_atom_id 
_struct_conn.pdbx_ptnr1_label_alt_id 
_struct_conn.pdbx_ptnr1_PDB_ins_code 
_struct_conn.pdbx_ptnr1_standard_comp_id 
_struct_conn.ptnr1_symmetry 
_struct_conn.ptnr2_label_asym_id 
_struct_conn.ptnr2_label_comp_id 
_struct_conn.ptnr2_label_seq_id 
_struct_conn.ptnr2_label_atom_id 
_struct_conn.pdbx_ptnr2_label_alt_id 
_struct_conn.pdbx_ptnr2_PDB_ins_code 
_struct_conn.ptnr1_auth_asym_id 
_struct_conn.ptnr1_auth_comp_id 
_struct_conn.ptnr1_auth_seq_id 
_struct_conn.ptnr2_auth_asym_id 
_struct_conn.ptnr2_auth_comp_id 
_struct_conn.ptnr2_auth_seq_id 
_struct_conn.ptnr2_symmetry 
_struct_conn.pdbx_ptnr3_label_atom_id 
_struct_conn.pdbx_ptnr3_label_seq_id 
_struct_conn.pdbx_ptnr3_label_comp_id 
_struct_conn.pdbx_ptnr3_label_asym_id 
_struct_conn.pdbx_ptnr3_label_alt_id 
_struct_conn.pdbx_ptnr3_PDB_ins_code 
_struct_conn.details 
_struct_conn.pdbx_dist_value 
_struct_conn.pdbx_value_order 
_struct_conn.pdbx_role 
disulf1 disulf ? ? A CYS 42 SG ? ? ? 1_555 E CYS 45 SG ? ? A CYS 68 E CYS 71 1_555 ? ? ? ? ? ? ? 2.030 ? ? 
disulf2 disulf ? ? A CYS 45 SG ? ? ? 1_555 B CYS 42 SG ? ? A CYS 71 B CYS 68 1_555 ? ? ? ? ? ? ? 2.033 ? ? 
disulf3 disulf ? ? B CYS 45 SG ? ? ? 1_555 C CYS 42 SG ? ? B CYS 71 C CYS 68 1_555 ? ? ? ? ? ? ? 2.035 ? ? 
disulf4 disulf ? ? C CYS 45 SG ? ? ? 1_555 D CYS 42 SG ? ? C CYS 71 D CYS 68 1_555 ? ? ? ? ? ? ? 2.869 ? ? 
disulf5 disulf ? ? D CYS 45 SG ? ? ? 1_555 E CYS 42 SG ? ? D CYS 71 E CYS 68 1_555 ? ? ? ? ? ? ? 2.032 ? ? 
# 
_struct_conn_type.id          disulf 
_struct_conn_type.criteria    ? 
_struct_conn_type.reference   ? 
# 
loop_
_pdbx_modification_feature.ordinal 
_pdbx_modification_feature.label_comp_id 
_pdbx_modification_feature.label_asym_id 
_pdbx_modification_feature.label_seq_id 
_pdbx_modification_feature.label_alt_id 
_pdbx_modification_feature.modified_residue_label_comp_id 
_pdbx_modification_feature.modified_residue_label_asym_id 
_pdbx_modification_feature.modified_residue_label_seq_id 
_pdbx_modification_feature.modified_residue_label_alt_id 
_pdbx_modification_feature.auth_comp_id 
_pdbx_modification_feature.auth_asym_id 
_pdbx_modification_feature.auth_seq_id 
_pdbx_modification_feature.PDB_ins_code 
_pdbx_modification_feature.symmetry 
_pdbx_modification_feature.modified_residue_auth_comp_id 
_pdbx_modification_feature.modified_residue_auth_asym_id 
_pdbx_modification_feature.modified_residue_auth_seq_id 
_pdbx_modification_feature.modified_residue_PDB_ins_code 
_pdbx_modification_feature.modified_residue_symmetry 
_pdbx_modification_feature.comp_id_linking_atom 
_pdbx_modification_feature.modified_residue_id_linking_atom 
_pdbx_modification_feature.modified_residue_id 
_pdbx_modification_feature.ref_pcm_id 
_pdbx_modification_feature.ref_comp_id 
_pdbx_modification_feature.type 
_pdbx_modification_feature.category 
1 CYS A 42 ? CYS E 45 ? CYS A 68 ? 1_555 CYS E 71 ? 1_555 SG SG . . . None 'Disulfide bridge' 
2 CYS A 45 ? CYS B 42 ? CYS A 71 ? 1_555 CYS B 68 ? 1_555 SG SG . . . None 'Disulfide bridge' 
3 CYS B 45 ? CYS C 42 ? CYS B 71 ? 1_555 CYS C 68 ? 1_555 SG SG . . . None 'Disulfide bridge' 
4 CYS C 45 ? CYS D 42 ? CYS C 71 ? 1_555 CYS D 68 ? 1_555 SG SG . . . None 'Disulfide bridge' 
5 CYS D 45 ? CYS E 42 ? CYS D 71 ? 1_555 CYS E 68 ? 1_555 SG SG . . . None 'Disulfide bridge' 
# 
_struct_site.id                   AC1 
_struct_site.pdbx_evidence_code   Software 
_struct_site.pdbx_auth_asym_id    D 
_struct_site.pdbx_auth_comp_id    OLA 
_struct_site.pdbx_auth_seq_id     1 
_struct_site.pdbx_auth_ins_code   ? 
_struct_site.pdbx_num_residues    14 
_struct_site.details              'BINDING SITE FOR RESIDUE OLA D 1' 
# 
loop_
_struct_site_gen.id 
_struct_site_gen.site_id 
_struct_site_gen.pdbx_num_res 
_struct_site_gen.label_comp_id 
_struct_site_gen.label_asym_id 
_struct_site_gen.label_seq_id 
_struct_site_gen.pdbx_auth_ins_code 
_struct_site_gen.auth_comp_id 
_struct_site_gen.auth_asym_id 
_struct_site_gen.auth_seq_id 
_struct_site_gen.label_atom_id 
_struct_site_gen.label_alt_id 
_struct_site_gen.symmetry 
_struct_site_gen.details 
1  AC1 14 THR A 14 ? THR A 40 . ? 1_555 ? 
2  AC1 14 GLN A 28 ? GLN A 54 . ? 1_555 ? 
3  AC1 14 LEU B 18 ? LEU B 44 . ? 1_555 ? 
4  AC1 14 LEU B 25 ? LEU B 51 . ? 1_555 ? 
5  AC1 14 GLN B 28 ? GLN B 54 . ? 1_555 ? 
6  AC1 14 GLN C 28 ? GLN C 54 . ? 1_555 ? 
7  AC1 14 LEU D 11 ? LEU D 37 . ? 1_555 ? 
8  AC1 14 THR D 14 ? THR D 40 . ? 1_555 ? 
9  AC1 14 LEU D 18 ? LEU D 44 . ? 1_555 ? 
10 AC1 14 LEU D 25 ? LEU D 51 . ? 1_555 ? 
11 AC1 14 GLN D 28 ? GLN D 54 . ? 1_555 ? 
12 AC1 14 LEU E 11 ? LEU E 37 . ? 1_555 ? 
13 AC1 14 THR E 14 ? THR E 40 . ? 1_555 ? 
14 AC1 14 GLN E 28 ? GLN E 54 . ? 1_555 ? 
# 
_pdbx_entry_details.entry_id                   3V2R 
_pdbx_entry_details.compound_details           ? 
_pdbx_entry_details.source_details             ? 
_pdbx_entry_details.nonpolymer_details         ? 
_pdbx_entry_details.sequence_details           ? 
_pdbx_entry_details.has_ligand_of_interest     ? 
_pdbx_entry_details.has_protein_modification   Y 
# 
loop_
_pdbx_validate_torsion.id 
_pdbx_validate_torsion.PDB_model_num 
_pdbx_validate_torsion.auth_comp_id 
_pdbx_validate_torsion.auth_asym_id 
_pdbx_validate_torsion.auth_seq_id 
_pdbx_validate_torsion.PDB_ins_code 
_pdbx_validate_torsion.label_alt_id 
_pdbx_validate_torsion.phi 
_pdbx_validate_torsion.psi 
1 1 ALA A 70 ? ? -36.70 -30.16  
2 1 ASP B 28 ? ? -24.53 115.91  
3 1 ALA B 70 ? ? -65.31 64.85   
4 1 ASP C 69 ? ? -58.02 -80.04  
5 1 ALA C 70 ? ? -11.97 -53.16  
6 1 ASP D 28 ? ? 79.32  -119.27 
7 1 GLU D 67 ? ? -76.48 38.13   
8 1 ASP E 28 ? ? 54.30  -125.83 
# 
loop_
_chem_comp_atom.comp_id 
_chem_comp_atom.atom_id 
_chem_comp_atom.type_symbol 
_chem_comp_atom.pdbx_aromatic_flag 
_chem_comp_atom.pdbx_stereo_config 
_chem_comp_atom.pdbx_ordinal 
ALA N    N N N 1   
ALA CA   C N S 2   
ALA C    C N N 3   
ALA O    O N N 4   
ALA CB   C N N 5   
ALA OXT  O N N 6   
ALA H    H N N 7   
ALA H2   H N N 8   
ALA HA   H N N 9   
ALA HB1  H N N 10  
ALA HB2  H N N 11  
ALA HB3  H N N 12  
ALA HXT  H N N 13  
ARG N    N N N 14  
ARG CA   C N S 15  
ARG C    C N N 16  
ARG O    O N N 17  
ARG CB   C N N 18  
ARG CG   C N N 19  
ARG CD   C N N 20  
ARG NE   N N N 21  
ARG CZ   C N N 22  
ARG NH1  N N N 23  
ARG NH2  N N N 24  
ARG OXT  O N N 25  
ARG H    H N N 26  
ARG H2   H N N 27  
ARG HA   H N N 28  
ARG HB2  H N N 29  
ARG HB3  H N N 30  
ARG HG2  H N N 31  
ARG HG3  H N N 32  
ARG HD2  H N N 33  
ARG HD3  H N N 34  
ARG HE   H N N 35  
ARG HH11 H N N 36  
ARG HH12 H N N 37  
ARG HH21 H N N 38  
ARG HH22 H N N 39  
ARG HXT  H N N 40  
ASN N    N N N 41  
ASN CA   C N S 42  
ASN C    C N N 43  
ASN O    O N N 44  
ASN CB   C N N 45  
ASN CG   C N N 46  
ASN OD1  O N N 47  
ASN ND2  N N N 48  
ASN OXT  O N N 49  
ASN H    H N N 50  
ASN H2   H N N 51  
ASN HA   H N N 52  
ASN HB2  H N N 53  
ASN HB3  H N N 54  
ASN HD21 H N N 55  
ASN HD22 H N N 56  
ASN HXT  H N N 57  
ASP N    N N N 58  
ASP CA   C N S 59  
ASP C    C N N 60  
ASP O    O N N 61  
ASP CB   C N N 62  
ASP CG   C N N 63  
ASP OD1  O N N 64  
ASP OD2  O N N 65  
ASP OXT  O N N 66  
ASP H    H N N 67  
ASP H2   H N N 68  
ASP HA   H N N 69  
ASP HB2  H N N 70  
ASP HB3  H N N 71  
ASP HD2  H N N 72  
ASP HXT  H N N 73  
CYS N    N N N 74  
CYS CA   C N R 75  
CYS C    C N N 76  
CYS O    O N N 77  
CYS CB   C N N 78  
CYS SG   S N N 79  
CYS OXT  O N N 80  
CYS H    H N N 81  
CYS H2   H N N 82  
CYS HA   H N N 83  
CYS HB2  H N N 84  
CYS HB3  H N N 85  
CYS HG   H N N 86  
CYS HXT  H N N 87  
GLN N    N N N 88  
GLN CA   C N S 89  
GLN C    C N N 90  
GLN O    O N N 91  
GLN CB   C N N 92  
GLN CG   C N N 93  
GLN CD   C N N 94  
GLN OE1  O N N 95  
GLN NE2  N N N 96  
GLN OXT  O N N 97  
GLN H    H N N 98  
GLN H2   H N N 99  
GLN HA   H N N 100 
GLN HB2  H N N 101 
GLN HB3  H N N 102 
GLN HG2  H N N 103 
GLN HG3  H N N 104 
GLN HE21 H N N 105 
GLN HE22 H N N 106 
GLN HXT  H N N 107 
GLU N    N N N 108 
GLU CA   C N S 109 
GLU C    C N N 110 
GLU O    O N N 111 
GLU CB   C N N 112 
GLU CG   C N N 113 
GLU CD   C N N 114 
GLU OE1  O N N 115 
GLU OE2  O N N 116 
GLU OXT  O N N 117 
GLU H    H N N 118 
GLU H2   H N N 119 
GLU HA   H N N 120 
GLU HB2  H N N 121 
GLU HB3  H N N 122 
GLU HG2  H N N 123 
GLU HG3  H N N 124 
GLU HE2  H N N 125 
GLU HXT  H N N 126 
HOH O    O N N 127 
HOH H1   H N N 128 
HOH H2   H N N 129 
ILE N    N N N 130 
ILE CA   C N S 131 
ILE C    C N N 132 
ILE O    O N N 133 
ILE CB   C N S 134 
ILE CG1  C N N 135 
ILE CG2  C N N 136 
ILE CD1  C N N 137 
ILE OXT  O N N 138 
ILE H    H N N 139 
ILE H2   H N N 140 
ILE HA   H N N 141 
ILE HB   H N N 142 
ILE HG12 H N N 143 
ILE HG13 H N N 144 
ILE HG21 H N N 145 
ILE HG22 H N N 146 
ILE HG23 H N N 147 
ILE HD11 H N N 148 
ILE HD12 H N N 149 
ILE HD13 H N N 150 
ILE HXT  H N N 151 
LEU N    N N N 152 
LEU CA   C N S 153 
LEU C    C N N 154 
LEU O    O N N 155 
LEU CB   C N N 156 
LEU CG   C N N 157 
LEU CD1  C N N 158 
LEU CD2  C N N 159 
LEU OXT  O N N 160 
LEU H    H N N 161 
LEU H2   H N N 162 
LEU HA   H N N 163 
LEU HB2  H N N 164 
LEU HB3  H N N 165 
LEU HG   H N N 166 
LEU HD11 H N N 167 
LEU HD12 H N N 168 
LEU HD13 H N N 169 
LEU HD21 H N N 170 
LEU HD22 H N N 171 
LEU HD23 H N N 172 
LEU HXT  H N N 173 
LYS N    N N N 174 
LYS CA   C N S 175 
LYS C    C N N 176 
LYS O    O N N 177 
LYS CB   C N N 178 
LYS CG   C N N 179 
LYS CD   C N N 180 
LYS CE   C N N 181 
LYS NZ   N N N 182 
LYS OXT  O N N 183 
LYS H    H N N 184 
LYS H2   H N N 185 
LYS HA   H N N 186 
LYS HB2  H N N 187 
LYS HB3  H N N 188 
LYS HG2  H N N 189 
LYS HG3  H N N 190 
LYS HD2  H N N 191 
LYS HD3  H N N 192 
LYS HE2  H N N 193 
LYS HE3  H N N 194 
LYS HZ1  H N N 195 
LYS HZ2  H N N 196 
LYS HZ3  H N N 197 
LYS HXT  H N N 198 
MET N    N N N 199 
MET CA   C N S 200 
MET C    C N N 201 
MET O    O N N 202 
MET CB   C N N 203 
MET CG   C N N 204 
MET SD   S N N 205 
MET CE   C N N 206 
MET OXT  O N N 207 
MET H    H N N 208 
MET H2   H N N 209 
MET HA   H N N 210 
MET HB2  H N N 211 
MET HB3  H N N 212 
MET HG2  H N N 213 
MET HG3  H N N 214 
MET HE1  H N N 215 
MET HE2  H N N 216 
MET HE3  H N N 217 
MET HXT  H N N 218 
OLA C1   C N N 219 
OLA O1   O N N 220 
OLA O2   O N N 221 
OLA C2   C N N 222 
OLA C3   C N N 223 
OLA C4   C N N 224 
OLA C5   C N N 225 
OLA C6   C N N 226 
OLA C7   C N N 227 
OLA C8   C N N 228 
OLA C9   C N N 229 
OLA C10  C N N 230 
OLA C11  C N N 231 
OLA C12  C N N 232 
OLA C13  C N N 233 
OLA C14  C N N 234 
OLA C15  C N N 235 
OLA C16  C N N 236 
OLA C17  C N N 237 
OLA C18  C N N 238 
OLA HO2  H N N 239 
OLA H21  H N N 240 
OLA H22  H N N 241 
OLA H31  H N N 242 
OLA H32  H N N 243 
OLA H41  H N N 244 
OLA H42  H N N 245 
OLA H51  H N N 246 
OLA H52  H N N 247 
OLA H61  H N N 248 
OLA H62  H N N 249 
OLA H71  H N N 250 
OLA H72  H N N 251 
OLA H81  H N N 252 
OLA H82  H N N 253 
OLA H9   H N N 254 
OLA H10  H N N 255 
OLA H111 H N N 256 
OLA H112 H N N 257 
OLA H121 H N N 258 
OLA H122 H N N 259 
OLA H131 H N N 260 
OLA H132 H N N 261 
OLA H141 H N N 262 
OLA H142 H N N 263 
OLA H151 H N N 264 
OLA H152 H N N 265 
OLA H161 H N N 266 
OLA H162 H N N 267 
OLA H171 H N N 268 
OLA H172 H N N 269 
OLA H181 H N N 270 
OLA H182 H N N 271 
OLA H183 H N N 272 
PHE N    N N N 273 
PHE CA   C N S 274 
PHE C    C N N 275 
PHE O    O N N 276 
PHE CB   C N N 277 
PHE CG   C Y N 278 
PHE CD1  C Y N 279 
PHE CD2  C Y N 280 
PHE CE1  C Y N 281 
PHE CE2  C Y N 282 
PHE CZ   C Y N 283 
PHE OXT  O N N 284 
PHE H    H N N 285 
PHE H2   H N N 286 
PHE HA   H N N 287 
PHE HB2  H N N 288 
PHE HB3  H N N 289 
PHE HD1  H N N 290 
PHE HD2  H N N 291 
PHE HE1  H N N 292 
PHE HE2  H N N 293 
PHE HZ   H N N 294 
PHE HXT  H N N 295 
PRO N    N N N 296 
PRO CA   C N S 297 
PRO C    C N N 298 
PRO O    O N N 299 
PRO CB   C N N 300 
PRO CG   C N N 301 
PRO CD   C N N 302 
PRO OXT  O N N 303 
PRO H    H N N 304 
PRO HA   H N N 305 
PRO HB2  H N N 306 
PRO HB3  H N N 307 
PRO HG2  H N N 308 
PRO HG3  H N N 309 
PRO HD2  H N N 310 
PRO HD3  H N N 311 
PRO HXT  H N N 312 
THR N    N N N 313 
THR CA   C N S 314 
THR C    C N N 315 
THR O    O N N 316 
THR CB   C N R 317 
THR OG1  O N N 318 
THR CG2  C N N 319 
THR OXT  O N N 320 
THR H    H N N 321 
THR H2   H N N 322 
THR HA   H N N 323 
THR HB   H N N 324 
THR HG1  H N N 325 
THR HG21 H N N 326 
THR HG22 H N N 327 
THR HG23 H N N 328 
THR HXT  H N N 329 
VAL N    N N N 330 
VAL CA   C N S 331 
VAL C    C N N 332 
VAL O    O N N 333 
VAL CB   C N N 334 
VAL CG1  C N N 335 
VAL CG2  C N N 336 
VAL OXT  O N N 337 
VAL H    H N N 338 
VAL H2   H N N 339 
VAL HA   H N N 340 
VAL HB   H N N 341 
VAL HG11 H N N 342 
VAL HG12 H N N 343 
VAL HG13 H N N 344 
VAL HG21 H N N 345 
VAL HG22 H N N 346 
VAL HG23 H N N 347 
VAL HXT  H N N 348 
# 
loop_
_chem_comp_bond.comp_id 
_chem_comp_bond.atom_id_1 
_chem_comp_bond.atom_id_2 
_chem_comp_bond.value_order 
_chem_comp_bond.pdbx_aromatic_flag 
_chem_comp_bond.pdbx_stereo_config 
_chem_comp_bond.pdbx_ordinal 
ALA N   CA   sing N N 1   
ALA N   H    sing N N 2   
ALA N   H2   sing N N 3   
ALA CA  C    sing N N 4   
ALA CA  CB   sing N N 5   
ALA CA  HA   sing N N 6   
ALA C   O    doub N N 7   
ALA C   OXT  sing N N 8   
ALA CB  HB1  sing N N 9   
ALA CB  HB2  sing N N 10  
ALA CB  HB3  sing N N 11  
ALA OXT HXT  sing N N 12  
ARG N   CA   sing N N 13  
ARG N   H    sing N N 14  
ARG N   H2   sing N N 15  
ARG CA  C    sing N N 16  
ARG CA  CB   sing N N 17  
ARG CA  HA   sing N N 18  
ARG C   O    doub N N 19  
ARG C   OXT  sing N N 20  
ARG CB  CG   sing N N 21  
ARG CB  HB2  sing N N 22  
ARG CB  HB3  sing N N 23  
ARG CG  CD   sing N N 24  
ARG CG  HG2  sing N N 25  
ARG CG  HG3  sing N N 26  
ARG CD  NE   sing N N 27  
ARG CD  HD2  sing N N 28  
ARG CD  HD3  sing N N 29  
ARG NE  CZ   sing N N 30  
ARG NE  HE   sing N N 31  
ARG CZ  NH1  sing N N 32  
ARG CZ  NH2  doub N N 33  
ARG NH1 HH11 sing N N 34  
ARG NH1 HH12 sing N N 35  
ARG NH2 HH21 sing N N 36  
ARG NH2 HH22 sing N N 37  
ARG OXT HXT  sing N N 38  
ASN N   CA   sing N N 39  
ASN N   H    sing N N 40  
ASN N   H2   sing N N 41  
ASN CA  C    sing N N 42  
ASN CA  CB   sing N N 43  
ASN CA  HA   sing N N 44  
ASN C   O    doub N N 45  
ASN C   OXT  sing N N 46  
ASN CB  CG   sing N N 47  
ASN CB  HB2  sing N N 48  
ASN CB  HB3  sing N N 49  
ASN CG  OD1  doub N N 50  
ASN CG  ND2  sing N N 51  
ASN ND2 HD21 sing N N 52  
ASN ND2 HD22 sing N N 53  
ASN OXT HXT  sing N N 54  
ASP N   CA   sing N N 55  
ASP N   H    sing N N 56  
ASP N   H2   sing N N 57  
ASP CA  C    sing N N 58  
ASP CA  CB   sing N N 59  
ASP CA  HA   sing N N 60  
ASP C   O    doub N N 61  
ASP C   OXT  sing N N 62  
ASP CB  CG   sing N N 63  
ASP CB  HB2  sing N N 64  
ASP CB  HB3  sing N N 65  
ASP CG  OD1  doub N N 66  
ASP CG  OD2  sing N N 67  
ASP OD2 HD2  sing N N 68  
ASP OXT HXT  sing N N 69  
CYS N   CA   sing N N 70  
CYS N   H    sing N N 71  
CYS N   H2   sing N N 72  
CYS CA  C    sing N N 73  
CYS CA  CB   sing N N 74  
CYS CA  HA   sing N N 75  
CYS C   O    doub N N 76  
CYS C   OXT  sing N N 77  
CYS CB  SG   sing N N 78  
CYS CB  HB2  sing N N 79  
CYS CB  HB3  sing N N 80  
CYS SG  HG   sing N N 81  
CYS OXT HXT  sing N N 82  
GLN N   CA   sing N N 83  
GLN N   H    sing N N 84  
GLN N   H2   sing N N 85  
GLN CA  C    sing N N 86  
GLN CA  CB   sing N N 87  
GLN CA  HA   sing N N 88  
GLN C   O    doub N N 89  
GLN C   OXT  sing N N 90  
GLN CB  CG   sing N N 91  
GLN CB  HB2  sing N N 92  
GLN CB  HB3  sing N N 93  
GLN CG  CD   sing N N 94  
GLN CG  HG2  sing N N 95  
GLN CG  HG3  sing N N 96  
GLN CD  OE1  doub N N 97  
GLN CD  NE2  sing N N 98  
GLN NE2 HE21 sing N N 99  
GLN NE2 HE22 sing N N 100 
GLN OXT HXT  sing N N 101 
GLU N   CA   sing N N 102 
GLU N   H    sing N N 103 
GLU N   H2   sing N N 104 
GLU CA  C    sing N N 105 
GLU CA  CB   sing N N 106 
GLU CA  HA   sing N N 107 
GLU C   O    doub N N 108 
GLU C   OXT  sing N N 109 
GLU CB  CG   sing N N 110 
GLU CB  HB2  sing N N 111 
GLU CB  HB3  sing N N 112 
GLU CG  CD   sing N N 113 
GLU CG  HG2  sing N N 114 
GLU CG  HG3  sing N N 115 
GLU CD  OE1  doub N N 116 
GLU CD  OE2  sing N N 117 
GLU OE2 HE2  sing N N 118 
GLU OXT HXT  sing N N 119 
HOH O   H1   sing N N 120 
HOH O   H2   sing N N 121 
ILE N   CA   sing N N 122 
ILE N   H    sing N N 123 
ILE N   H2   sing N N 124 
ILE CA  C    sing N N 125 
ILE CA  CB   sing N N 126 
ILE CA  HA   sing N N 127 
ILE C   O    doub N N 128 
ILE C   OXT  sing N N 129 
ILE CB  CG1  sing N N 130 
ILE CB  CG2  sing N N 131 
ILE CB  HB   sing N N 132 
ILE CG1 CD1  sing N N 133 
ILE CG1 HG12 sing N N 134 
ILE CG1 HG13 sing N N 135 
ILE CG2 HG21 sing N N 136 
ILE CG2 HG22 sing N N 137 
ILE CG2 HG23 sing N N 138 
ILE CD1 HD11 sing N N 139 
ILE CD1 HD12 sing N N 140 
ILE CD1 HD13 sing N N 141 
ILE OXT HXT  sing N N 142 
LEU N   CA   sing N N 143 
LEU N   H    sing N N 144 
LEU N   H2   sing N N 145 
LEU CA  C    sing N N 146 
LEU CA  CB   sing N N 147 
LEU CA  HA   sing N N 148 
LEU C   O    doub N N 149 
LEU C   OXT  sing N N 150 
LEU CB  CG   sing N N 151 
LEU CB  HB2  sing N N 152 
LEU CB  HB3  sing N N 153 
LEU CG  CD1  sing N N 154 
LEU CG  CD2  sing N N 155 
LEU CG  HG   sing N N 156 
LEU CD1 HD11 sing N N 157 
LEU CD1 HD12 sing N N 158 
LEU CD1 HD13 sing N N 159 
LEU CD2 HD21 sing N N 160 
LEU CD2 HD22 sing N N 161 
LEU CD2 HD23 sing N N 162 
LEU OXT HXT  sing N N 163 
LYS N   CA   sing N N 164 
LYS N   H    sing N N 165 
LYS N   H2   sing N N 166 
LYS CA  C    sing N N 167 
LYS CA  CB   sing N N 168 
LYS CA  HA   sing N N 169 
LYS C   O    doub N N 170 
LYS C   OXT  sing N N 171 
LYS CB  CG   sing N N 172 
LYS CB  HB2  sing N N 173 
LYS CB  HB3  sing N N 174 
LYS CG  CD   sing N N 175 
LYS CG  HG2  sing N N 176 
LYS CG  HG3  sing N N 177 
LYS CD  CE   sing N N 178 
LYS CD  HD2  sing N N 179 
LYS CD  HD3  sing N N 180 
LYS CE  NZ   sing N N 181 
LYS CE  HE2  sing N N 182 
LYS CE  HE3  sing N N 183 
LYS NZ  HZ1  sing N N 184 
LYS NZ  HZ2  sing N N 185 
LYS NZ  HZ3  sing N N 186 
LYS OXT HXT  sing N N 187 
MET N   CA   sing N N 188 
MET N   H    sing N N 189 
MET N   H2   sing N N 190 
MET CA  C    sing N N 191 
MET CA  CB   sing N N 192 
MET CA  HA   sing N N 193 
MET C   O    doub N N 194 
MET C   OXT  sing N N 195 
MET CB  CG   sing N N 196 
MET CB  HB2  sing N N 197 
MET CB  HB3  sing N N 198 
MET CG  SD   sing N N 199 
MET CG  HG2  sing N N 200 
MET CG  HG3  sing N N 201 
MET SD  CE   sing N N 202 
MET CE  HE1  sing N N 203 
MET CE  HE2  sing N N 204 
MET CE  HE3  sing N N 205 
MET OXT HXT  sing N N 206 
OLA C1  O1   doub N N 207 
OLA C1  O2   sing N N 208 
OLA C1  C2   sing N N 209 
OLA O2  HO2  sing N N 210 
OLA C2  C3   sing N N 211 
OLA C2  H21  sing N N 212 
OLA C2  H22  sing N N 213 
OLA C3  C4   sing N N 214 
OLA C3  H31  sing N N 215 
OLA C3  H32  sing N N 216 
OLA C4  C5   sing N N 217 
OLA C4  H41  sing N N 218 
OLA C4  H42  sing N N 219 
OLA C5  C6   sing N N 220 
OLA C5  H51  sing N N 221 
OLA C5  H52  sing N N 222 
OLA C6  C7   sing N N 223 
OLA C6  H61  sing N N 224 
OLA C6  H62  sing N N 225 
OLA C7  C8   sing N N 226 
OLA C7  H71  sing N N 227 
OLA C7  H72  sing N N 228 
OLA C8  C9   sing N N 229 
OLA C8  H81  sing N N 230 
OLA C8  H82  sing N N 231 
OLA C9  C10  doub N Z 232 
OLA C9  H9   sing N N 233 
OLA C10 C11  sing N N 234 
OLA C10 H10  sing N N 235 
OLA C11 C12  sing N N 236 
OLA C11 H111 sing N N 237 
OLA C11 H112 sing N N 238 
OLA C12 C13  sing N N 239 
OLA C12 H121 sing N N 240 
OLA C12 H122 sing N N 241 
OLA C13 C14  sing N N 242 
OLA C13 H131 sing N N 243 
OLA C13 H132 sing N N 244 
OLA C14 C15  sing N N 245 
OLA C14 H141 sing N N 246 
OLA C14 H142 sing N N 247 
OLA C15 C16  sing N N 248 
OLA C15 H151 sing N N 249 
OLA C15 H152 sing N N 250 
OLA C16 C17  sing N N 251 
OLA C16 H161 sing N N 252 
OLA C16 H162 sing N N 253 
OLA C17 C18  sing N N 254 
OLA C17 H171 sing N N 255 
OLA C17 H172 sing N N 256 
OLA C18 H181 sing N N 257 
OLA C18 H182 sing N N 258 
OLA C18 H183 sing N N 259 
PHE N   CA   sing N N 260 
PHE N   H    sing N N 261 
PHE N   H2   sing N N 262 
PHE CA  C    sing N N 263 
PHE CA  CB   sing N N 264 
PHE CA  HA   sing N N 265 
PHE C   O    doub N N 266 
PHE C   OXT  sing N N 267 
PHE CB  CG   sing N N 268 
PHE CB  HB2  sing N N 269 
PHE CB  HB3  sing N N 270 
PHE CG  CD1  doub Y N 271 
PHE CG  CD2  sing Y N 272 
PHE CD1 CE1  sing Y N 273 
PHE CD1 HD1  sing N N 274 
PHE CD2 CE2  doub Y N 275 
PHE CD2 HD2  sing N N 276 
PHE CE1 CZ   doub Y N 277 
PHE CE1 HE1  sing N N 278 
PHE CE2 CZ   sing Y N 279 
PHE CE2 HE2  sing N N 280 
PHE CZ  HZ   sing N N 281 
PHE OXT HXT  sing N N 282 
PRO N   CA   sing N N 283 
PRO N   CD   sing N N 284 
PRO N   H    sing N N 285 
PRO CA  C    sing N N 286 
PRO CA  CB   sing N N 287 
PRO CA  HA   sing N N 288 
PRO C   O    doub N N 289 
PRO C   OXT  sing N N 290 
PRO CB  CG   sing N N 291 
PRO CB  HB2  sing N N 292 
PRO CB  HB3  sing N N 293 
PRO CG  CD   sing N N 294 
PRO CG  HG2  sing N N 295 
PRO CG  HG3  sing N N 296 
PRO CD  HD2  sing N N 297 
PRO CD  HD3  sing N N 298 
PRO OXT HXT  sing N N 299 
THR N   CA   sing N N 300 
THR N   H    sing N N 301 
THR N   H2   sing N N 302 
THR CA  C    sing N N 303 
THR CA  CB   sing N N 304 
THR CA  HA   sing N N 305 
THR C   O    doub N N 306 
THR C   OXT  sing N N 307 
THR CB  OG1  sing N N 308 
THR CB  CG2  sing N N 309 
THR CB  HB   sing N N 310 
THR OG1 HG1  sing N N 311 
THR CG2 HG21 sing N N 312 
THR CG2 HG22 sing N N 313 
THR CG2 HG23 sing N N 314 
THR OXT HXT  sing N N 315 
VAL N   CA   sing N N 316 
VAL N   H    sing N N 317 
VAL N   H2   sing N N 318 
VAL CA  C    sing N N 319 
VAL CA  CB   sing N N 320 
VAL CA  HA   sing N N 321 
VAL C   O    doub N N 322 
VAL C   OXT  sing N N 323 
VAL CB  CG1  sing N N 324 
VAL CB  CG2  sing N N 325 
VAL CB  HB   sing N N 326 
VAL CG1 HG11 sing N N 327 
VAL CG1 HG12 sing N N 328 
VAL CG1 HG13 sing N N 329 
VAL CG2 HG21 sing N N 330 
VAL CG2 HG22 sing N N 331 
VAL CG2 HG23 sing N N 332 
VAL OXT HXT  sing N N 333 
# 
_pdbx_initial_refinement_model.id               1 
_pdbx_initial_refinement_model.entity_id_list   ? 
_pdbx_initial_refinement_model.type             'experimental model' 
_pdbx_initial_refinement_model.source_name      PDB 
_pdbx_initial_refinement_model.accession_code   1MZ9 
_pdbx_initial_refinement_model.details          'pdb entry 1MZ9' 
# 
_atom_sites.entry_id                    3V2R 
_atom_sites.fract_transf_matrix[1][1]   -0.01501138 
_atom_sites.fract_transf_matrix[1][2]   -0.01559313 
_atom_sites.fract_transf_matrix[1][3]   -0.01653548 
_atom_sites.fract_transf_matrix[2][1]   0.01289699 
_atom_sites.fract_transf_matrix[2][2]   -0.01548821 
_atom_sites.fract_transf_matrix[2][3]   0.00289729 
_atom_sites.fract_transf_matrix[3][1]   -0.01257206 
_atom_sites.fract_transf_matrix[3][2]   -0.00830082 
_atom_sites.fract_transf_matrix[3][3]   0.01158903 
_atom_sites.fract_transf_vector[1]      0.122583 
_atom_sites.fract_transf_vector[2]      -0.002686 
_atom_sites.fract_transf_vector[3]      0.163544 
# 
loop_
_atom_type.symbol 
C 
N 
O 
S 
# 
loop_
_atom_site.group_PDB 
_atom_site.id 
_atom_site.type_symbol 
_atom_site.label_atom_id 
_atom_site.label_alt_id 
_atom_site.label_comp_id 
_atom_site.label_asym_id 
_atom_site.label_entity_id 
_atom_site.label_seq_id 
_atom_site.pdbx_PDB_ins_code 
_atom_site.Cartn_x 
_atom_site.Cartn_y 
_atom_site.Cartn_z 
_atom_site.occupancy 
_atom_site.B_iso_or_equiv 
_atom_site.pdbx_formal_charge 
_atom_site.auth_seq_id 
_atom_site.auth_comp_id 
_atom_site.auth_asym_id 
_atom_site.auth_atom_id 
_atom_site.pdbx_PDB_model_num 
ATOM   1    N N   . MET A 1 1  ? 18.285  -9.694  -28.834 1.00 64.51 ? 27 MET A N   1 
ATOM   2    C CA  . MET A 1 1  ? 17.098  -10.514 -29.195 1.00 64.42 ? 27 MET A CA  1 
ATOM   3    C C   . MET A 1 1  ? 15.838  -9.654  -29.085 1.00 62.39 ? 27 MET A C   1 
ATOM   4    O O   . MET A 1 1  ? 15.934  -8.431  -28.979 1.00 62.74 ? 27 MET A O   1 
ATOM   5    C CB  . MET A 1 1  ? 17.006  -11.730 -28.259 1.00 67.61 ? 27 MET A CB  1 
ATOM   6    C CG  . MET A 1 1  ? 16.934  -11.402 -26.758 1.00 70.31 ? 27 MET A CG  1 
ATOM   7    S SD  . MET A 1 1  ? 16.690  -12.872 -25.686 1.00 74.53 ? 27 MET A SD  1 
ATOM   8    C CE  . MET A 1 1  ? 18.156  -12.800 -24.647 1.00 72.42 ? 27 MET A CE  1 
ATOM   9    N N   . ASP A 1 2  ? 14.665  -10.288 -29.130 1.00 58.89 ? 28 ASP A N   1 
ATOM   10   C CA  . ASP A 1 2  ? 13.392  -9.577  -29.001 1.00 54.61 ? 28 ASP A CA  1 
ATOM   11   C C   . ASP A 1 2  ? 13.015  -9.652  -27.522 1.00 50.78 ? 28 ASP A C   1 
ATOM   12   O O   . ASP A 1 2  ? 12.870  -10.745 -26.967 1.00 49.17 ? 28 ASP A O   1 
ATOM   13   C CB  . ASP A 1 2  ? 12.309  -10.249 -29.846 1.00 56.69 ? 28 ASP A CB  1 
ATOM   14   C CG  . ASP A 1 2  ? 11.027  -9.432  -29.910 1.00 58.72 ? 28 ASP A CG  1 
ATOM   15   O OD1 . ASP A 1 2  ? 10.647  -8.828  -28.885 1.00 59.23 ? 28 ASP A OD1 1 
ATOM   16   O OD2 . ASP A 1 2  ? 10.386  -9.407  -30.984 1.00 60.39 ? 28 ASP A OD2 1 
ATOM   17   N N   . LEU A 1 3  ? 12.854  -8.489  -26.893 1.00 45.98 ? 29 LEU A N   1 
ATOM   18   C CA  . LEU A 1 3  ? 12.530  -8.415  -25.469 1.00 40.78 ? 29 LEU A CA  1 
ATOM   19   C C   . LEU A 1 3  ? 11.064  -8.209  -25.145 1.00 38.63 ? 29 LEU A C   1 
ATOM   20   O O   . LEU A 1 3  ? 10.691  -8.144  -23.971 1.00 38.35 ? 29 LEU A O   1 
ATOM   21   C CB  . LEU A 1 3  ? 13.332  -7.297  -24.806 1.00 38.04 ? 29 LEU A CB  1 
ATOM   22   C CG  . LEU A 1 3  ? 14.847  -7.432  -24.691 1.00 35.32 ? 29 LEU A CG  1 
ATOM   23   C CD1 . LEU A 1 3  ? 15.451  -7.846  -26.016 1.00 34.70 ? 29 LEU A CD1 1 
ATOM   24   C CD2 . LEU A 1 3  ? 15.409  -6.092  -24.244 1.00 34.12 ? 29 LEU A CD2 1 
ATOM   25   N N   . ALA A 1 4  ? 10.233  -8.085  -26.173 1.00 35.79 ? 30 ALA A N   1 
ATOM   26   C CA  . ALA A 1 4  ? 8.813   -7.902  -25.948 1.00 32.73 ? 30 ALA A CA  1 
ATOM   27   C C   . ALA A 1 4  ? 8.354   -8.983  -24.972 1.00 31.95 ? 30 ALA A C   1 
ATOM   28   O O   . ALA A 1 4  ? 7.906   -8.679  -23.870 1.00 31.31 ? 30 ALA A O   1 
ATOM   29   C CB  . ALA A 1 4  ? 8.061   -8.006  -27.253 1.00 31.85 ? 30 ALA A CB  1 
ATOM   30   N N   . PRO A 1 5  ? 8.509   -10.267 -25.346 1.00 31.99 ? 31 PRO A N   1 
ATOM   31   C CA  . PRO A 1 5  ? 8.099   -11.381 -24.481 1.00 31.23 ? 31 PRO A CA  1 
ATOM   32   C C   . PRO A 1 5  ? 8.512   -11.200 -23.039 1.00 29.29 ? 31 PRO A C   1 
ATOM   33   O O   . PRO A 1 5  ? 7.759   -11.488 -22.123 1.00 27.29 ? 31 PRO A O   1 
ATOM   34   C CB  . PRO A 1 5  ? 8.785   -12.581 -25.120 1.00 31.16 ? 31 PRO A CB  1 
ATOM   35   C CG  . PRO A 1 5  ? 8.793   -12.215 -26.571 1.00 30.99 ? 31 PRO A CG  1 
ATOM   36   C CD  . PRO A 1 5  ? 9.226   -10.777 -26.531 1.00 31.08 ? 31 PRO A CD  1 
ATOM   37   N N   . GLN A 1 6  ? 9.728   -10.718 -22.855 1.00 30.24 ? 32 GLN A N   1 
ATOM   38   C CA  . GLN A 1 6  ? 10.257  -10.500 -21.528 1.00 30.84 ? 32 GLN A CA  1 
ATOM   39   C C   . GLN A 1 6  ? 9.489   -9.365  -20.857 1.00 30.40 ? 32 GLN A C   1 
ATOM   40   O O   . GLN A 1 6  ? 9.067   -9.480  -19.708 1.00 29.54 ? 32 GLN A O   1 
ATOM   41   C CB  . GLN A 1 6  ? 11.750  -10.185 -21.628 1.00 32.75 ? 32 GLN A CB  1 
ATOM   42   C CG  . GLN A 1 6  ? 12.562  -10.470 -20.363 1.00 37.20 ? 32 GLN A CG  1 
ATOM   43   C CD  . GLN A 1 6  ? 13.909  -11.146 -20.649 1.00 39.38 ? 32 GLN A CD  1 
ATOM   44   O OE1 . GLN A 1 6  ? 14.738  -11.291 -19.752 1.00 41.10 ? 32 GLN A OE1 1 
ATOM   45   N NE2 . GLN A 1 6  ? 14.121  -11.571 -21.895 1.00 38.69 ? 32 GLN A NE2 1 
ATOM   46   N N   . MET A 1 7  ? 9.293   -8.273  -21.583 1.00 31.05 ? 33 MET A N   1 
ATOM   47   C CA  . MET A 1 7  ? 8.568   -7.142  -21.032 1.00 32.02 ? 33 MET A CA  1 
ATOM   48   C C   . MET A 1 7  ? 7.180   -7.546  -20.557 1.00 31.15 ? 33 MET A C   1 
ATOM   49   O O   . MET A 1 7  ? 6.700   -7.061  -19.532 1.00 30.22 ? 33 MET A O   1 
ATOM   50   C CB  . MET A 1 7  ? 8.483   -6.022  -22.071 1.00 34.50 ? 33 MET A CB  1 
ATOM   51   C CG  . MET A 1 7  ? 9.746   -5.173  -22.108 1.00 40.31 ? 33 MET A CG  1 
ATOM   52   S SD  . MET A 1 7  ? 10.005  -4.186  -23.603 1.00 44.54 ? 33 MET A SD  1 
ATOM   53   C CE  . MET A 1 7  ? 9.222   -2.660  -23.077 1.00 46.79 ? 33 MET A CE  1 
ATOM   54   N N   . LEU A 1 8  ? 6.548   -8.455  -21.293 1.00 31.31 ? 34 LEU A N   1 
ATOM   55   C CA  . LEU A 1 8  ? 5.215   -8.945  -20.949 1.00 32.11 ? 34 LEU A CA  1 
ATOM   56   C C   . LEU A 1 8  ? 5.250   -9.846  -19.707 1.00 32.85 ? 34 LEU A C   1 
ATOM   57   O O   . LEU A 1 8  ? 4.344   -9.811  -18.878 1.00 33.10 ? 34 LEU A O   1 
ATOM   58   C CB  . LEU A 1 8  ? 4.629   -9.701  -22.138 1.00 33.49 ? 34 LEU A CB  1 
ATOM   59   C CG  . LEU A 1 8  ? 3.198   -10.240 -22.071 1.00 34.94 ? 34 LEU A CG  1 
ATOM   60   C CD1 . LEU A 1 8  ? 2.224   -9.137  -21.686 1.00 34.37 ? 34 LEU A CD1 1 
ATOM   61   C CD2 . LEU A 1 8  ? 2.836   -10.811 -23.435 1.00 33.92 ? 34 LEU A CD2 1 
ATOM   62   N N   . ARG A 1 9  ? 6.303   -10.645 -19.568 1.00 33.82 ? 35 ARG A N   1 
ATOM   63   C CA  . ARG A 1 9  ? 6.427   -11.519 -18.404 1.00 34.31 ? 35 ARG A CA  1 
ATOM   64   C C   . ARG A 1 9  ? 6.513   -10.710 -17.125 1.00 33.01 ? 35 ARG A C   1 
ATOM   65   O O   . ARG A 1 9  ? 6.005   -11.130 -16.092 1.00 32.13 ? 35 ARG A O   1 
ATOM   66   C CB  . ARG A 1 9  ? 7.666   -12.413 -18.518 1.00 36.06 ? 35 ARG A CB  1 
ATOM   67   C CG  . ARG A 1 9  ? 7.435   -13.696 -19.295 1.00 36.40 ? 35 ARG A CG  1 
ATOM   68   C CD  . ARG A 1 9  ? 6.323   -14.519 -18.652 1.00 38.05 ? 35 ARG A CD  1 
ATOM   69   N NE  . ARG A 1 9  ? 6.660   -15.000 -17.310 1.00 40.83 ? 35 ARG A NE  1 
ATOM   70   C CZ  . ARG A 1 9  ? 5.828   -14.952 -16.268 1.00 42.77 ? 35 ARG A CZ  1 
ATOM   71   N NH1 . ARG A 1 9  ? 4.611   -14.442 -16.405 1.00 43.29 ? 35 ARG A NH1 1 
ATOM   72   N NH2 . ARG A 1 9  ? 6.208   -15.420 -15.087 1.00 41.96 ? 35 ARG A NH2 1 
ATOM   73   N N   . GLU A 1 10 ? 7.160   -9.548  -17.202 1.00 32.95 ? 36 GLU A N   1 
ATOM   74   C CA  . GLU A 1 10 ? 7.313   -8.670  -16.044 1.00 32.63 ? 36 GLU A CA  1 
ATOM   75   C C   . GLU A 1 10 ? 5.988   -8.074  -15.613 1.00 32.21 ? 36 GLU A C   1 
ATOM   76   O O   . GLU A 1 10 ? 5.677   -8.036  -14.433 1.00 31.74 ? 36 GLU A O   1 
ATOM   77   C CB  . GLU A 1 10 ? 8.279   -7.522  -16.349 1.00 33.88 ? 36 GLU A CB  1 
ATOM   78   C CG  . GLU A 1 10 ? 9.738   -7.914  -16.625 1.00 37.47 ? 36 GLU A CG  1 
ATOM   79   C CD  . GLU A 1 10 ? 10.424  -8.629  -15.464 1.00 37.76 ? 36 GLU A CD  1 
ATOM   80   O OE1 . GLU A 1 10 ? 10.074  -8.374  -14.292 1.00 40.13 ? 36 GLU A OE1 1 
ATOM   81   O OE2 . GLU A 1 10 ? 11.338  -9.439  -15.728 1.00 39.36 ? 36 GLU A OE2 1 
ATOM   82   N N   . LEU A 1 11 ? 5.211   -7.601  -16.577 1.00 32.65 ? 37 LEU A N   1 
ATOM   83   C CA  . LEU A 1 11 ? 3.920   -6.999  -16.274 1.00 32.01 ? 37 LEU A CA  1 
ATOM   84   C C   . LEU A 1 11 ? 2.995   -8.015  -15.624 1.00 32.55 ? 37 LEU A C   1 
ATOM   85   O O   . LEU A 1 11 ? 2.322   -7.721  -14.630 1.00 32.73 ? 37 LEU A O   1 
ATOM   86   C CB  . LEU A 1 11 ? 3.276   -6.459  -17.549 1.00 31.63 ? 37 LEU A CB  1 
ATOM   87   C CG  . LEU A 1 11 ? 4.013   -5.341  -18.276 1.00 29.93 ? 37 LEU A CG  1 
ATOM   88   C CD1 . LEU A 1 11 ? 3.229   -4.945  -19.501 1.00 31.44 ? 37 LEU A CD1 1 
ATOM   89   C CD2 . LEU A 1 11 ? 4.180   -4.159  -17.360 1.00 29.16 ? 37 LEU A CD2 1 
ATOM   90   N N   . GLN A 1 12 ? 2.953   -9.211  -16.199 1.00 32.36 ? 38 GLN A N   1 
ATOM   91   C CA  . GLN A 1 12 ? 2.117   -10.262 -15.655 1.00 33.87 ? 38 GLN A CA  1 
ATOM   92   C C   . GLN A 1 12 ? 2.549   -10.522 -14.214 1.00 34.74 ? 38 GLN A C   1 
ATOM   93   O O   . GLN A 1 12 ? 1.704   -10.696 -13.323 1.00 35.65 ? 38 GLN A O   1 
ATOM   94   C CB  . GLN A 1 12 ? 2.262   -11.531 -16.486 1.00 35.35 ? 38 GLN A CB  1 
ATOM   95   C CG  . GLN A 1 12 ? 1.907   -11.367 -17.944 1.00 37.46 ? 38 GLN A CG  1 
ATOM   96   C CD  . GLN A 1 12 ? 2.162   -12.631 -18.745 1.00 39.53 ? 38 GLN A CD  1 
ATOM   97   O OE1 . GLN A 1 12 ? 3.190   -13.289 -18.571 1.00 41.15 ? 38 GLN A OE1 1 
ATOM   98   N NE2 . GLN A 1 12 ? 1.234   -12.971 -19.639 1.00 40.40 ? 38 GLN A NE2 1 
ATOM   99   N N   . GLU A 1 13 ? 3.862   -10.544 -13.987 1.00 34.30 ? 39 GLU A N   1 
ATOM   100  C CA  . GLU A 1 13 ? 4.383   -10.765 -12.647 1.00 34.97 ? 39 GLU A CA  1 
ATOM   101  C C   . GLU A 1 13 ? 3.979   -9.591  -11.790 1.00 34.89 ? 39 GLU A C   1 
ATOM   102  O O   . GLU A 1 13 ? 3.666   -9.758  -10.620 1.00 35.75 ? 39 GLU A O   1 
ATOM   103  C CB  . GLU A 1 13 ? 5.903   -10.884 -12.657 1.00 36.77 ? 39 GLU A CB  1 
ATOM   104  C CG  . GLU A 1 13 ? 6.436   -12.206 -13.160 1.00 39.36 ? 39 GLU A CG  1 
ATOM   105  C CD  . GLU A 1 13 ? 5.887   -13.380 -12.378 1.00 42.54 ? 39 GLU A CD  1 
ATOM   106  O OE1 . GLU A 1 13 ? 5.953   -13.351 -11.131 1.00 40.75 ? 39 GLU A OE1 1 
ATOM   107  O OE2 . GLU A 1 13 ? 5.391   -14.336 -13.015 1.00 46.34 ? 39 GLU A OE2 1 
ATOM   108  N N   . THR A 1 14 ? 3.987   -8.395  -12.372 1.00 34.94 ? 40 THR A N   1 
ATOM   109  C CA  . THR A 1 14 ? 3.588   -7.204  -11.635 1.00 34.20 ? 40 THR A CA  1 
ATOM   110  C C   . THR A 1 14 ? 2.131   -7.339  -11.238 1.00 34.38 ? 40 THR A C   1 
ATOM   111  O O   . THR A 1 14 ? 1.786   -7.259  -10.058 1.00 35.01 ? 40 THR A O   1 
ATOM   112  C CB  . THR A 1 14 ? 3.732   -5.931  -12.469 1.00 34.37 ? 40 THR A CB  1 
ATOM   113  O OG1 . THR A 1 14 ? 5.116   -5.615  -12.628 1.00 34.77 ? 40 THR A OG1 1 
ATOM   114  C CG2 . THR A 1 14 ? 3.046   -4.779  -11.776 1.00 34.04 ? 40 THR A CG2 1 
ATOM   115  N N   . ASN A 1 15 ? 1.272   -7.545  -12.225 1.00 33.68 ? 41 ASN A N   1 
ATOM   116  C CA  . ASN A 1 15 ? -0.132  -7.692  -11.920 1.00 33.91 ? 41 ASN A CA  1 
ATOM   117  C C   . ASN A 1 15 ? -0.335  -8.803  -10.906 1.00 33.09 ? 41 ASN A C   1 
ATOM   118  O O   . ASN A 1 15 ? -1.182  -8.678  -10.031 1.00 34.69 ? 41 ASN A O   1 
ATOM   119  C CB  . ASN A 1 15 ? -0.946  -7.948  -13.192 1.00 34.99 ? 41 ASN A CB  1 
ATOM   120  C CG  . ASN A 1 15 ? -1.178  -6.672  -14.006 1.00 35.98 ? 41 ASN A CG  1 
ATOM   121  O OD1 . ASN A 1 15 ? -1.568  -5.634  -13.460 1.00 34.95 ? 41 ASN A OD1 1 
ATOM   122  N ND2 . ASN A 1 15 ? -0.950  -6.752  -15.316 1.00 35.59 ? 41 ASN A ND2 1 
ATOM   123  N N   . ALA A 1 16 ? 0.441   -9.881  -10.993 1.00 32.24 ? 42 ALA A N   1 
ATOM   124  C CA  . ALA A 1 16 ? 0.294   -10.967 -10.014 1.00 31.80 ? 42 ALA A CA  1 
ATOM   125  C C   . ALA A 1 16 ? 0.527   -10.419 -8.612  1.00 32.53 ? 42 ALA A C   1 
ATOM   126  O O   . ALA A 1 16 ? -0.350  -10.477 -7.741  1.00 30.94 ? 42 ALA A O   1 
ATOM   127  C CB  . ALA A 1 16 ? 1.293   -12.074 -10.285 1.00 30.30 ? 42 ALA A CB  1 
ATOM   128  N N   . ALA A 1 17 ? 1.729   -9.884  -8.409  1.00 32.60 ? 43 ALA A N   1 
ATOM   129  C CA  . ALA A 1 17 ? 2.113   -9.326  -7.133  1.00 32.26 ? 43 ALA A CA  1 
ATOM   130  C C   . ALA A 1 17 ? 1.100   -8.285  -6.713  1.00 33.52 ? 43 ALA A C   1 
ATOM   131  O O   . ALA A 1 17 ? 0.731   -8.201  -5.540  1.00 34.78 ? 43 ALA A O   1 
ATOM   132  C CB  . ALA A 1 17 ? 3.472   -8.709  -7.235  1.00 31.14 ? 43 ALA A CB  1 
ATOM   133  N N   . LEU A 1 18 ? 0.638   -7.492  -7.668  1.00 32.82 ? 44 LEU A N   1 
ATOM   134  C CA  . LEU A 1 18 ? -0.330  -6.463  -7.342  1.00 32.28 ? 44 LEU A CA  1 
ATOM   135  C C   . LEU A 1 18 ? -1.622  -7.075  -6.819  1.00 32.47 ? 44 LEU A C   1 
ATOM   136  O O   . LEU A 1 18 ? -2.319  -6.480  -5.998  1.00 32.54 ? 44 LEU A O   1 
ATOM   137  C CB  . LEU A 1 18 ? -0.602  -5.587  -8.559  1.00 32.42 ? 44 LEU A CB  1 
ATOM   138  C CG  . LEU A 1 18 ? -1.394  -4.304  -8.296  1.00 32.94 ? 44 LEU A CG  1 
ATOM   139  C CD1 . LEU A 1 18 ? -0.992  -3.653  -6.976  1.00 31.93 ? 44 LEU A CD1 1 
ATOM   140  C CD2 . LEU A 1 18 ? -1.149  -3.361  -9.443  1.00 33.06 ? 44 LEU A CD2 1 
ATOM   141  N N   . GLN A 1 19 ? -1.933  -8.286  -7.264  1.00 33.62 ? 45 GLN A N   1 
ATOM   142  C CA  . GLN A 1 19 ? -3.143  -8.932  -6.791  1.00 34.19 ? 45 GLN A CA  1 
ATOM   143  C C   . GLN A 1 19 ? -3.039  -9.327  -5.320  1.00 33.59 ? 45 GLN A C   1 
ATOM   144  O O   . GLN A 1 19 ? -4.022  -9.261  -4.582  1.00 33.06 ? 45 GLN A O   1 
ATOM   145  C CB  . GLN A 1 19 ? -3.461  -10.160 -7.618  1.00 36.60 ? 45 GLN A CB  1 
ATOM   146  C CG  . GLN A 1 19 ? -4.885  -10.643 -7.390  1.00 41.63 ? 45 GLN A CG  1 
ATOM   147  C CD  . GLN A 1 19 ? -5.045  -12.119 -7.680  1.00 45.76 ? 45 GLN A CD  1 
ATOM   148  O OE1 . GLN A 1 19 ? -4.751  -12.581 -8.788  1.00 47.42 ? 45 GLN A OE1 1 
ATOM   149  N NE2 . GLN A 1 19 ? -5.506  -12.877 -6.679  1.00 46.17 ? 45 GLN A NE2 1 
ATOM   150  N N   . ASP A 1 20 ? -1.858  -9.742  -4.882  1.00 33.56 ? 46 ASP A N   1 
ATOM   151  C CA  . ASP A 1 20 ? -1.720  -10.116 -3.488  1.00 34.07 ? 46 ASP A CA  1 
ATOM   152  C C   . ASP A 1 20 ? -1.864  -8.861  -2.662  1.00 34.34 ? 46 ASP A C   1 
ATOM   153  O O   . ASP A 1 20 ? -2.485  -8.881  -1.595  1.00 34.74 ? 46 ASP A O   1 
ATOM   154  C CB  . ASP A 1 20 ? -0.366  -10.774 -3.199  1.00 34.62 ? 46 ASP A CB  1 
ATOM   155  C CG  . ASP A 1 20 ? -0.183  -12.099 -3.940  1.00 36.78 ? 46 ASP A CG  1 
ATOM   156  O OD1 . ASP A 1 20 ? -1.081  -12.966 -3.872  1.00 33.60 ? 46 ASP A OD1 1 
ATOM   157  O OD2 . ASP A 1 20 ? 0.870   -12.274 -4.592  1.00 37.54 ? 46 ASP A OD2 1 
ATOM   158  N N   . VAL A 1 21 ? -1.307  -7.756  -3.153  1.00 33.84 ? 47 VAL A N   1 
ATOM   159  C CA  . VAL A 1 21 ? -1.403  -6.515  -2.396  1.00 33.18 ? 47 VAL A CA  1 
ATOM   160  C C   . VAL A 1 21 ? -2.858  -6.123  -2.158  1.00 33.56 ? 47 VAL A C   1 
ATOM   161  O O   . VAL A 1 21 ? -3.216  -5.776  -1.035  1.00 32.59 ? 47 VAL A O   1 
ATOM   162  C CB  . VAL A 1 21 ? -0.610  -5.367  -3.070  1.00 32.63 ? 47 VAL A CB  1 
ATOM   163  C CG1 . VAL A 1 21 ? -1.025  -4.015  -2.498  1.00 31.37 ? 47 VAL A CG1 1 
ATOM   164  C CG2 . VAL A 1 21 ? 0.878   -5.575  -2.810  1.00 29.32 ? 47 VAL A CG2 1 
ATOM   165  N N   . ARG A 1 22 ? -3.699  -6.200  -3.191  1.00 33.59 ? 48 ARG A N   1 
ATOM   166  C CA  . ARG A 1 22 ? -5.119  -5.871  -3.035  1.00 33.86 ? 48 ARG A CA  1 
ATOM   167  C C   . ARG A 1 22 ? -5.805  -6.754  -1.998  1.00 35.27 ? 48 ARG A C   1 
ATOM   168  O O   . ARG A 1 22 ? -6.719  -6.298  -1.309  1.00 35.31 ? 48 ARG A O   1 
ATOM   169  C CB  . ARG A 1 22 ? -5.874  -6.046  -4.343  1.00 34.88 ? 48 ARG A CB  1 
ATOM   170  C CG  . ARG A 1 22 ? -5.810  -4.873  -5.276  1.00 37.64 ? 48 ARG A CG  1 
ATOM   171  C CD  . ARG A 1 22 ? -6.498  -5.209  -6.598  1.00 38.09 ? 48 ARG A CD  1 
ATOM   172  N NE  . ARG A 1 22 ? -7.923  -5.485  -6.442  1.00 34.58 ? 48 ARG A NE  1 
ATOM   173  C CZ  . ARG A 1 22 ? -8.726  -5.813  -7.446  1.00 34.16 ? 48 ARG A CZ  1 
ATOM   174  N NH1 . ARG A 1 22 ? -8.243  -5.917  -8.679  1.00 31.48 ? 48 ARG A NH1 1 
ATOM   175  N NH2 . ARG A 1 22 ? -10.018 -6.011  -7.221  1.00 33.47 ? 48 ARG A NH2 1 
ATOM   176  N N   . GLU A 1 23 ? -5.382  -8.018  -1.906  1.00 36.47 ? 49 GLU A N   1 
ATOM   177  C CA  . GLU A 1 23 ? -5.974  -8.967  -0.957  1.00 37.03 ? 49 GLU A CA  1 
ATOM   178  C C   . GLU A 1 23 ? -5.499  -8.689  0.451   1.00 35.46 ? 49 GLU A C   1 
ATOM   179  O O   . GLU A 1 23 ? -6.270  -8.731  1.396   1.00 34.63 ? 49 GLU A O   1 
ATOM   180  C CB  . GLU A 1 23 ? -5.602  -10.408 -1.318  1.00 39.31 ? 49 GLU A CB  1 
ATOM   181  C CG  . GLU A 1 23 ? -5.981  -10.841 -2.718  1.00 43.43 ? 49 GLU A CG  1 
ATOM   182  C CD  . GLU A 1 23 ? -5.410  -12.205 -3.062  1.00 46.05 ? 49 GLU A CD  1 
ATOM   183  O OE1 . GLU A 1 23 ? -5.499  -12.626 -4.241  1.00 46.86 ? 49 GLU A OE1 1 
ATOM   184  O OE2 . GLU A 1 23 ? -4.868  -12.858 -2.145  1.00 47.51 ? 49 GLU A OE2 1 
ATOM   185  N N   . LEU A 1 24 ? -4.212  -8.420  0.586   1.00 35.67 ? 50 LEU A N   1 
ATOM   186  C CA  . LEU A 1 24 ? -3.649  -8.125  1.889   1.00 36.46 ? 50 LEU A CA  1 
ATOM   187  C C   . LEU A 1 24 ? -4.232  -6.821  2.420   1.00 36.46 ? 50 LEU A C   1 
ATOM   188  O O   . LEU A 1 24 ? -4.600  -6.728  3.593   1.00 36.63 ? 50 LEU A O   1 
ATOM   189  C CB  . LEU A 1 24 ? -2.123  -8.028  1.785   1.00 36.17 ? 50 LEU A CB  1 
ATOM   190  C CG  . LEU A 1 24 ? -1.383  -9.364  1.673   1.00 34.16 ? 50 LEU A CG  1 
ATOM   191  C CD1 . LEU A 1 24 ? -0.005  -9.147  1.073   1.00 34.87 ? 50 LEU A CD1 1 
ATOM   192  C CD2 . LEU A 1 24 ? -1.292  -10.020 3.047   1.00 30.31 ? 50 LEU A CD2 1 
ATOM   193  N N   . LEU A 1 25 ? -4.328  -5.819  1.554   1.00 35.59 ? 51 LEU A N   1 
ATOM   194  C CA  . LEU A 1 25 ? -4.868  -4.535  1.966   1.00 35.86 ? 51 LEU A CA  1 
ATOM   195  C C   . LEU A 1 25 ? -6.337  -4.724  2.260   1.00 35.69 ? 51 LEU A C   1 
ATOM   196  O O   . LEU A 1 25 ? -6.886  -4.121  3.189   1.00 37.21 ? 51 LEU A O   1 
ATOM   197  C CB  . LEU A 1 25 ? -4.681  -3.488  0.861   1.00 34.67 ? 51 LEU A CB  1 
ATOM   198  C CG  . LEU A 1 25 ? -4.824  -2.032  1.301   1.00 34.10 ? 51 LEU A CG  1 
ATOM   199  C CD1 . LEU A 1 25 ? -3.914  -1.764  2.477   1.00 36.26 ? 51 LEU A CD1 1 
ATOM   200  C CD2 . LEU A 1 25 ? -4.458  -1.113  0.157   1.00 34.30 ? 51 LEU A CD2 1 
ATOM   201  N N   . ARG A 1 26 ? -6.964  -5.580  1.464   1.00 34.53 ? 52 ARG A N   1 
ATOM   202  C CA  . ARG A 1 26 ? -8.381  -5.874  1.611   1.00 36.44 ? 52 ARG A CA  1 
ATOM   203  C C   . ARG A 1 26 ? -8.665  -6.412  3.003   1.00 36.29 ? 52 ARG A C   1 
ATOM   204  O O   . ARG A 1 26 ? -9.635  -6.022  3.649   1.00 37.75 ? 52 ARG A O   1 
ATOM   205  C CB  . ARG A 1 26 ? -8.804  -6.917  0.579   1.00 38.94 ? 52 ARG A CB  1 
ATOM   206  C CG  . ARG A 1 26 ? -10.296 -7.158  0.492   1.00 40.02 ? 52 ARG A CG  1 
ATOM   207  C CD  . ARG A 1 26 ? -10.589 -8.393  -0.356  1.00 43.93 ? 52 ARG A CD  1 
ATOM   208  N NE  . ARG A 1 26 ? -10.073 -8.322  -1.728  1.00 46.97 ? 52 ARG A NE  1 
ATOM   209  C CZ  . ARG A 1 26 ? -10.425 -7.396  -2.619  1.00 48.88 ? 52 ARG A CZ  1 
ATOM   210  N NH1 . ARG A 1 26 ? -11.293 -6.446  -2.286  1.00 49.19 ? 52 ARG A NH1 1 
ATOM   211  N NH2 . ARG A 1 26 ? -9.927  -7.430  -3.851  1.00 48.83 ? 52 ARG A NH2 1 
ATOM   212  N N   . GLN A 1 27 ? -7.810  -7.319  3.455   1.00 35.29 ? 53 GLN A N   1 
ATOM   213  C CA  . GLN A 1 27 ? -7.953  -7.929  4.763   1.00 33.89 ? 53 GLN A CA  1 
ATOM   214  C C   . GLN A 1 27 ? -7.552  -6.963  5.849   1.00 32.48 ? 53 GLN A C   1 
ATOM   215  O O   . GLN A 1 27 ? -8.194  -6.874  6.886   1.00 32.28 ? 53 GLN A O   1 
ATOM   216  C CB  . GLN A 1 27 ? -7.085  -9.177  4.848   1.00 35.99 ? 53 GLN A CB  1 
ATOM   217  C CG  . GLN A 1 27 ? -6.943  -9.758  6.240   1.00 39.04 ? 53 GLN A CG  1 
ATOM   218  C CD  . GLN A 1 27 ? -8.275  -9.971  6.923   1.00 41.60 ? 53 GLN A CD  1 
ATOM   219  O OE1 . GLN A 1 27 ? -9.277  -10.276 6.276   1.00 44.12 ? 53 GLN A OE1 1 
ATOM   220  N NE2 . GLN A 1 27 ? -8.291  -9.829  8.244   1.00 42.70 ? 53 GLN A NE2 1 
ATOM   221  N N   . GLN A 1 28 ? -6.477  -6.234  5.609   1.00 30.86 ? 54 GLN A N   1 
ATOM   222  C CA  . GLN A 1 28 ? -6.010  -5.284  6.596   1.00 31.89 ? 54 GLN A CA  1 
ATOM   223  C C   . GLN A 1 28 ? -7.110  -4.307  7.015   1.00 31.81 ? 54 GLN A C   1 
ATOM   224  O O   . GLN A 1 28 ? -7.278  -4.017  8.201   1.00 31.67 ? 54 GLN A O   1 
ATOM   225  C CB  . GLN A 1 28 ? -4.806  -4.530  6.049   1.00 31.24 ? 54 GLN A CB  1 
ATOM   226  C CG  . GLN A 1 28 ? -4.232  -3.523  7.000   1.00 32.40 ? 54 GLN A CG  1 
ATOM   227  C CD  . GLN A 1 28 ? -2.999  -2.863  6.440   1.00 35.04 ? 54 GLN A CD  1 
ATOM   228  O OE1 . GLN A 1 28 ? -1.910  -3.449  6.442   1.00 34.63 ? 54 GLN A OE1 1 
ATOM   229  N NE2 . GLN A 1 28 ? -3.161  -1.642  5.938   1.00 34.94 ? 54 GLN A NE2 1 
ATOM   230  N N   . VAL A 1 29 ? -7.869  -3.803  6.052   1.00 31.49 ? 55 VAL A N   1 
ATOM   231  C CA  . VAL A 1 29 ? -8.924  -2.866  6.393   1.00 33.60 ? 55 VAL A CA  1 
ATOM   232  C C   . VAL A 1 29 ? -9.943  -3.489  7.334   1.00 35.03 ? 55 VAL A C   1 
ATOM   233  O O   . VAL A 1 29 ? -10.313 -2.884  8.336   1.00 37.53 ? 55 VAL A O   1 
ATOM   234  C CB  . VAL A 1 29 ? -9.646  -2.343  5.148   1.00 33.44 ? 55 VAL A CB  1 
ATOM   235  C CG1 . VAL A 1 29 ? -10.803 -1.465  5.558   1.00 33.10 ? 55 VAL A CG1 1 
ATOM   236  C CG2 . VAL A 1 29 ? -8.679  -1.553  4.290   1.00 33.23 ? 55 VAL A CG2 1 
ATOM   237  N N   . LYS A 1 30 ? -10.392 -4.700  7.029   1.00 35.97 ? 56 LYS A N   1 
ATOM   238  C CA  . LYS A 1 30 ? -11.363 -5.360  7.882   1.00 37.25 ? 56 LYS A CA  1 
ATOM   239  C C   . LYS A 1 30 ? -10.846 -5.457  9.308   1.00 37.40 ? 56 LYS A C   1 
ATOM   240  O O   . LYS A 1 30 ? -11.607 -5.243  10.247  1.00 39.38 ? 56 LYS A O   1 
ATOM   241  C CB  . LYS A 1 30 ? -11.720 -6.734  7.310   1.00 39.38 ? 56 LYS A CB  1 
ATOM   242  C CG  . LYS A 1 30 ? -12.474 -6.609  5.987   1.00 42.28 ? 56 LYS A CG  1 
ATOM   243  C CD  . LYS A 1 30 ? -12.813 -7.944  5.329   1.00 44.97 ? 56 LYS A CD  1 
ATOM   244  C CE  . LYS A 1 30 ? -13.590 -7.708  4.018   1.00 45.06 ? 56 LYS A CE  1 
ATOM   245  N NZ  . LYS A 1 30 ? -13.825 -8.937  3.190   1.00 45.59 ? 56 LYS A NZ  1 
ATOM   246  N N   . GLU A 1 31 ? -9.559  -5.748  9.478   1.00 36.85 ? 57 GLU A N   1 
ATOM   247  C CA  . GLU A 1 31 ? -8.977  -5.824  10.818  1.00 36.17 ? 57 GLU A CA  1 
ATOM   248  C C   . GLU A 1 31 ? -8.990  -4.437  11.452  1.00 35.99 ? 57 GLU A C   1 
ATOM   249  O O   . GLU A 1 31 ? -9.426  -4.265  12.595  1.00 36.55 ? 57 GLU A O   1 
ATOM   250  C CB  . GLU A 1 31 ? -7.541  -6.327  10.756  1.00 37.71 ? 57 GLU A CB  1 
ATOM   251  C CG  . GLU A 1 31 ? -7.406  -7.727  10.218  1.00 39.29 ? 57 GLU A CG  1 
ATOM   252  C CD  . GLU A 1 31 ? -8.124  -8.743  11.079  1.00 42.78 ? 57 GLU A CD  1 
ATOM   253  O OE1 . GLU A 1 31 ? -7.748  -8.906  12.259  1.00 43.88 ? 57 GLU A OE1 1 
ATOM   254  O OE2 . GLU A 1 31 ? -9.072  -9.381  10.577  1.00 46.44 ? 57 GLU A OE2 1 
ATOM   255  N N   . ILE A 1 32 ? -8.513  -3.440  10.707  1.00 34.89 ? 58 ILE A N   1 
ATOM   256  C CA  . ILE A 1 32 ? -8.499  -2.068  11.216  1.00 33.55 ? 58 ILE A CA  1 
ATOM   257  C C   . ILE A 1 32 ? -9.912  -1.642  11.640  1.00 33.98 ? 58 ILE A C   1 
ATOM   258  O O   . ILE A 1 32 ? -10.106 -1.095  12.732  1.00 30.97 ? 58 ILE A O   1 
ATOM   259  C CB  . ILE A 1 32 ? -7.910  -1.089  10.157  1.00 30.79 ? 58 ILE A CB  1 
ATOM   260  C CG1 . ILE A 1 32 ? -6.386  -1.220  10.160  1.00 29.23 ? 58 ILE A CG1 1 
ATOM   261  C CG2 . ILE A 1 32 ? -8.319  0.347   10.456  1.00 29.83 ? 58 ILE A CG2 1 
ATOM   262  C CD1 . ILE A 1 32 ? -5.668  -0.373  9.149   1.00 28.36 ? 58 ILE A CD1 1 
ATOM   263  N N   . THR A 1 33 ? -10.898 -1.910  10.784  1.00 34.65 ? 59 THR A N   1 
ATOM   264  C CA  . THR A 1 33 ? -12.282 -1.564  11.098  1.00 35.83 ? 59 THR A CA  1 
ATOM   265  C C   . THR A 1 33 ? -12.698 -2.319  12.347  1.00 37.38 ? 59 THR A C   1 
ATOM   266  O O   . THR A 1 33 ? -13.369 -1.765  13.209  1.00 37.46 ? 59 THR A O   1 
ATOM   267  C CB  . THR A 1 33 ? -13.253 -1.944  9.962   1.00 34.36 ? 59 THR A CB  1 
ATOM   268  O OG1 . THR A 1 33 ? -12.924 -1.209  8.783   1.00 36.02 ? 59 THR A OG1 1 
ATOM   269  C CG2 . THR A 1 33 ? -14.677 -1.624  10.350  1.00 31.14 ? 59 THR A CG2 1 
ATOM   270  N N   . PHE A 1 34 ? -12.298 -3.584  12.445  1.00 38.64 ? 60 PHE A N   1 
ATOM   271  C CA  . PHE A 1 34 ? -12.649 -4.376  13.611  1.00 39.60 ? 60 PHE A CA  1 
ATOM   272  C C   . PHE A 1 34 ? -11.943 -3.778  14.814  1.00 39.89 ? 60 PHE A C   1 
ATOM   273  O O   . PHE A 1 34 ? -12.488 -3.743  15.921  1.00 38.37 ? 60 PHE A O   1 
ATOM   274  C CB  . PHE A 1 34 ? -12.236 -5.842  13.429  1.00 40.20 ? 60 PHE A CB  1 
ATOM   275  C CG  . PHE A 1 34 ? -12.528 -6.696  14.627  1.00 42.56 ? 60 PHE A CG  1 
ATOM   276  C CD1 . PHE A 1 34 ? -11.638 -6.737  15.708  1.00 43.40 ? 60 PHE A CD1 1 
ATOM   277  C CD2 . PHE A 1 34 ? -13.724 -7.408  14.715  1.00 43.42 ? 60 PHE A CD2 1 
ATOM   278  C CE1 . PHE A 1 34 ? -11.937 -7.474  16.864  1.00 43.44 ? 60 PHE A CE1 1 
ATOM   279  C CE2 . PHE A 1 34 ? -14.038 -8.148  15.866  1.00 43.95 ? 60 PHE A CE2 1 
ATOM   280  C CZ  . PHE A 1 34 ? -13.140 -8.179  16.945  1.00 43.72 ? 60 PHE A CZ  1 
ATOM   281  N N   . LEU A 1 35 ? -10.724 -3.299  14.580  1.00 40.52 ? 61 LEU A N   1 
ATOM   282  C CA  . LEU A 1 35 ? -9.927  -2.677  15.629  1.00 42.25 ? 61 LEU A CA  1 
ATOM   283  C C   . LEU A 1 35 ? -10.646 -1.425  16.137  1.00 42.10 ? 61 LEU A C   1 
ATOM   284  O O   . LEU A 1 35 ? -10.737 -1.196  17.337  1.00 40.55 ? 61 LEU A O   1 
ATOM   285  C CB  . LEU A 1 35 ? -8.559  -2.286  15.078  1.00 43.52 ? 61 LEU A CB  1 
ATOM   286  C CG  . LEU A 1 35 ? -7.541  -1.769  16.093  1.00 44.92 ? 61 LEU A CG  1 
ATOM   287  C CD1 . LEU A 1 35 ? -6.884  -2.969  16.770  1.00 45.65 ? 61 LEU A CD1 1 
ATOM   288  C CD2 . LEU A 1 35 ? -6.489  -0.893  15.402  1.00 45.31 ? 61 LEU A CD2 1 
ATOM   289  N N   . LYS A 1 36 ? -11.152 -0.617  15.213  1.00 43.86 ? 62 LYS A N   1 
ATOM   290  C CA  . LYS A 1 36 ? -11.866 0.602   15.570  1.00 46.10 ? 62 LYS A CA  1 
ATOM   291  C C   . LYS A 1 36 ? -13.114 0.295   16.380  1.00 47.54 ? 62 LYS A C   1 
ATOM   292  O O   . LYS A 1 36 ? -13.382 0.951   17.376  1.00 48.90 ? 62 LYS A O   1 
ATOM   293  C CB  . LYS A 1 36 ? -12.279 1.372   14.318  1.00 47.10 ? 62 LYS A CB  1 
ATOM   294  C CG  . LYS A 1 36 ? -13.199 2.561   14.586  1.00 46.14 ? 62 LYS A CG  1 
ATOM   295  C CD  . LYS A 1 36 ? -14.021 2.923   13.345  1.00 45.69 ? 62 LYS A CD  1 
ATOM   296  C CE  . LYS A 1 36 ? -14.948 1.775   12.949  1.00 46.22 ? 62 LYS A CE  1 
ATOM   297  N NZ  . LYS A 1 36 ? -15.833 2.095   11.799  1.00 45.92 ? 62 LYS A NZ  1 
ATOM   298  N N   . ASN A 1 37 ? -13.890 -0.692  15.953  1.00 48.62 ? 63 ASN A N   1 
ATOM   299  C CA  . ASN A 1 37 ? -15.101 -1.024  16.687  1.00 50.87 ? 63 ASN A CA  1 
ATOM   300  C C   . ASN A 1 37 ? -14.804 -1.599  18.064  1.00 51.03 ? 63 ASN A C   1 
ATOM   301  O O   . ASN A 1 37 ? -15.558 -1.371  19.005  1.00 51.37 ? 63 ASN A O   1 
ATOM   302  C CB  . ASN A 1 37 ? -15.985 -1.976  15.874  1.00 51.98 ? 63 ASN A CB  1 
ATOM   303  C CG  . ASN A 1 37 ? -16.747 -1.252  14.777  1.00 52.29 ? 63 ASN A CG  1 
ATOM   304  O OD1 . ASN A 1 37 ? -17.401 -0.242  15.033  1.00 53.88 ? 63 ASN A OD1 1 
ATOM   305  N ND2 . ASN A 1 37 ? -16.667 -1.762  13.553  1.00 51.88 ? 63 ASN A ND2 1 
ATOM   306  N N   . THR A 1 38 ? -13.707 -2.336  18.184  1.00 52.16 ? 64 THR A N   1 
ATOM   307  C CA  . THR A 1 38 ? -13.319 -2.896  19.473  1.00 53.43 ? 64 THR A CA  1 
ATOM   308  C C   . THR A 1 38 ? -12.890 -1.747  20.389  1.00 54.62 ? 64 THR A C   1 
ATOM   309  O O   . THR A 1 38 ? -13.371 -1.626  21.513  1.00 54.39 ? 64 THR A O   1 
ATOM   310  C CB  . THR A 1 38 ? -12.148 -3.889  19.328  1.00 53.42 ? 64 THR A CB  1 
ATOM   311  O OG1 . THR A 1 38 ? -12.604 -5.069  18.658  1.00 54.24 ? 64 THR A OG1 1 
ATOM   312  C CG2 . THR A 1 38 ? -11.592 -4.273  20.685  1.00 51.61 ? 64 THR A CG2 1 
ATOM   313  N N   . VAL A 1 39 ? -11.986 -0.902  19.901  1.00 55.68 ? 65 VAL A N   1 
ATOM   314  C CA  . VAL A 1 39 ? -11.521 0.236   20.682  1.00 57.89 ? 65 VAL A CA  1 
ATOM   315  C C   . VAL A 1 39 ? -12.685 1.210   20.912  1.00 60.49 ? 65 VAL A C   1 
ATOM   316  O O   . VAL A 1 39 ? -12.601 2.117   21.743  1.00 60.71 ? 65 VAL A O   1 
ATOM   317  C CB  . VAL A 1 39 ? -10.361 0.971   19.961  1.00 56.85 ? 65 VAL A CB  1 
ATOM   318  C CG1 . VAL A 1 39 ? -9.839  2.100   20.831  1.00 56.16 ? 65 VAL A CG1 1 
ATOM   319  C CG2 . VAL A 1 39 ? -9.238  0.002   19.654  1.00 55.57 ? 65 VAL A CG2 1 
ATOM   320  N N   . MET A 1 40 ? -13.775 1.005   20.179  1.00 63.63 ? 66 MET A N   1 
ATOM   321  C CA  . MET A 1 40 ? -14.964 1.847   20.298  1.00 66.17 ? 66 MET A CA  1 
ATOM   322  C C   . MET A 1 40 ? -15.801 1.453   21.516  1.00 67.11 ? 66 MET A C   1 
ATOM   323  O O   . MET A 1 40 ? -16.551 2.265   22.055  1.00 67.17 ? 66 MET A O   1 
ATOM   324  C CB  . MET A 1 40 ? -15.821 1.735   19.033  1.00 68.02 ? 66 MET A CB  1 
ATOM   325  C CG  . MET A 1 40 ? -16.006 3.047   18.273  1.00 69.65 ? 66 MET A CG  1 
ATOM   326  S SD  . MET A 1 40 ? -16.893 2.855   16.697  1.00 72.34 ? 66 MET A SD  1 
ATOM   327  C CE  . MET A 1 40 ? -18.615 2.911   17.252  1.00 71.61 ? 66 MET A CE  1 
ATOM   328  N N   . GLU A 1 41 ? -15.676 0.205   21.946  1.00 68.18 ? 67 GLU A N   1 
ATOM   329  C CA  . GLU A 1 41 ? -16.430 -0.266  23.099  1.00 70.15 ? 67 GLU A CA  1 
ATOM   330  C C   . GLU A 1 41 ? -15.538 -0.452  24.316  1.00 71.23 ? 67 GLU A C   1 
ATOM   331  O O   . GLU A 1 41 ? -16.011 -0.846  25.385  1.00 70.91 ? 67 GLU A O   1 
ATOM   332  C CB  . GLU A 1 41 ? -17.115 -1.599  22.788  1.00 70.73 ? 67 GLU A CB  1 
ATOM   333  C CG  . GLU A 1 41 ? -18.624 -1.522  22.643  1.00 70.61 ? 67 GLU A CG  1 
ATOM   334  C CD  . GLU A 1 41 ? -19.049 -0.865  21.356  1.00 70.74 ? 67 GLU A CD  1 
ATOM   335  O OE1 . GLU A 1 41 ? -18.472 -1.211  20.305  1.00 71.57 ? 67 GLU A OE1 1 
ATOM   336  O OE2 . GLU A 1 41 ? -19.965 -0.016  21.388  1.00 70.96 ? 67 GLU A OE2 1 
ATOM   337  N N   . CYS A 1 42 ? -14.249 -0.174  24.162  1.00 72.93 ? 68 CYS A N   1 
ATOM   338  C CA  . CYS A 1 42 ? -13.336 -0.348  25.279  1.00 74.41 ? 68 CYS A CA  1 
ATOM   339  C C   . CYS A 1 42 ? -13.744 0.544   26.447  1.00 76.13 ? 68 CYS A C   1 
ATOM   340  O O   . CYS A 1 42 ? -13.606 1.769   26.398  1.00 76.40 ? 68 CYS A O   1 
ATOM   341  C CB  . CYS A 1 42 ? -11.894 -0.062  24.860  1.00 73.17 ? 68 CYS A CB  1 
ATOM   342  S SG  . CYS A 1 42 ? -10.718 -0.567  26.151  1.00 72.78 ? 68 CYS A SG  1 
ATOM   343  N N   . ASP A 1 43 ? -14.248 -0.101  27.495  1.00 78.09 ? 69 ASP A N   1 
ATOM   344  C CA  . ASP A 1 43 ? -14.725 0.559   28.705  1.00 80.18 ? 69 ASP A CA  1 
ATOM   345  C C   . ASP A 1 43 ? -13.836 1.660   29.282  1.00 80.66 ? 69 ASP A C   1 
ATOM   346  O O   . ASP A 1 43 ? -14.256 2.816   29.351  1.00 81.37 ? 69 ASP A O   1 
ATOM   347  C CB  . ASP A 1 43 ? -15.011 -0.494  29.774  1.00 81.63 ? 69 ASP A CB  1 
ATOM   348  C CG  . ASP A 1 43 ? -15.911 -1.600  29.260  1.00 84.25 ? 69 ASP A CG  1 
ATOM   349  O OD1 . ASP A 1 43 ? -16.907 -1.286  28.572  1.00 86.09 ? 69 ASP A OD1 1 
ATOM   350  O OD2 . ASP A 1 43 ? -15.627 -2.783  29.540  1.00 86.12 ? 69 ASP A OD2 1 
ATOM   351  N N   . ALA A 1 44 ? -12.625 1.311   29.709  1.00 80.27 ? 70 ALA A N   1 
ATOM   352  C CA  . ALA A 1 44 ? -11.713 2.307   30.269  1.00 79.79 ? 70 ALA A CA  1 
ATOM   353  C C   . ALA A 1 44 ? -11.854 3.633   29.522  1.00 79.70 ? 70 ALA A C   1 
ATOM   354  O O   . ALA A 1 44 ? -11.655 4.703   30.098  1.00 79.80 ? 70 ALA A O   1 
ATOM   355  C CB  . ALA A 1 44 ? -10.276 1.808   30.184  1.00 79.51 ? 70 ALA A CB  1 
ATOM   356  N N   . CYS A 1 45 ? -12.206 3.550   28.240  1.00 79.36 ? 71 CYS A N   1 
ATOM   357  C CA  . CYS A 1 45 ? -12.392 4.729   27.402  1.00 79.20 ? 71 CYS A CA  1 
ATOM   358  C C   . CYS A 1 45 ? -13.788 5.334   27.533  1.00 80.15 ? 71 CYS A C   1 
ATOM   359  O O   . CYS A 1 45 ? -13.883 6.505   27.970  1.00 80.71 ? 71 CYS A O   1 
ATOM   360  C CB  . CYS A 1 45 ? -12.144 4.385   25.936  1.00 77.21 ? 71 CYS A CB  1 
ATOM   361  S SG  . CYS A 1 45 ? -10.400 4.116   25.505  1.00 75.46 ? 71 CYS A SG  1 
ATOM   362  O OXT . CYS A 1 45 ? -14.765 4.635   27.185  1.00 80.75 ? 71 CYS A OXT 1 
ATOM   363  N N   . MET B 1 1  ? 5.213   -11.655 -33.721 1.00 62.23 ? 27 MET B N   1 
ATOM   364  C CA  . MET B 1 1  ? 3.806   -11.862 -33.270 1.00 63.40 ? 27 MET B CA  1 
ATOM   365  C C   . MET B 1 1  ? 3.455   -10.817 -32.203 1.00 61.31 ? 27 MET B C   1 
ATOM   366  O O   . MET B 1 1  ? 3.315   -11.139 -31.023 1.00 61.54 ? 27 MET B O   1 
ATOM   367  C CB  . MET B 1 1  ? 3.649   -13.283 -32.715 1.00 65.72 ? 27 MET B CB  1 
ATOM   368  C CG  . MET B 1 1  ? 2.205   -13.773 -32.628 1.00 70.43 ? 27 MET B CG  1 
ATOM   369  S SD  . MET B 1 1  ? 2.017   -15.594 -32.813 1.00 75.85 ? 27 MET B SD  1 
ATOM   370  C CE  . MET B 1 1  ? 1.730   -15.718 -34.617 1.00 73.47 ? 27 MET B CE  1 
ATOM   371  N N   . ASP B 1 2  ? 3.319   -9.568  -32.653 1.00 58.23 ? 28 ASP B N   1 
ATOM   372  C CA  . ASP B 1 2  ? 3.012   -8.401  -31.814 1.00 54.72 ? 28 ASP B CA  1 
ATOM   373  C C   . ASP B 1 2  ? 2.291   -8.659  -30.498 1.00 51.69 ? 28 ASP B C   1 
ATOM   374  O O   . ASP B 1 2  ? 1.138   -9.099  -30.484 1.00 50.87 ? 28 ASP B O   1 
ATOM   375  C CB  . ASP B 1 2  ? 2.213   -7.371  -32.626 1.00 55.14 ? 28 ASP B CB  1 
ATOM   376  C CG  . ASP B 1 2  ? 2.019   -6.059  -31.883 1.00 55.52 ? 28 ASP B CG  1 
ATOM   377  O OD1 . ASP B 1 2  ? 3.025   -5.409  -31.515 1.00 55.67 ? 28 ASP B OD1 1 
ATOM   378  O OD2 . ASP B 1 2  ? 0.854   -5.670  -31.671 1.00 57.03 ? 28 ASP B OD2 1 
ATOM   379  N N   . LEU B 1 3  ? 2.975   -8.351  -29.398 1.00 48.64 ? 29 LEU B N   1 
ATOM   380  C CA  . LEU B 1 3  ? 2.432   -8.533  -28.058 1.00 45.51 ? 29 LEU B CA  1 
ATOM   381  C C   . LEU B 1 3  ? 1.799   -7.250  -27.520 1.00 42.99 ? 29 LEU B C   1 
ATOM   382  O O   . LEU B 1 3  ? 1.339   -7.208  -26.375 1.00 41.24 ? 29 LEU B O   1 
ATOM   383  C CB  . LEU B 1 3  ? 3.535   -8.994  -27.106 1.00 46.62 ? 29 LEU B CB  1 
ATOM   384  C CG  . LEU B 1 3  ? 4.394   -10.171 -27.589 1.00 47.33 ? 29 LEU B CG  1 
ATOM   385  C CD1 . LEU B 1 3  ? 5.399   -10.574 -26.509 1.00 46.03 ? 29 LEU B CD1 1 
ATOM   386  C CD2 . LEU B 1 3  ? 3.491   -11.339 -27.939 1.00 46.71 ? 29 LEU B CD2 1 
ATOM   387  N N   . ALA B 1 4  ? 1.767   -6.211  -28.354 1.00 40.49 ? 30 ALA B N   1 
ATOM   388  C CA  . ALA B 1 4  ? 1.185   -4.931  -27.962 1.00 39.68 ? 30 ALA B CA  1 
ATOM   389  C C   . ALA B 1 4  ? -0.201  -5.065  -27.325 1.00 39.27 ? 30 ALA B C   1 
ATOM   390  O O   . ALA B 1 4  ? -0.412  -4.606  -26.204 1.00 40.12 ? 30 ALA B O   1 
ATOM   391  C CB  . ALA B 1 4  ? 1.125   -3.996  -29.156 1.00 39.38 ? 30 ALA B CB  1 
ATOM   392  N N   . PRO B 1 5  ? -1.169  -5.686  -28.029 1.00 38.40 ? 31 PRO B N   1 
ATOM   393  C CA  . PRO B 1 5  ? -2.513  -5.840  -27.455 1.00 37.86 ? 31 PRO B CA  1 
ATOM   394  C C   . PRO B 1 5  ? -2.475  -6.511  -26.079 1.00 39.15 ? 31 PRO B C   1 
ATOM   395  O O   . PRO B 1 5  ? -3.150  -6.095  -25.138 1.00 38.47 ? 31 PRO B O   1 
ATOM   396  C CB  . PRO B 1 5  ? -3.231  -6.702  -28.493 1.00 37.21 ? 31 PRO B CB  1 
ATOM   397  C CG  . PRO B 1 5  ? -2.592  -6.293  -29.773 1.00 36.90 ? 31 PRO B CG  1 
ATOM   398  C CD  . PRO B 1 5  ? -1.125  -6.229  -29.401 1.00 37.60 ? 31 PRO B CD  1 
ATOM   399  N N   . GLN B 1 6  ? -1.673  -7.561  -25.971 1.00 40.60 ? 32 GLN B N   1 
ATOM   400  C CA  . GLN B 1 6  ? -1.555  -8.274  -24.715 1.00 41.49 ? 32 GLN B CA  1 
ATOM   401  C C   . GLN B 1 6  ? -0.926  -7.357  -23.688 1.00 40.20 ? 32 GLN B C   1 
ATOM   402  O O   . GLN B 1 6  ? -1.431  -7.230  -22.578 1.00 40.70 ? 32 GLN B O   1 
ATOM   403  C CB  . GLN B 1 6  ? -0.686  -9.516  -24.891 1.00 43.71 ? 32 GLN B CB  1 
ATOM   404  C CG  . GLN B 1 6  ? -1.091  -10.377 -26.064 1.00 46.70 ? 32 GLN B CG  1 
ATOM   405  C CD  . GLN B 1 6  ? -0.088  -11.467 -26.352 1.00 48.29 ? 32 GLN B CD  1 
ATOM   406  O OE1 . GLN B 1 6  ? 0.143   -12.354 -25.524 1.00 49.01 ? 32 GLN B OE1 1 
ATOM   407  N NE2 . GLN B 1 6  ? 0.523   -11.407 -27.531 1.00 48.08 ? 32 GLN B NE2 1 
ATOM   408  N N   . MET B 1 7  ? 0.177   -6.714  -24.054 1.00 38.94 ? 33 MET B N   1 
ATOM   409  C CA  . MET B 1 7  ? 0.849   -5.812  -23.125 1.00 39.33 ? 33 MET B CA  1 
ATOM   410  C C   . MET B 1 7  ? -0.116  -4.750  -22.647 1.00 37.42 ? 33 MET B C   1 
ATOM   411  O O   . MET B 1 7  ? -0.245  -4.509  -21.450 1.00 38.02 ? 33 MET B O   1 
ATOM   412  C CB  . MET B 1 7  ? 2.056   -5.164  -23.790 1.00 41.13 ? 33 MET B CB  1 
ATOM   413  C CG  . MET B 1 7  ? 3.370   -5.504  -23.114 1.00 43.66 ? 33 MET B CG  1 
ATOM   414  S SD  . MET B 1 7  ? 4.704   -5.388  -24.300 1.00 52.76 ? 33 MET B SD  1 
ATOM   415  C CE  . MET B 1 7  ? 4.750   -3.572  -24.586 1.00 50.98 ? 33 MET B CE  1 
ATOM   416  N N   . LEU B 1 8  ? -0.796  -4.129  -23.603 1.00 36.53 ? 34 LEU B N   1 
ATOM   417  C CA  . LEU B 1 8  ? -1.792  -3.103  -23.333 1.00 33.50 ? 34 LEU B CA  1 
ATOM   418  C C   . LEU B 1 8  ? -2.846  -3.621  -22.358 1.00 32.15 ? 34 LEU B C   1 
ATOM   419  O O   . LEU B 1 8  ? -3.398  -2.857  -21.583 1.00 32.90 ? 34 LEU B O   1 
ATOM   420  C CB  . LEU B 1 8  ? -2.450  -2.675  -24.644 1.00 33.20 ? 34 LEU B CB  1 
ATOM   421  C CG  . LEU B 1 8  ? -3.764  -1.899  -24.561 1.00 33.64 ? 34 LEU B CG  1 
ATOM   422  C CD1 . LEU B 1 8  ? -3.608  -0.690  -23.667 1.00 35.29 ? 34 LEU B CD1 1 
ATOM   423  C CD2 . LEU B 1 8  ? -4.181  -1.478  -25.961 1.00 35.13 ? 34 LEU B CD2 1 
ATOM   424  N N   . ARG B 1 9  ? -3.131  -4.917  -22.395 1.00 31.70 ? 35 ARG B N   1 
ATOM   425  C CA  . ARG B 1 9  ? -4.111  -5.489  -21.479 1.00 31.75 ? 35 ARG B CA  1 
ATOM   426  C C   . ARG B 1 9  ? -3.614  -5.481  -20.028 1.00 30.83 ? 35 ARG B C   1 
ATOM   427  O O   . ARG B 1 9  ? -4.327  -5.052  -19.122 1.00 29.32 ? 35 ARG B O   1 
ATOM   428  C CB  . ARG B 1 9  ? -4.463  -6.917  -21.898 1.00 33.48 ? 35 ARG B CB  1 
ATOM   429  C CG  . ARG B 1 9  ? -5.346  -7.012  -23.138 1.00 37.95 ? 35 ARG B CG  1 
ATOM   430  C CD  . ARG B 1 9  ? -5.970  -8.411  -23.278 1.00 40.95 ? 35 ARG B CD  1 
ATOM   431  N NE  . ARG B 1 9  ? -5.500  -9.132  -24.463 1.00 42.64 ? 35 ARG B NE  1 
ATOM   432  C CZ  . ARG B 1 9  ? -5.864  -8.844  -25.707 1.00 44.10 ? 35 ARG B CZ  1 
ATOM   433  N NH1 . ARG B 1 9  ? -5.379  -9.553  -26.717 1.00 44.61 ? 35 ARG B NH1 1 
ATOM   434  N NH2 . ARG B 1 9  ? -6.720  -7.850  -25.939 1.00 43.71 ? 35 ARG B NH2 1 
ATOM   435  N N   . GLU B 1 10 ? -2.390  -5.949  -19.812 1.00 30.80 ? 36 GLU B N   1 
ATOM   436  C CA  . GLU B 1 10 ? -1.818  -5.979  -18.472 1.00 30.50 ? 36 GLU B CA  1 
ATOM   437  C C   . GLU B 1 10 ? -1.865  -4.582  -17.892 1.00 30.60 ? 36 GLU B C   1 
ATOM   438  O O   . GLU B 1 10 ? -2.221  -4.395  -16.722 1.00 29.09 ? 36 GLU B O   1 
ATOM   439  C CB  . GLU B 1 10 ? -0.370  -6.481  -18.499 1.00 30.07 ? 36 GLU B CB  1 
ATOM   440  C CG  . GLU B 1 10 ? -0.204  -7.916  -19.025 1.00 31.11 ? 36 GLU B CG  1 
ATOM   441  C CD  . GLU B 1 10 ? -1.038  -8.940  -18.262 1.00 30.16 ? 36 GLU B CD  1 
ATOM   442  O OE1 . GLU B 1 10 ? -0.819  -9.114  -17.053 1.00 30.88 ? 36 GLU B OE1 1 
ATOM   443  O OE2 . GLU B 1 10 ? -1.920  -9.577  -18.874 1.00 31.75 ? 36 GLU B OE2 1 
ATOM   444  N N   . LEU B 1 11 ? -1.515  -3.587  -18.700 1.00 30.68 ? 37 LEU B N   1 
ATOM   445  C CA  . LEU B 1 11 ? -1.550  -2.224  -18.194 1.00 32.72 ? 37 LEU B CA  1 
ATOM   446  C C   . LEU B 1 11 ? -2.943  -1.920  -17.658 1.00 33.08 ? 37 LEU B C   1 
ATOM   447  O O   . LEU B 1 11 ? -3.109  -1.541  -16.500 1.00 33.91 ? 37 LEU B O   1 
ATOM   448  C CB  . LEU B 1 11 ? -1.173  -1.236  -19.288 1.00 33.32 ? 37 LEU B CB  1 
ATOM   449  C CG  . LEU B 1 11 ? 0.293   -1.315  -19.719 1.00 34.47 ? 37 LEU B CG  1 
ATOM   450  C CD1 . LEU B 1 11 ? 0.578   -0.248  -20.774 1.00 35.80 ? 37 LEU B CD1 1 
ATOM   451  C CD2 . LEU B 1 11 ? 1.186   -1.114  -18.520 1.00 34.87 ? 37 LEU B CD2 1 
ATOM   452  N N   . GLN B 1 12 ? -3.947  -2.116  -18.496 1.00 33.43 ? 38 GLN B N   1 
ATOM   453  C CA  . GLN B 1 12 ? -5.321  -1.864  -18.093 1.00 34.30 ? 38 GLN B CA  1 
ATOM   454  C C   . GLN B 1 12 ? -5.722  -2.694  -16.891 1.00 34.31 ? 38 GLN B C   1 
ATOM   455  O O   . GLN B 1 12 ? -6.602  -2.303  -16.123 1.00 34.72 ? 38 GLN B O   1 
ATOM   456  C CB  . GLN B 1 12 ? -6.256  -2.122  -19.273 1.00 35.65 ? 38 GLN B CB  1 
ATOM   457  C CG  . GLN B 1 12 ? -6.308  -0.950  -20.254 1.00 36.79 ? 38 GLN B CG  1 
ATOM   458  C CD  . GLN B 1 12 ? -6.826  -1.336  -21.616 1.00 36.24 ? 38 GLN B CD  1 
ATOM   459  O OE1 . GLN B 1 12 ? -7.327  -0.499  -22.355 1.00 38.21 ? 38 GLN B OE1 1 
ATOM   460  N NE2 . GLN B 1 12 ? -6.692  -2.605  -21.963 1.00 37.78 ? 38 GLN B NE2 1 
ATOM   461  N N   . GLU B 1 13 ? -5.067  -3.835  -16.718 1.00 34.69 ? 39 GLU B N   1 
ATOM   462  C CA  . GLU B 1 13 ? -5.347  -4.706  -15.581 1.00 33.73 ? 39 GLU B CA  1 
ATOM   463  C C   . GLU B 1 13 ? -4.637  -4.164  -14.336 1.00 32.96 ? 39 GLU B C   1 
ATOM   464  O O   . GLU B 1 13 ? -5.077  -4.393  -13.210 1.00 32.53 ? 39 GLU B O   1 
ATOM   465  C CB  . GLU B 1 13 ? -4.877  -6.127  -15.878 1.00 33.80 ? 39 GLU B CB  1 
ATOM   466  C CG  . GLU B 1 13 ? -5.120  -7.132  -14.770 1.00 35.95 ? 39 GLU B CG  1 
ATOM   467  C CD  . GLU B 1 13 ? -4.603  -8.523  -15.133 1.00 38.63 ? 39 GLU B CD  1 
ATOM   468  O OE1 . GLU B 1 13 ? -4.932  -9.032  -16.228 1.00 37.33 ? 39 GLU B OE1 1 
ATOM   469  O OE2 . GLU B 1 13 ? -3.869  -9.114  -14.321 1.00 40.75 ? 39 GLU B OE2 1 
ATOM   470  N N   . THR B 1 14 ? -3.534  -3.446  -14.541 1.00 32.51 ? 40 THR B N   1 
ATOM   471  C CA  . THR B 1 14 ? -2.798  -2.867  -13.420 1.00 32.35 ? 40 THR B CA  1 
ATOM   472  C C   . THR B 1 14 ? -3.598  -1.700  -12.859 1.00 31.53 ? 40 THR B C   1 
ATOM   473  O O   . THR B 1 14 ? -3.919  -1.669  -11.675 1.00 30.15 ? 40 THR B O   1 
ATOM   474  C CB  . THR B 1 14 ? -1.401  -2.360  -13.854 1.00 33.88 ? 40 THR B CB  1 
ATOM   475  O OG1 . THR B 1 14 ? -0.569  -3.478  -14.204 1.00 36.45 ? 40 THR B OG1 1 
ATOM   476  C CG2 . THR B 1 14 ? -0.731  -1.585  -12.721 1.00 34.34 ? 40 THR B CG2 1 
ATOM   477  N N   . ASN B 1 15 ? -3.943  -0.753  -13.721 1.00 31.31 ? 41 ASN B N   1 
ATOM   478  C CA  . ASN B 1 15 ? -4.690  0.404   -13.276 1.00 31.69 ? 41 ASN B CA  1 
ATOM   479  C C   . ASN B 1 15 ? -5.991  0.035   -12.591 1.00 32.87 ? 41 ASN B C   1 
ATOM   480  O O   . ASN B 1 15 ? -6.390  0.675   -11.622 1.00 34.63 ? 41 ASN B O   1 
ATOM   481  C CB  . ASN B 1 15 ? -4.945  1.334   -14.444 1.00 33.68 ? 41 ASN B CB  1 
ATOM   482  C CG  . ASN B 1 15 ? -3.667  1.904   -15.000 1.00 36.43 ? 41 ASN B CG  1 
ATOM   483  O OD1 . ASN B 1 15 ? -2.766  2.270   -14.249 1.00 38.05 ? 41 ASN B OD1 1 
ATOM   484  N ND2 . ASN B 1 15 ? -3.577  1.985   -16.317 1.00 39.54 ? 41 ASN B ND2 1 
ATOM   485  N N   . ALA B 1 16 ? -6.659  -1.000  -13.085 1.00 33.32 ? 42 ALA B N   1 
ATOM   486  C CA  . ALA B 1 16 ? -7.901  -1.444  -12.465 1.00 31.23 ? 42 ALA B CA  1 
ATOM   487  C C   . ALA B 1 16 ? -7.602  -1.841  -11.016 1.00 31.38 ? 42 ALA B C   1 
ATOM   488  O O   . ALA B 1 16 ? -8.350  -1.500  -10.099 1.00 30.46 ? 42 ALA B O   1 
ATOM   489  C CB  . ALA B 1 16 ? -8.449  -2.617  -13.217 1.00 30.13 ? 42 ALA B CB  1 
ATOM   490  N N   . ALA B 1 17 ? -6.499  -2.560  -10.819 1.00 31.58 ? 43 ALA B N   1 
ATOM   491  C CA  . ALA B 1 17 ? -6.107  -2.989  -9.484  1.00 32.26 ? 43 ALA B CA  1 
ATOM   492  C C   . ALA B 1 17 ? -5.735  -1.779  -8.644  1.00 33.08 ? 43 ALA B C   1 
ATOM   493  O O   . ALA B 1 17 ? -6.120  -1.681  -7.475  1.00 33.20 ? 43 ALA B O   1 
ATOM   494  C CB  . ALA B 1 17 ? -4.938  -3.934  -9.562  1.00 33.95 ? 43 ALA B CB  1 
ATOM   495  N N   . LEU B 1 18 ? -4.976  -0.858  -9.231  1.00 31.69 ? 44 LEU B N   1 
ATOM   496  C CA  . LEU B 1 18 ? -4.594  0.331   -8.498  1.00 31.46 ? 44 LEU B CA  1 
ATOM   497  C C   . LEU B 1 18 ? -5.837  1.102   -8.130  1.00 33.02 ? 44 LEU B C   1 
ATOM   498  O O   . LEU B 1 18 ? -5.975  1.570   -6.998  1.00 33.06 ? 44 LEU B O   1 
ATOM   499  C CB  . LEU B 1 18 ? -3.667  1.227   -9.320  1.00 30.67 ? 44 LEU B CB  1 
ATOM   500  C CG  . LEU B 1 18 ? -2.167  0.953   -9.226  1.00 28.66 ? 44 LEU B CG  1 
ATOM   501  C CD1 . LEU B 1 18 ? -1.425  2.257   -9.443  1.00 28.33 ? 44 LEU B CD1 1 
ATOM   502  C CD2 . LEU B 1 18 ? -1.817  0.406   -7.865  1.00 28.41 ? 44 LEU B CD2 1 
ATOM   503  N N   . GLN B 1 19 ? -6.749  1.236   -9.083  1.00 34.16 ? 45 GLN B N   1 
ATOM   504  C CA  . GLN B 1 19 ? -7.980  1.956   -8.809  1.00 36.59 ? 45 GLN B CA  1 
ATOM   505  C C   . GLN B 1 19 ? -8.591  1.365   -7.547  1.00 36.37 ? 45 GLN B C   1 
ATOM   506  O O   . GLN B 1 19 ? -9.043  2.097   -6.659  1.00 35.69 ? 45 GLN B O   1 
ATOM   507  C CB  . GLN B 1 19 ? -8.948  1.836   -9.990  1.00 38.69 ? 45 GLN B CB  1 
ATOM   508  C CG  . GLN B 1 19 ? -8.496  2.595   -11.240 1.00 40.17 ? 45 GLN B CG  1 
ATOM   509  C CD  . GLN B 1 19 ? -9.354  2.294   -12.466 1.00 40.92 ? 45 GLN B CD  1 
ATOM   510  O OE1 . GLN B 1 19 ? -9.113  2.826   -13.550 1.00 41.25 ? 45 GLN B OE1 1 
ATOM   511  N NE2 . GLN B 1 19 ? -10.362 1.438   -12.296 1.00 40.34 ? 45 GLN B NE2 1 
ATOM   512  N N   . ASP B 1 20 ? -8.571  0.039   -7.456  1.00 37.09 ? 46 ASP B N   1 
ATOM   513  C CA  . ASP B 1 20 ? -9.124  -0.636  -6.285  1.00 38.04 ? 46 ASP B CA  1 
ATOM   514  C C   . ASP B 1 20 ? -8.213  -0.520  -5.063  1.00 37.43 ? 46 ASP B C   1 
ATOM   515  O O   . ASP B 1 20 ? -8.702  -0.430  -3.939  1.00 37.26 ? 46 ASP B O   1 
ATOM   516  C CB  . ASP B 1 20 ? -9.407  -2.109  -6.586  1.00 39.79 ? 46 ASP B CB  1 
ATOM   517  C CG  . ASP B 1 20 ? -10.152 -2.789  -5.460  1.00 42.51 ? 46 ASP B CG  1 
ATOM   518  O OD1 . ASP B 1 20 ? -11.177 -2.237  -5.012  1.00 45.56 ? 46 ASP B OD1 1 
ATOM   519  O OD2 . ASP B 1 20 ? -9.724  -3.870  -5.017  1.00 46.03 ? 46 ASP B OD2 1 
ATOM   520  N N   . VAL B 1 21 ? -6.897  -0.530  -5.275  1.00 35.40 ? 47 VAL B N   1 
ATOM   521  C CA  . VAL B 1 21 ? -5.966  -0.389  -4.158  1.00 34.51 ? 47 VAL B CA  1 
ATOM   522  C C   . VAL B 1 21 ? -6.159  1.007   -3.562  1.00 34.94 ? 47 VAL B C   1 
ATOM   523  O O   . VAL B 1 21 ? -6.217  1.176   -2.349  1.00 34.82 ? 47 VAL B O   1 
ATOM   524  C CB  . VAL B 1 21 ? -4.497  -0.549  -4.621  1.00 34.14 ? 47 VAL B CB  1 
ATOM   525  C CG1 . VAL B 1 21 ? -3.526  -0.098  -3.514  1.00 30.86 ? 47 VAL B CG1 1 
ATOM   526  C CG2 . VAL B 1 21 ? -4.239  -1.986  -4.980  1.00 32.43 ? 47 VAL B CG2 1 
ATOM   527  N N   . ARG B 1 22 ? -6.279  2.003   -4.432  1.00 34.29 ? 48 ARG B N   1 
ATOM   528  C CA  . ARG B 1 22 ? -6.472  3.378   -4.005  1.00 34.44 ? 48 ARG B CA  1 
ATOM   529  C C   . ARG B 1 22 ? -7.749  3.549   -3.192  1.00 35.80 ? 48 ARG B C   1 
ATOM   530  O O   . ARG B 1 22 ? -7.726  4.135   -2.114  1.00 38.35 ? 48 ARG B O   1 
ATOM   531  C CB  . ARG B 1 22 ? -6.514  4.283   -5.226  1.00 34.20 ? 48 ARG B CB  1 
ATOM   532  C CG  . ARG B 1 22 ? -6.352  5.756   -4.952  1.00 34.06 ? 48 ARG B CG  1 
ATOM   533  C CD  . ARG B 1 22 ? -6.107  6.493   -6.265  1.00 34.11 ? 48 ARG B CD  1 
ATOM   534  N NE  . ARG B 1 22 ? -7.214  6.325   -7.203  1.00 35.88 ? 48 ARG B NE  1 
ATOM   535  C CZ  . ARG B 1 22 ? -7.248  6.825   -8.437  1.00 34.82 ? 48 ARG B CZ  1 
ATOM   536  N NH1 . ARG B 1 22 ? -6.233  7.536   -8.908  1.00 32.64 ? 48 ARG B NH1 1 
ATOM   537  N NH2 . ARG B 1 22 ? -8.313  6.619   -9.200  1.00 35.79 ? 48 ARG B NH2 1 
ATOM   538  N N   . GLU B 1 23 ? -8.869  3.038   -3.695  1.00 35.39 ? 49 GLU B N   1 
ATOM   539  C CA  . GLU B 1 23 ? -10.124 3.178   -2.968  1.00 35.48 ? 49 GLU B CA  1 
ATOM   540  C C   . GLU B 1 23 ? -10.070 2.523   -1.594  1.00 34.22 ? 49 GLU B C   1 
ATOM   541  O O   . GLU B 1 23 ? -10.655 3.026   -0.636  1.00 34.66 ? 49 GLU B O   1 
ATOM   542  C CB  . GLU B 1 23 ? -11.281 2.591   -3.768  1.00 37.07 ? 49 GLU B CB  1 
ATOM   543  C CG  . GLU B 1 23 ? -12.502 2.317   -2.914  1.00 40.26 ? 49 GLU B CG  1 
ATOM   544  C CD  . GLU B 1 23 ? -13.742 2.016   -3.725  1.00 44.11 ? 49 GLU B CD  1 
ATOM   545  O OE1 . GLU B 1 23 ? -13.628 1.319   -4.759  1.00 43.90 ? 49 GLU B OE1 1 
ATOM   546  O OE2 . GLU B 1 23 ? -14.837 2.470   -3.315  1.00 47.56 ? 49 GLU B OE2 1 
ATOM   547  N N   . LEU B 1 24 ? -9.376  1.394   -1.505  1.00 33.80 ? 50 LEU B N   1 
ATOM   548  C CA  . LEU B 1 24 ? -9.238  0.682   -0.241  1.00 31.46 ? 50 LEU B CA  1 
ATOM   549  C C   . LEU B 1 24 ? -8.406  1.513   0.709   1.00 30.80 ? 50 LEU B C   1 
ATOM   550  O O   . LEU B 1 24 ? -8.725  1.597   1.887   1.00 30.42 ? 50 LEU B O   1 
ATOM   551  C CB  . LEU B 1 24 ? -8.563  -0.683  -0.440  1.00 30.00 ? 50 LEU B CB  1 
ATOM   552  C CG  . LEU B 1 24 ? -9.427  -1.884  -0.854  1.00 29.91 ? 50 LEU B CG  1 
ATOM   553  C CD1 . LEU B 1 24 ? -8.547  -2.981  -1.413  1.00 29.97 ? 50 LEU B CD1 1 
ATOM   554  C CD2 . LEU B 1 24 ? -10.222 -2.409  0.331   1.00 28.49 ? 50 LEU B CD2 1 
ATOM   555  N N   . LEU B 1 25 ? -7.346  2.137   0.198   1.00 31.09 ? 51 LEU B N   1 
ATOM   556  C CA  . LEU B 1 25 ? -6.481  2.941   1.050   1.00 32.73 ? 51 LEU B CA  1 
ATOM   557  C C   . LEU B 1 25 ? -7.217  4.170   1.553   1.00 34.69 ? 51 LEU B C   1 
ATOM   558  O O   . LEU B 1 25 ? -6.934  4.657   2.645   1.00 35.41 ? 51 LEU B O   1 
ATOM   559  C CB  . LEU B 1 25 ? -5.211  3.357   0.310   1.00 32.64 ? 51 LEU B CB  1 
ATOM   560  C CG  . LEU B 1 25 ? -3.958  3.428   1.189   1.00 31.58 ? 51 LEU B CG  1 
ATOM   561  C CD1 . LEU B 1 25 ? -3.571  2.035   1.598   1.00 34.02 ? 51 LEU B CD1 1 
ATOM   562  C CD2 . LEU B 1 25 ? -2.814  4.052   0.437   1.00 34.04 ? 51 LEU B CD2 1 
ATOM   563  N N   . ARG B 1 26 ? -8.167  4.674   0.772   1.00 35.81 ? 52 ARG B N   1 
ATOM   564  C CA  . ARG B 1 26 ? -8.933  5.834   1.216   1.00 37.50 ? 52 ARG B CA  1 
ATOM   565  C C   . ARG B 1 26 ? -9.804  5.461   2.409   1.00 37.27 ? 52 ARG B C   1 
ATOM   566  O O   . ARG B 1 26 ? -9.820  6.167   3.416   1.00 36.78 ? 52 ARG B O   1 
ATOM   567  C CB  . ARG B 1 26 ? -9.829  6.380   0.102   1.00 39.37 ? 52 ARG B CB  1 
ATOM   568  C CG  . ARG B 1 26 ? -9.116  7.214   -0.953  1.00 43.13 ? 52 ARG B CG  1 
ATOM   569  C CD  . ARG B 1 26 ? -10.102 7.645   -2.028  1.00 44.82 ? 52 ARG B CD  1 
ATOM   570  N NE  . ARG B 1 26 ? -9.450  8.036   -3.278  1.00 47.72 ? 52 ARG B NE  1 
ATOM   571  C CZ  . ARG B 1 26 ? -8.761  9.161   -3.451  1.00 49.97 ? 52 ARG B CZ  1 
ATOM   572  N NH1 . ARG B 1 26 ? -8.625  10.026  -2.448  1.00 50.37 ? 52 ARG B NH1 1 
ATOM   573  N NH2 . ARG B 1 26 ? -8.211  9.427   -4.633  1.00 50.63 ? 52 ARG B NH2 1 
ATOM   574  N N   . GLN B 1 27 ? -10.528 4.352   2.302   1.00 36.89 ? 53 GLN B N   1 
ATOM   575  C CA  . GLN B 1 27 ? -11.387 3.948   3.397   1.00 37.44 ? 53 GLN B CA  1 
ATOM   576  C C   . GLN B 1 27 ? -10.580 3.592   4.640   1.00 37.21 ? 53 GLN B C   1 
ATOM   577  O O   . GLN B 1 27 ? -10.999 3.889   5.759   1.00 36.33 ? 53 GLN B O   1 
ATOM   578  C CB  . GLN B 1 27 ? -12.269 2.771   2.986   1.00 38.96 ? 53 GLN B CB  1 
ATOM   579  C CG  . GLN B 1 27 ? -11.532 1.473   2.717   1.00 43.74 ? 53 GLN B CG  1 
ATOM   580  C CD  . GLN B 1 27 ? -12.480 0.273   2.602   1.00 46.34 ? 53 GLN B CD  1 
ATOM   581  O OE1 . GLN B 1 27 ? -13.115 -0.127  3.587   1.00 46.69 ? 53 GLN B OE1 1 
ATOM   582  N NE2 . GLN B 1 27 ? -12.584 -0.301  1.397   1.00 45.18 ? 53 GLN B NE2 1 
ATOM   583  N N   . GLN B 1 28 ? -9.414  2.980   4.440   1.00 36.78 ? 54 GLN B N   1 
ATOM   584  C CA  . GLN B 1 28 ? -8.551  2.575   5.548   1.00 34.37 ? 54 GLN B CA  1 
ATOM   585  C C   . GLN B 1 28 ? -8.063  3.780   6.311   1.00 33.45 ? 54 GLN B C   1 
ATOM   586  O O   . GLN B 1 28 ? -7.999  3.762   7.532   1.00 33.21 ? 54 GLN B O   1 
ATOM   587  C CB  . GLN B 1 28 ? -7.350  1.786   5.040   1.00 35.66 ? 54 GLN B CB  1 
ATOM   588  C CG  . GLN B 1 28 ? -6.491  1.232   6.161   1.00 37.58 ? 54 GLN B CG  1 
ATOM   589  C CD  . GLN B 1 28 ? -5.256  0.520   5.666   1.00 37.36 ? 54 GLN B CD  1 
ATOM   590  O OE1 . GLN B 1 28 ? -5.334  -0.524  5.028   1.00 37.21 ? 54 GLN B OE1 1 
ATOM   591  N NE2 . GLN B 1 28 ? -4.099  1.089   5.957   1.00 40.59 ? 54 GLN B NE2 1 
ATOM   592  N N   . VAL B 1 29 ? -7.710  4.823   5.573   1.00 32.89 ? 55 VAL B N   1 
ATOM   593  C CA  . VAL B 1 29 ? -7.240  6.069   6.158   1.00 33.41 ? 55 VAL B CA  1 
ATOM   594  C C   . VAL B 1 29 ? -8.374  6.693   6.960   1.00 34.41 ? 55 VAL B C   1 
ATOM   595  O O   . VAL B 1 29 ? -8.173  7.193   8.062   1.00 33.93 ? 55 VAL B O   1 
ATOM   596  C CB  . VAL B 1 29 ? -6.802  7.063   5.047   1.00 34.15 ? 55 VAL B CB  1 
ATOM   597  C CG1 . VAL B 1 29 ? -7.549  8.386   5.187   1.00 34.17 ? 55 VAL B CG1 1 
ATOM   598  C CG2 . VAL B 1 29 ? -5.298  7.291   5.108   1.00 34.91 ? 55 VAL B CG2 1 
ATOM   599  N N   . LYS B 1 30 ? -9.572  6.653   6.388   1.00 36.54 ? 56 LYS B N   1 
ATOM   600  C CA  . LYS B 1 30 ? -10.756 7.218   7.022   1.00 39.43 ? 56 LYS B CA  1 
ATOM   601  C C   . LYS B 1 30 ? -11.098 6.478   8.309   1.00 39.35 ? 56 LYS B C   1 
ATOM   602  O O   . LYS B 1 30 ? -11.592 7.076   9.266   1.00 38.65 ? 56 LYS B O   1 
ATOM   603  C CB  . LYS B 1 30 ? -11.947 7.171   6.050   1.00 41.84 ? 56 LYS B CB  1 
ATOM   604  C CG  . LYS B 1 30 ? -13.199 7.860   6.575   1.00 45.60 ? 56 LYS B CG  1 
ATOM   605  C CD  . LYS B 1 30 ? -14.333 7.847   5.559   1.00 49.94 ? 56 LYS B CD  1 
ATOM   606  C CE  . LYS B 1 30 ? -15.594 8.519   6.121   1.00 53.49 ? 56 LYS B CE  1 
ATOM   607  N NZ  . LYS B 1 30 ? -16.756 8.486   5.171   1.00 55.15 ? 56 LYS B NZ  1 
ATOM   608  N N   . GLU B 1 31 ? -10.826 5.173   8.312   1.00 40.81 ? 57 GLU B N   1 
ATOM   609  C CA  . GLU B 1 31 ? -11.075 4.304   9.456   1.00 39.44 ? 57 GLU B CA  1 
ATOM   610  C C   . GLU B 1 31 ? -10.064 4.528   10.557  1.00 38.13 ? 57 GLU B C   1 
ATOM   611  O O   . GLU B 1 31 ? -10.440 4.668   11.715  1.00 37.82 ? 57 GLU B O   1 
ATOM   612  C CB  . GLU B 1 31 ? -11.032 2.844   9.022   1.00 43.64 ? 57 GLU B CB  1 
ATOM   613  C CG  . GLU B 1 31 ? -12.363 2.284   8.554   1.00 48.89 ? 57 GLU B CG  1 
ATOM   614  C CD  . GLU B 1 31 ? -13.368 2.162   9.688   1.00 53.49 ? 57 GLU B CD  1 
ATOM   615  O OE1 . GLU B 1 31 ? -14.099 1.148   9.714   1.00 55.36 ? 57 GLU B OE1 1 
ATOM   616  O OE2 . GLU B 1 31 ? -13.433 3.076   10.548  1.00 55.94 ? 57 GLU B OE2 1 
ATOM   617  N N   . ILE B 1 32 ? -8.780  4.537   10.201  1.00 36.45 ? 58 ILE B N   1 
ATOM   618  C CA  . ILE B 1 32 ? -7.716  4.782   11.171  1.00 36.16 ? 58 ILE B CA  1 
ATOM   619  C C   . ILE B 1 32 ? -7.955  6.158   11.795  1.00 37.44 ? 58 ILE B C   1 
ATOM   620  O O   . ILE B 1 32 ? -7.890  6.316   13.012  1.00 36.60 ? 58 ILE B O   1 
ATOM   621  C CB  . ILE B 1 32 ? -6.309  4.741   10.492  1.00 35.07 ? 58 ILE B CB  1 
ATOM   622  C CG1 . ILE B 1 32 ? -5.898  3.284   10.253  1.00 34.56 ? 58 ILE B CG1 1 
ATOM   623  C CG2 . ILE B 1 32 ? -5.271  5.452   11.355  1.00 30.16 ? 58 ILE B CG2 1 
ATOM   624  C CD1 . ILE B 1 32 ? -4.686  3.100   9.358   1.00 33.58 ? 58 ILE B CD1 1 
ATOM   625  N N   . THR B 1 33 ? -8.240  7.153   10.956  1.00 38.61 ? 59 THR B N   1 
ATOM   626  C CA  . THR B 1 33 ? -8.516  8.497   11.456  1.00 39.79 ? 59 THR B CA  1 
ATOM   627  C C   . THR B 1 33 ? -9.533  8.421   12.589  1.00 39.34 ? 59 THR B C   1 
ATOM   628  O O   . THR B 1 33 ? -9.239  8.809   13.719  1.00 40.94 ? 59 THR B O   1 
ATOM   629  C CB  . THR B 1 33 ? -9.072  9.434   10.342  1.00 39.64 ? 59 THR B CB  1 
ATOM   630  O OG1 . THR B 1 33 ? -7.999  9.853   9.488   1.00 41.99 ? 59 THR B OG1 1 
ATOM   631  C CG2 . THR B 1 33 ? -9.705  10.671  10.946  1.00 37.18 ? 59 THR B CG2 1 
ATOM   632  N N   . PHE B 1 34 ? -10.720 7.911   12.278  1.00 38.36 ? 60 PHE B N   1 
ATOM   633  C CA  . PHE B 1 34 ? -11.794 7.781   13.256  1.00 38.84 ? 60 PHE B CA  1 
ATOM   634  C C   . PHE B 1 34 ? -11.299 7.079   14.519  1.00 39.76 ? 60 PHE B C   1 
ATOM   635  O O   . PHE B 1 34 ? -11.784 7.350   15.617  1.00 41.97 ? 60 PHE B O   1 
ATOM   636  C CB  . PHE B 1 34 ? -12.969 6.997   12.650  1.00 38.93 ? 60 PHE B CB  1 
ATOM   637  C CG  . PHE B 1 34 ? -14.144 6.860   13.572  1.00 40.41 ? 60 PHE B CG  1 
ATOM   638  C CD1 . PHE B 1 34 ? -15.221 7.727   13.479  1.00 41.55 ? 60 PHE B CD1 1 
ATOM   639  C CD2 . PHE B 1 34 ? -14.144 5.899   14.587  1.00 41.96 ? 60 PHE B CD2 1 
ATOM   640  C CE1 . PHE B 1 34 ? -16.284 7.647   14.386  1.00 42.97 ? 60 PHE B CE1 1 
ATOM   641  C CE2 . PHE B 1 34 ? -15.198 5.808   15.497  1.00 42.09 ? 60 PHE B CE2 1 
ATOM   642  C CZ  . PHE B 1 34 ? -16.271 6.687   15.397  1.00 42.74 ? 60 PHE B CZ  1 
ATOM   643  N N   . LEU B 1 35 ? -10.333 6.183   14.369  1.00 39.07 ? 61 LEU B N   1 
ATOM   644  C CA  . LEU B 1 35 ? -9.789  5.459   15.512  1.00 40.23 ? 61 LEU B CA  1 
ATOM   645  C C   . LEU B 1 35 ? -8.815  6.312   16.323  1.00 40.88 ? 61 LEU B C   1 
ATOM   646  O O   . LEU B 1 35 ? -8.674  6.130   17.525  1.00 40.01 ? 61 LEU B O   1 
ATOM   647  C CB  . LEU B 1 35 ? -9.079  4.193   15.040  1.00 41.17 ? 61 LEU B CB  1 
ATOM   648  C CG  . LEU B 1 35 ? -8.342  3.378   16.100  1.00 40.84 ? 61 LEU B CG  1 
ATOM   649  C CD1 . LEU B 1 35 ? -9.352  2.760   17.059  1.00 41.27 ? 61 LEU B CD1 1 
ATOM   650  C CD2 . LEU B 1 35 ? -7.505  2.301   15.420  1.00 40.36 ? 61 LEU B CD2 1 
ATOM   651  N N   . LYS B 1 36 ? -8.121  7.232   15.665  1.00 42.77 ? 62 LYS B N   1 
ATOM   652  C CA  . LYS B 1 36 ? -7.190  8.089   16.382  1.00 44.23 ? 62 LYS B CA  1 
ATOM   653  C C   . LYS B 1 36 ? -8.012  9.026   17.236  1.00 47.12 ? 62 LYS B C   1 
ATOM   654  O O   . LYS B 1 36 ? -7.640  9.337   18.363  1.00 49.19 ? 62 LYS B O   1 
ATOM   655  C CB  . LYS B 1 36 ? -6.339  8.926   15.428  1.00 41.87 ? 62 LYS B CB  1 
ATOM   656  C CG  . LYS B 1 36 ? -5.592  10.066  16.131  1.00 40.62 ? 62 LYS B CG  1 
ATOM   657  C CD  . LYS B 1 36 ? -5.197  11.168  15.164  1.00 38.72 ? 62 LYS B CD  1 
ATOM   658  C CE  . LYS B 1 36 ? -6.432  11.783  14.523  1.00 39.42 ? 62 LYS B CE  1 
ATOM   659  N NZ  . LYS B 1 36 ? -6.116  12.747  13.429  1.00 37.80 ? 62 LYS B NZ  1 
ATOM   660  N N   . ASN B 1 37 ? -9.132  9.486   16.694  1.00 48.84 ? 63 ASN B N   1 
ATOM   661  C CA  . ASN B 1 37 ? -9.975  10.406  17.443  1.00 52.28 ? 63 ASN B CA  1 
ATOM   662  C C   . ASN B 1 37 ? -10.543 9.722   18.680  1.00 53.42 ? 63 ASN B C   1 
ATOM   663  O O   . ASN B 1 37 ? -10.456 10.249  19.795  1.00 53.20 ? 63 ASN B O   1 
ATOM   664  C CB  . ASN B 1 37 ? -11.098 10.940  16.551  1.00 53.42 ? 63 ASN B CB  1 
ATOM   665  C CG  . ASN B 1 37 ? -10.568 11.744  15.367  1.00 55.43 ? 63 ASN B CG  1 
ATOM   666  O OD1 . ASN B 1 37 ? -9.868  12.750  15.540  1.00 55.01 ? 63 ASN B OD1 1 
ATOM   667  N ND2 . ASN B 1 37 ? -10.899 11.302  14.154  1.00 56.32 ? 63 ASN B ND2 1 
ATOM   668  N N   . THR B 1 38 ? -11.107 8.537   18.481  1.00 54.39 ? 64 THR B N   1 
ATOM   669  C CA  . THR B 1 38 ? -11.686 7.779   19.577  1.00 54.86 ? 64 THR B CA  1 
ATOM   670  C C   . THR B 1 38 ? -10.688 7.588   20.707  1.00 55.23 ? 64 THR B C   1 
ATOM   671  O O   . THR B 1 38 ? -11.018 7.779   21.872  1.00 56.13 ? 64 THR B O   1 
ATOM   672  C CB  . THR B 1 38 ? -12.181 6.405   19.095  1.00 54.90 ? 64 THR B CB  1 
ATOM   673  O OG1 . THR B 1 38 ? -13.303 6.590   18.222  1.00 54.30 ? 64 THR B OG1 1 
ATOM   674  C CG2 . THR B 1 38 ? -12.587 5.535   20.272  1.00 53.83 ? 64 THR B CG2 1 
ATOM   675  N N   . VAL B 1 39 ? -9.464  7.221   20.365  1.00 56.66 ? 65 VAL B N   1 
ATOM   676  C CA  . VAL B 1 39 ? -8.444  7.013   21.383  1.00 58.80 ? 65 VAL B CA  1 
ATOM   677  C C   . VAL B 1 39 ? -8.127  8.294   22.147  1.00 60.36 ? 65 VAL B C   1 
ATOM   678  O O   . VAL B 1 39 ? -7.769  8.242   23.322  1.00 61.06 ? 65 VAL B O   1 
ATOM   679  C CB  . VAL B 1 39 ? -7.146  6.440   20.759  1.00 59.10 ? 65 VAL B CB  1 
ATOM   680  C CG1 . VAL B 1 39 ? -5.990  6.523   21.750  1.00 59.12 ? 65 VAL B CG1 1 
ATOM   681  C CG2 . VAL B 1 39 ? -7.372  4.989   20.360  1.00 59.38 ? 65 VAL B CG2 1 
ATOM   682  N N   . MET B 1 40 ? -8.269  9.444   21.493  1.00 61.91 ? 66 MET B N   1 
ATOM   683  C CA  . MET B 1 40 ? -7.979  10.718  22.146  1.00 63.46 ? 66 MET B CA  1 
ATOM   684  C C   . MET B 1 40 ? -8.970  11.053  23.256  1.00 65.68 ? 66 MET B C   1 
ATOM   685  O O   . MET B 1 40 ? -8.574  11.432  24.361  1.00 66.52 ? 66 MET B O   1 
ATOM   686  C CB  . MET B 1 40 ? -7.962  11.858  21.125  1.00 62.14 ? 66 MET B CB  1 
ATOM   687  C CG  . MET B 1 40 ? -6.944  11.681  20.032  1.00 61.36 ? 66 MET B CG  1 
ATOM   688  S SD  . MET B 1 40 ? -6.532  13.226  19.242  1.00 61.76 ? 66 MET B SD  1 
ATOM   689  C CE  . MET B 1 40 ? -4.735  13.158  19.268  1.00 60.55 ? 66 MET B CE  1 
ATOM   690  N N   . GLU B 1 41 ? -10.260 10.915  22.965  1.00 67.12 ? 67 GLU B N   1 
ATOM   691  C CA  . GLU B 1 41 ? -11.280 11.219  23.959  1.00 69.19 ? 67 GLU B CA  1 
ATOM   692  C C   . GLU B 1 41 ? -11.416 10.058  24.951  1.00 69.48 ? 67 GLU B C   1 
ATOM   693  O O   . GLU B 1 41 ? -12.417 9.944   25.658  1.00 69.46 ? 67 GLU B O   1 
ATOM   694  C CB  . GLU B 1 41 ? -12.624 11.503  23.263  1.00 70.79 ? 67 GLU B CB  1 
ATOM   695  C CG  . GLU B 1 41 ? -13.517 12.509  24.009  1.00 72.71 ? 67 GLU B CG  1 
ATOM   696  C CD  . GLU B 1 41 ? -14.817 12.841  23.274  1.00 73.48 ? 67 GLU B CD  1 
ATOM   697  O OE1 . GLU B 1 41 ? -14.760 13.337  22.124  1.00 72.87 ? 67 GLU B OE1 1 
ATOM   698  O OE2 . GLU B 1 41 ? -15.902 12.614  23.857  1.00 73.85 ? 67 GLU B OE2 1 
ATOM   699  N N   . CYS B 1 42 ? -10.398 9.205   25.007  1.00 69.68 ? 68 CYS B N   1 
ATOM   700  C CA  . CYS B 1 42 ? -10.417 8.058   25.908  1.00 70.70 ? 68 CYS B CA  1 
ATOM   701  C C   . CYS B 1 42 ? -10.111 8.433   27.348  1.00 70.93 ? 68 CYS B C   1 
ATOM   702  O O   . CYS B 1 42 ? -8.957  8.675   27.703  1.00 70.02 ? 68 CYS B O   1 
ATOM   703  C CB  . CYS B 1 42 ? -9.417  6.996   25.454  1.00 71.87 ? 68 CYS B CB  1 
ATOM   704  S SG  . CYS B 1 42 ? -9.400  5.543   26.552  1.00 72.80 ? 68 CYS B SG  1 
ATOM   705  N N   . ASP B 1 43 ? -11.148 8.456   28.178  1.00 72.07 ? 69 ASP B N   1 
ATOM   706  C CA  . ASP B 1 43 ? -11.002 8.803   29.590  1.00 73.31 ? 69 ASP B CA  1 
ATOM   707  C C   . ASP B 1 43 ? -9.725  8.265   30.236  1.00 73.28 ? 69 ASP B C   1 
ATOM   708  O O   . ASP B 1 43 ? -8.836  9.038   30.599  1.00 72.52 ? 69 ASP B O   1 
ATOM   709  C CB  . ASP B 1 43 ? -12.227 8.321   30.378  1.00 73.23 ? 69 ASP B CB  1 
ATOM   710  C CG  . ASP B 1 43 ? -13.250 9.427   30.603  1.00 73.84 ? 69 ASP B CG  1 
ATOM   711  O OD1 . ASP B 1 43 ? -13.752 10.000  29.611  1.00 72.74 ? 69 ASP B OD1 1 
ATOM   712  O OD2 . ASP B 1 43 ? -13.550 9.721   31.781  1.00 73.92 ? 69 ASP B OD2 1 
ATOM   713  N N   . ALA B 1 44 ? -9.640  6.945   30.381  1.00 73.50 ? 70 ALA B N   1 
ATOM   714  C CA  . ALA B 1 44 ? -8.474  6.314   30.986  1.00 73.80 ? 70 ALA B CA  1 
ATOM   715  C C   . ALA B 1 44 ? -7.245  6.530   30.112  1.00 74.79 ? 70 ALA B C   1 
ATOM   716  O O   . ALA B 1 44 ? -6.681  5.579   29.567  1.00 76.22 ? 70 ALA B O   1 
ATOM   717  C CB  . ALA B 1 44 ? -8.727  4.826   31.183  1.00 72.52 ? 70 ALA B CB  1 
ATOM   718  N N   . CYS B 1 45 ? -6.843  7.789   29.982  1.00 74.61 ? 71 CYS B N   1 
ATOM   719  C CA  . CYS B 1 45 ? -5.685  8.178   29.185  1.00 74.08 ? 71 CYS B CA  1 
ATOM   720  C C   . CYS B 1 45 ? -5.293  9.612   29.537  1.00 74.19 ? 71 CYS B C   1 
ATOM   721  O O   . CYS B 1 45 ? -4.078  9.904   29.539  1.00 74.25 ? 71 CYS B O   1 
ATOM   722  C CB  . CYS B 1 45 ? -5.987  8.087   27.680  1.00 73.00 ? 71 CYS B CB  1 
ATOM   723  S SG  . CYS B 1 45 ? -5.663  6.488   26.851  1.00 71.11 ? 71 CYS B SG  1 
ATOM   724  O OXT . CYS B 1 45 ? -6.208  10.430  29.789  1.00 73.49 ? 71 CYS B OXT 1 
ATOM   725  N N   . MET C 1 1  ? -3.654  -1.501  -35.924 1.00 62.70 ? 27 MET C N   1 
ATOM   726  C CA  . MET C 1 1  ? -4.012  -0.235  -35.219 1.00 62.07 ? 27 MET C CA  1 
ATOM   727  C C   . MET C 1 1  ? -2.898  0.117   -34.238 1.00 59.87 ? 27 MET C C   1 
ATOM   728  O O   . MET C 1 1  ? -2.681  -0.598  -33.262 1.00 60.38 ? 27 MET C O   1 
ATOM   729  C CB  . MET C 1 1  ? -5.330  -0.418  -34.460 1.00 64.66 ? 27 MET C CB  1 
ATOM   730  C CG  . MET C 1 1  ? -5.932  0.867   -33.929 1.00 69.03 ? 27 MET C CG  1 
ATOM   731  S SD  . MET C 1 1  ? -7.504  0.599   -33.071 1.00 74.39 ? 27 MET C SD  1 
ATOM   732  C CE  . MET C 1 1  ? -7.019  1.013   -31.381 1.00 72.92 ? 27 MET C CE  1 
ATOM   733  N N   . ASP C 1 2  ? -2.187  1.211   -34.495 1.00 56.85 ? 28 ASP C N   1 
ATOM   734  C CA  . ASP C 1 2  ? -1.108  1.601   -33.601 1.00 53.92 ? 28 ASP C CA  1 
ATOM   735  C C   . ASP C 1 2  ? -1.623  1.761   -32.179 1.00 51.67 ? 28 ASP C C   1 
ATOM   736  O O   . ASP C 1 2  ? -2.440  2.642   -31.892 1.00 50.88 ? 28 ASP C O   1 
ATOM   737  C CB  . ASP C 1 2  ? -0.445  2.902   -34.061 1.00 54.39 ? 28 ASP C CB  1 
ATOM   738  C CG  . ASP C 1 2  ? 0.646   3.369   -33.103 1.00 54.77 ? 28 ASP C CG  1 
ATOM   739  O OD1 . ASP C 1 2  ? 1.274   2.506   -32.445 1.00 53.84 ? 28 ASP C OD1 1 
ATOM   740  O OD2 . ASP C 1 2  ? 0.882   4.594   -33.018 1.00 55.56 ? 28 ASP C OD2 1 
ATOM   741  N N   . LEU C 1 3  ? -1.135  0.888   -31.298 1.00 48.81 ? 29 LEU C N   1 
ATOM   742  C CA  . LEU C 1 3  ? -1.515  0.892   -29.894 1.00 44.10 ? 29 LEU C CA  1 
ATOM   743  C C   . LEU C 1 3  ? -0.582  1.710   -29.010 1.00 41.93 ? 29 LEU C C   1 
ATOM   744  O O   . LEU C 1 3  ? -0.834  1.843   -27.817 1.00 41.02 ? 29 LEU C O   1 
ATOM   745  C CB  . LEU C 1 3  ? -1.575  -0.537  -29.359 1.00 42.76 ? 29 LEU C CB  1 
ATOM   746  C CG  . LEU C 1 3  ? -2.768  -1.406  -29.757 1.00 42.01 ? 29 LEU C CG  1 
ATOM   747  C CD1 . LEU C 1 3  ? -2.749  -2.680  -28.926 1.00 39.92 ? 29 LEU C CD1 1 
ATOM   748  C CD2 . LEU C 1 3  ? -4.070  -0.658  -29.506 1.00 42.20 ? 29 LEU C CD2 1 
ATOM   749  N N   . ALA C 1 4  ? 0.488   2.263   -29.572 1.00 39.23 ? 30 ALA C N   1 
ATOM   750  C CA  . ALA C 1 4  ? 1.404   3.044   -28.751 1.00 39.13 ? 30 ALA C CA  1 
ATOM   751  C C   . ALA C 1 4  ? 0.689   4.165   -28.002 1.00 38.72 ? 30 ALA C C   1 
ATOM   752  O O   . ALA C 1 4  ? 0.779   4.256   -26.778 1.00 40.56 ? 30 ALA C O   1 
ATOM   753  C CB  . ALA C 1 4  ? 2.524   3.614   -29.588 1.00 39.40 ? 30 ALA C CB  1 
ATOM   754  N N   . PRO C 1 5  ? -0.052  5.025   -28.716 1.00 38.42 ? 31 PRO C N   1 
ATOM   755  C CA  . PRO C 1 5  ? -0.740  6.110   -28.002 1.00 37.30 ? 31 PRO C CA  1 
ATOM   756  C C   . PRO C 1 5  ? -1.546  5.674   -26.776 1.00 35.64 ? 31 PRO C C   1 
ATOM   757  O O   . PRO C 1 5  ? -1.534  6.325   -25.739 1.00 34.70 ? 31 PRO C O   1 
ATOM   758  C CB  . PRO C 1 5  ? -1.620  6.728   -29.086 1.00 35.88 ? 31 PRO C CB  1 
ATOM   759  C CG  . PRO C 1 5  ? -0.789  6.517   -30.327 1.00 35.80 ? 31 PRO C CG  1 
ATOM   760  C CD  . PRO C 1 5  ? -0.324  5.093   -30.164 1.00 36.41 ? 31 PRO C CD  1 
ATOM   761  N N   . GLN C 1 6  ? -2.240  4.556   -26.890 1.00 36.51 ? 32 GLN C N   1 
ATOM   762  C CA  . GLN C 1 6  ? -3.063  4.091   -25.783 1.00 37.11 ? 32 GLN C CA  1 
ATOM   763  C C   . GLN C 1 6  ? -2.275  3.606   -24.587 1.00 37.02 ? 32 GLN C C   1 
ATOM   764  O O   . GLN C 1 6  ? -2.654  3.852   -23.447 1.00 37.42 ? 32 GLN C O   1 
ATOM   765  C CB  . GLN C 1 6  ? -3.987  2.976   -26.239 1.00 35.65 ? 32 GLN C CB  1 
ATOM   766  C CG  . GLN C 1 6  ? -5.156  2.841   -25.331 1.00 36.15 ? 32 GLN C CG  1 
ATOM   767  C CD  . GLN C 1 6  ? -5.994  1.661   -25.666 1.00 37.25 ? 32 GLN C CD  1 
ATOM   768  O OE1 . GLN C 1 6  ? -6.307  1.416   -26.836 1.00 38.54 ? 32 GLN C OE1 1 
ATOM   769  N NE2 . GLN C 1 6  ? -6.385  0.910   -24.641 1.00 36.74 ? 32 GLN C NE2 1 
ATOM   770  N N   . MET C 1 7  ? -1.191  2.891   -24.849 1.00 37.50 ? 33 MET C N   1 
ATOM   771  C CA  . MET C 1 7  ? -0.371  2.385   -23.776 1.00 36.12 ? 33 MET C CA  1 
ATOM   772  C C   . MET C 1 7  ? 0.217   3.576   -23.053 1.00 35.38 ? 33 MET C C   1 
ATOM   773  O O   . MET C 1 7  ? 0.353   3.549   -21.829 1.00 34.42 ? 33 MET C O   1 
ATOM   774  C CB  . MET C 1 7  ? 0.706   1.465   -24.340 1.00 37.71 ? 33 MET C CB  1 
ATOM   775  C CG  . MET C 1 7  ? 0.088   0.273   -25.070 1.00 41.07 ? 33 MET C CG  1 
ATOM   776  S SD  . MET C 1 7  ? 1.250   -0.930  -25.730 1.00 42.38 ? 33 MET C SD  1 
ATOM   777  C CE  . MET C 1 7  ? 1.753   -1.726  -24.201 1.00 44.15 ? 33 MET C CE  1 
ATOM   778  N N   . LEU C 1 8  ? 0.535   4.635   -23.801 1.00 34.43 ? 34 LEU C N   1 
ATOM   779  C CA  . LEU C 1 8  ? 1.080   5.845   -23.187 1.00 33.53 ? 34 LEU C CA  1 
ATOM   780  C C   . LEU C 1 8  ? 0.038   6.411   -22.221 1.00 34.24 ? 34 LEU C C   1 
ATOM   781  O O   . LEU C 1 8  ? 0.376   6.812   -21.109 1.00 36.29 ? 34 LEU C O   1 
ATOM   782  C CB  . LEU C 1 8  ? 1.436   6.890   -24.241 1.00 32.94 ? 34 LEU C CB  1 
ATOM   783  C CG  . LEU C 1 8  ? 2.465   7.950   -23.827 1.00 33.04 ? 34 LEU C CG  1 
ATOM   784  C CD1 . LEU C 1 8  ? 2.949   8.719   -25.039 1.00 31.00 ? 34 LEU C CD1 1 
ATOM   785  C CD2 . LEU C 1 8  ? 1.862   8.882   -22.826 1.00 34.87 ? 34 LEU C CD2 1 
ATOM   786  N N   . ARG C 1 9  ? -1.227  6.434   -22.635 1.00 33.31 ? 35 ARG C N   1 
ATOM   787  C CA  . ARG C 1 9  ? -2.286  6.925   -21.756 1.00 33.55 ? 35 ARG C CA  1 
ATOM   788  C C   . ARG C 1 9  ? -2.366  6.050   -20.510 1.00 33.29 ? 35 ARG C C   1 
ATOM   789  O O   . ARG C 1 9  ? -2.583  6.548   -19.413 1.00 34.92 ? 35 ARG C O   1 
ATOM   790  C CB  . ARG C 1 9  ? -3.641  6.934   -22.476 1.00 34.19 ? 35 ARG C CB  1 
ATOM   791  C CG  . ARG C 1 9  ? -3.751  8.013   -23.542 1.00 37.19 ? 35 ARG C CG  1 
ATOM   792  C CD  . ARG C 1 9  ? -5.173  8.195   -24.032 1.00 39.99 ? 35 ARG C CD  1 
ATOM   793  N NE  . ARG C 1 9  ? -5.564  7.175   -24.997 1.00 42.90 ? 35 ARG C NE  1 
ATOM   794  C CZ  . ARG C 1 9  ? -5.083  7.089   -26.234 1.00 44.29 ? 35 ARG C CZ  1 
ATOM   795  N NH1 . ARG C 1 9  ? -4.186  7.969   -26.669 1.00 44.95 ? 35 ARG C NH1 1 
ATOM   796  N NH2 . ARG C 1 9  ? -5.498  6.120   -27.040 1.00 44.18 ? 35 ARG C NH2 1 
ATOM   797  N N   . GLU C 1 10 ? -2.186  4.743   -20.672 1.00 33.25 ? 36 GLU C N   1 
ATOM   798  C CA  . GLU C 1 10 ? -2.230  3.843   -19.528 1.00 32.77 ? 36 GLU C CA  1 
ATOM   799  C C   . GLU C 1 10 ? -1.112  4.162   -18.545 1.00 32.64 ? 36 GLU C C   1 
ATOM   800  O O   . GLU C 1 10 ? -1.363  4.373   -17.368 1.00 33.54 ? 36 GLU C O   1 
ATOM   801  C CB  . GLU C 1 10 ? -2.079  2.391   -19.962 1.00 32.58 ? 36 GLU C CB  1 
ATOM   802  C CG  . GLU C 1 10 ? -3.246  1.828   -20.731 1.00 34.17 ? 36 GLU C CG  1 
ATOM   803  C CD  . GLU C 1 10 ? -4.512  1.854   -19.931 1.00 32.79 ? 36 GLU C CD  1 
ATOM   804  O OE1 . GLU C 1 10 ? -4.431  1.687   -18.703 1.00 31.90 ? 36 GLU C OE1 1 
ATOM   805  O OE2 . GLU C 1 10 ? -5.589  2.029   -20.526 1.00 34.66 ? 36 GLU C OE2 1 
ATOM   806  N N   . LEU C 1 11 ? 0.126   4.189   -19.023 1.00 30.51 ? 37 LEU C N   1 
ATOM   807  C CA  . LEU C 1 11 ? 1.239   4.467   -18.139 1.00 31.74 ? 37 LEU C CA  1 
ATOM   808  C C   . LEU C 1 11 ? 0.976   5.719   -17.325 1.00 33.71 ? 37 LEU C C   1 
ATOM   809  O O   . LEU C 1 11 ? 1.087   5.708   -16.097 1.00 35.47 ? 37 LEU C O   1 
ATOM   810  C CB  . LEU C 1 11 ? 2.529   4.628   -18.934 1.00 31.34 ? 37 LEU C CB  1 
ATOM   811  C CG  . LEU C 1 11 ? 2.962   3.366   -19.682 1.00 30.82 ? 37 LEU C CG  1 
ATOM   812  C CD1 . LEU C 1 11 ? 4.187   3.650   -20.553 1.00 30.07 ? 37 LEU C CD1 1 
ATOM   813  C CD2 . LEU C 1 11 ? 3.247   2.274   -18.674 1.00 28.41 ? 37 LEU C CD2 1 
ATOM   814  N N   . GLN C 1 12 ? 0.614   6.795   -18.007 1.00 33.61 ? 38 GLN C N   1 
ATOM   815  C CA  . GLN C 1 12 ? 0.328   8.054   -17.335 1.00 33.97 ? 38 GLN C CA  1 
ATOM   816  C C   . GLN C 1 12 ? -0.704  7.879   -16.219 1.00 34.19 ? 38 GLN C C   1 
ATOM   817  O O   . GLN C 1 12 ? -0.529  8.410   -15.121 1.00 35.26 ? 38 GLN C O   1 
ATOM   818  C CB  . GLN C 1 12 ? -0.135  9.078   -18.375 1.00 33.73 ? 38 GLN C CB  1 
ATOM   819  C CG  . GLN C 1 12 ? 0.865   9.180   -19.503 1.00 33.19 ? 38 GLN C CG  1 
ATOM   820  C CD  . GLN C 1 12 ? 0.541   10.242  -20.511 1.00 34.27 ? 38 GLN C CD  1 
ATOM   821  O OE1 . GLN C 1 12 ? -0.404  10.115  -21.291 1.00 36.89 ? 38 GLN C OE1 1 
ATOM   822  N NE2 . GLN C 1 12 ? 1.335   11.303  -20.513 1.00 34.23 ? 38 GLN C NE2 1 
ATOM   823  N N   . GLU C 1 13 ? -1.770  7.130   -16.500 1.00 33.76 ? 39 GLU C N   1 
ATOM   824  C CA  . GLU C 1 13 ? -2.809  6.851   -15.508 1.00 35.48 ? 39 GLU C CA  1 
ATOM   825  C C   . GLU C 1 13 ? -2.231  6.042   -14.336 1.00 35.66 ? 39 GLU C C   1 
ATOM   826  O O   . GLU C 1 13 ? -2.677  6.169   -13.192 1.00 36.10 ? 39 GLU C O   1 
ATOM   827  C CB  . GLU C 1 13 ? -3.954  6.063   -16.150 1.00 38.46 ? 39 GLU C CB  1 
ATOM   828  C CG  . GLU C 1 13 ? -5.089  5.723   -15.188 1.00 42.17 ? 39 GLU C CG  1 
ATOM   829  C CD  . GLU C 1 13 ? -5.739  6.961   -14.593 1.00 44.10 ? 39 GLU C CD  1 
ATOM   830  O OE1 . GLU C 1 13 ? -5.676  7.131   -13.356 1.00 44.70 ? 39 GLU C OE1 1 
ATOM   831  O OE2 . GLU C 1 13 ? -6.311  7.764   -15.366 1.00 46.07 ? 39 GLU C OE2 1 
ATOM   832  N N   . THR C 1 14 ? -1.246  5.199   -14.632 1.00 35.14 ? 40 THR C N   1 
ATOM   833  C CA  . THR C 1 14 ? -0.587  4.401   -13.614 1.00 32.49 ? 40 THR C CA  1 
ATOM   834  C C   . THR C 1 14 ? 0.192   5.333   -12.695 1.00 32.12 ? 40 THR C C   1 
ATOM   835  O O   . THR C 1 14 ? 0.332   5.080   -11.504 1.00 30.92 ? 40 THR C O   1 
ATOM   836  C CB  . THR C 1 14 ? 0.367   3.402   -14.252 1.00 30.95 ? 40 THR C CB  1 
ATOM   837  O OG1 . THR C 1 14 ? -0.394  2.480   -15.033 1.00 30.75 ? 40 THR C OG1 1 
ATOM   838  C CG2 . THR C 1 14 ? 1.146   2.636   -13.189 1.00 31.82 ? 40 THR C CG2 1 
ATOM   839  N N   . ASN C 1 15 ? 0.705   6.419   -13.253 1.00 31.16 ? 41 ASN C N   1 
ATOM   840  C CA  . ASN C 1 15 ? 1.430   7.357   -12.436 1.00 31.46 ? 41 ASN C CA  1 
ATOM   841  C C   . ASN C 1 15 ? 0.468   8.277   -11.717 1.00 32.41 ? 41 ASN C C   1 
ATOM   842  O O   . ASN C 1 15 ? 0.716   8.664   -10.582 1.00 35.44 ? 41 ASN C O   1 
ATOM   843  C CB  . ASN C 1 15 ? 2.427   8.148   -13.276 1.00 30.76 ? 41 ASN C CB  1 
ATOM   844  C CG  . ASN C 1 15 ? 3.729   7.390   -13.469 1.00 32.56 ? 41 ASN C CG  1 
ATOM   845  O OD1 . ASN C 1 15 ? 4.232   6.760   -12.535 1.00 31.79 ? 41 ASN C OD1 1 
ATOM   846  N ND2 . ASN C 1 15 ? 4.284   7.448   -14.674 1.00 30.74 ? 41 ASN C ND2 1 
ATOM   847  N N   . ALA C 1 16 ? -0.643  8.622   -12.355 1.00 32.37 ? 42 ALA C N   1 
ATOM   848  C CA  . ALA C 1 16 ? -1.612  9.494   -11.706 1.00 31.73 ? 42 ALA C CA  1 
ATOM   849  C C   . ALA C 1 16 ? -2.060  8.805   -10.427 1.00 32.62 ? 42 ALA C C   1 
ATOM   850  O O   . ALA C 1 16 ? -1.955  9.357   -9.334  1.00 33.28 ? 42 ALA C O   1 
ATOM   851  C CB  . ALA C 1 16 ? -2.789  9.722   -12.608 1.00 32.20 ? 42 ALA C CB  1 
ATOM   852  N N   . ALA C 1 17 ? -2.544  7.577   -10.580 1.00 32.91 ? 43 ALA C N   1 
ATOM   853  C CA  . ALA C 1 17 ? -3.011  6.790   -9.454  1.00 33.22 ? 43 ALA C CA  1 
ATOM   854  C C   . ALA C 1 17 ? -1.932  6.587   -8.400  1.00 33.73 ? 43 ALA C C   1 
ATOM   855  O O   . ALA C 1 17 ? -2.175  6.821   -7.222  1.00 35.00 ? 43 ALA C O   1 
ATOM   856  C CB  . ALA C 1 17 ? -3.524  5.443   -9.941  1.00 32.09 ? 43 ALA C CB  1 
ATOM   857  N N   . LEU C 1 18 ? -0.747  6.145   -8.811  1.00 34.37 ? 44 LEU C N   1 
ATOM   858  C CA  . LEU C 1 18 ? 0.327   5.919   -7.850  1.00 36.85 ? 44 LEU C CA  1 
ATOM   859  C C   . LEU C 1 18 ? 0.537   7.155   -6.984  1.00 38.32 ? 44 LEU C C   1 
ATOM   860  O O   . LEU C 1 18 ? 0.797   7.040   -5.794  1.00 39.56 ? 44 LEU C O   1 
ATOM   861  C CB  . LEU C 1 18 ? 1.631   5.563   -8.561  1.00 36.98 ? 44 LEU C CB  1 
ATOM   862  C CG  . LEU C 1 18 ? 2.323   4.277   -8.096  1.00 35.53 ? 44 LEU C CG  1 
ATOM   863  C CD1 . LEU C 1 18 ? 3.564   4.043   -8.921  1.00 34.99 ? 44 LEU C CD1 1 
ATOM   864  C CD2 . LEU C 1 18 ? 2.690   4.376   -6.639  1.00 36.20 ? 44 LEU C CD2 1 
ATOM   865  N N   . GLN C 1 19 ? 0.412   8.337   -7.577  1.00 38.87 ? 45 GLN C N   1 
ATOM   866  C CA  . GLN C 1 19 ? 0.572   9.571   -6.823  1.00 40.11 ? 45 GLN C CA  1 
ATOM   867  C C   . GLN C 1 19 ? -0.469  9.663   -5.707  1.00 40.47 ? 45 GLN C C   1 
ATOM   868  O O   . GLN C 1 19 ? -0.191  10.190  -4.632  1.00 40.38 ? 45 GLN C O   1 
ATOM   869  C CB  . GLN C 1 19 ? 0.460   10.777  -7.751  1.00 42.73 ? 45 GLN C CB  1 
ATOM   870  C CG  . GLN C 1 19 ? 1.667   10.964  -8.657  1.00 46.37 ? 45 GLN C CG  1 
ATOM   871  C CD  . GLN C 1 19 ? 1.567   12.224  -9.499  1.00 50.13 ? 45 GLN C CD  1 
ATOM   872  O OE1 . GLN C 1 19 ? 0.651   12.376  -10.321 1.00 51.14 ? 45 GLN C OE1 1 
ATOM   873  N NE2 . GLN C 1 19 ? 2.508   13.140  -9.297  1.00 50.85 ? 45 GLN C NE2 1 
ATOM   874  N N   . ASP C 1 20 ? -1.672  9.161   -5.973  1.00 40.41 ? 46 ASP C N   1 
ATOM   875  C CA  . ASP C 1 20 ? -2.730  9.153   -4.973  1.00 40.91 ? 46 ASP C CA  1 
ATOM   876  C C   . ASP C 1 20 ? -2.295  8.230   -3.859  1.00 40.70 ? 46 ASP C C   1 
ATOM   877  O O   . ASP C 1 20 ? -2.214  8.629   -2.703  1.00 42.08 ? 46 ASP C O   1 
ATOM   878  C CB  . ASP C 1 20 ? -4.023  8.598   -5.547  1.00 43.28 ? 46 ASP C CB  1 
ATOM   879  C CG  . ASP C 1 20 ? -4.795  9.616   -6.329  1.00 45.61 ? 46 ASP C CG  1 
ATOM   880  O OD1 . ASP C 1 20 ? -4.153  10.392  -7.067  1.00 47.99 ? 46 ASP C OD1 1 
ATOM   881  O OD2 . ASP C 1 20 ? -6.043  9.628   -6.215  1.00 45.72 ? 46 ASP C OD2 1 
ATOM   882  N N   . VAL C 1 21 ? -2.026  6.982   -4.217  1.00 39.93 ? 47 VAL C N   1 
ATOM   883  C CA  . VAL C 1 21 ? -1.602  5.997   -3.234  1.00 39.58 ? 47 VAL C CA  1 
ATOM   884  C C   . VAL C 1 21 ? -0.445  6.547   -2.409  1.00 38.84 ? 47 VAL C C   1 
ATOM   885  O O   . VAL C 1 21 ? -0.434  6.419   -1.184  1.00 40.03 ? 47 VAL C O   1 
ATOM   886  C CB  . VAL C 1 21 ? -1.199  4.663   -3.919  1.00 39.91 ? 47 VAL C CB  1 
ATOM   887  C CG1 . VAL C 1 21 ? -0.540  3.718   -2.923  1.00 37.33 ? 47 VAL C CG1 1 
ATOM   888  C CG2 . VAL C 1 21 ? -2.442  4.005   -4.505  1.00 39.59 ? 47 VAL C CG2 1 
ATOM   889  N N   . ARG C 1 22 ? 0.510   7.188   -3.068  1.00 37.07 ? 48 ARG C N   1 
ATOM   890  C CA  . ARG C 1 22 ? 1.648   7.740   -2.356  1.00 36.39 ? 48 ARG C CA  1 
ATOM   891  C C   . ARG C 1 22 ? 1.259   8.908   -1.465  1.00 36.17 ? 48 ARG C C   1 
ATOM   892  O O   . ARG C 1 22 ? 1.856   9.147   -0.416  1.00 37.89 ? 48 ARG C O   1 
ATOM   893  C CB  . ARG C 1 22 ? 2.721   8.197   -3.327  1.00 34.59 ? 48 ARG C CB  1 
ATOM   894  C CG  . ARG C 1 22 ? 3.877   8.816   -2.592  1.00 36.97 ? 48 ARG C CG  1 
ATOM   895  C CD  . ARG C 1 22 ? 5.106   8.895   -3.446  1.00 38.45 ? 48 ARG C CD  1 
ATOM   896  N NE  . ARG C 1 22 ? 4.898   9.715   -4.625  1.00 36.90 ? 48 ARG C NE  1 
ATOM   897  C CZ  . ARG C 1 22 ? 5.884   10.241  -5.329  1.00 37.50 ? 48 ARG C CZ  1 
ATOM   898  N NH1 . ARG C 1 22 ? 7.144   10.027  -4.968  1.00 37.76 ? 48 ARG C NH1 1 
ATOM   899  N NH2 . ARG C 1 22 ? 5.606   10.984  -6.387  1.00 39.41 ? 48 ARG C NH2 1 
ATOM   900  N N   . GLU C 1 23 ? 0.251   9.640   -1.891  1.00 35.26 ? 49 GLU C N   1 
ATOM   901  C CA  . GLU C 1 23 ? -0.211  10.788  -1.139  1.00 34.69 ? 49 GLU C CA  1 
ATOM   902  C C   . GLU C 1 23 ? -1.081  10.355  0.027   1.00 33.36 ? 49 GLU C C   1 
ATOM   903  O O   . GLU C 1 23 ? -1.017  10.935  1.104   1.00 34.41 ? 49 GLU C O   1 
ATOM   904  C CB  . GLU C 1 23 ? -0.987  11.698  -2.079  1.00 36.75 ? 49 GLU C CB  1 
ATOM   905  C CG  . GLU C 1 23 ? -1.685  12.853  -1.439  1.00 38.55 ? 49 GLU C CG  1 
ATOM   906  C CD  . GLU C 1 23 ? -1.883  13.964  -2.435  1.00 40.74 ? 49 GLU C CD  1 
ATOM   907  O OE1 . GLU C 1 23 ? -2.829  14.763  -2.262  1.00 42.58 ? 49 GLU C OE1 1 
ATOM   908  O OE2 . GLU C 1 23 ? -1.071  14.034  -3.388  1.00 40.30 ? 49 GLU C OE2 1 
ATOM   909  N N   . LEU C 1 24 ? -1.895  9.328   -0.200  1.00 31.67 ? 50 LEU C N   1 
ATOM   910  C CA  . LEU C 1 24 ? -2.779  8.805   0.824   1.00 29.77 ? 50 LEU C CA  1 
ATOM   911  C C   . LEU C 1 24 ? -1.958  8.077   1.869   1.00 29.08 ? 50 LEU C C   1 
ATOM   912  O O   . LEU C 1 24 ? -2.297  8.078   3.044   1.00 30.04 ? 50 LEU C O   1 
ATOM   913  C CB  . LEU C 1 24 ? -3.806  7.852   0.201   1.00 29.33 ? 50 LEU C CB  1 
ATOM   914  C CG  . LEU C 1 24 ? -5.025  8.443   -0.522  1.00 28.43 ? 50 LEU C CG  1 
ATOM   915  C CD1 . LEU C 1 24 ? -5.459  7.523   -1.643  1.00 30.27 ? 50 LEU C CD1 1 
ATOM   916  C CD2 . LEU C 1 24 ? -6.172  8.634   0.454   1.00 27.30 ? 50 LEU C CD2 1 
ATOM   917  N N   . LEU C 1 25 ? -0.863  7.466   1.444   1.00 29.88 ? 51 LEU C N   1 
ATOM   918  C CA  . LEU C 1 25 ? -0.001  6.741   2.368   1.00 29.69 ? 51 LEU C CA  1 
ATOM   919  C C   . LEU C 1 25 ? 0.660   7.652   3.408   1.00 30.31 ? 51 LEU C C   1 
ATOM   920  O O   . LEU C 1 25 ? 0.505   7.450   4.614   1.00 30.03 ? 51 LEU C O   1 
ATOM   921  C CB  . LEU C 1 25 ? 1.082   5.986   1.599   1.00 27.74 ? 51 LEU C CB  1 
ATOM   922  C CG  . LEU C 1 25 ? 1.173   4.512   1.986   1.00 28.55 ? 51 LEU C CG  1 
ATOM   923  C CD1 . LEU C 1 25 ? 2.361   3.882   1.301   1.00 29.19 ? 51 LEU C CD1 1 
ATOM   924  C CD2 . LEU C 1 25 ? 1.304   4.373   3.488   1.00 29.07 ? 51 LEU C CD2 1 
ATOM   925  N N   . ARG C 1 26 ? 1.390   8.660   2.944   1.00 31.38 ? 52 ARG C N   1 
ATOM   926  C CA  . ARG C 1 26 ? 2.076   9.564   3.855   1.00 30.89 ? 52 ARG C CA  1 
ATOM   927  C C   . ARG C 1 26 ? 1.157   10.229  4.845   1.00 30.54 ? 52 ARG C C   1 
ATOM   928  O O   . ARG C 1 26 ? 1.580   10.550  5.949   1.00 31.92 ? 52 ARG C O   1 
ATOM   929  C CB  . ARG C 1 26 ? 2.872   10.617  3.085   1.00 32.28 ? 52 ARG C CB  1 
ATOM   930  C CG  . ARG C 1 26 ? 2.092   11.362  2.064   1.00 31.40 ? 52 ARG C CG  1 
ATOM   931  C CD  . ARG C 1 26 ? 2.990   12.358  1.359   1.00 33.63 ? 52 ARG C CD  1 
ATOM   932  N NE  . ARG C 1 26 ? 4.145   11.746  0.707   1.00 31.41 ? 52 ARG C NE  1 
ATOM   933  C CZ  . ARG C 1 26 ? 4.549   12.070  -0.518  1.00 34.31 ? 52 ARG C CZ  1 
ATOM   934  N NH1 . ARG C 1 26 ? 3.888   12.986  -1.210  1.00 35.82 ? 52 ARG C NH1 1 
ATOM   935  N NH2 . ARG C 1 26 ? 5.614   11.489  -1.057  1.00 36.55 ? 52 ARG C NH2 1 
ATOM   936  N N   . GLN C 1 27 ? -0.093  10.457  4.468   1.00 29.82 ? 53 GLN C N   1 
ATOM   937  C CA  . GLN C 1 27 ? -1.021  11.048  5.423   1.00 30.25 ? 53 GLN C CA  1 
ATOM   938  C C   . GLN C 1 27 ? -1.299  9.988   6.496   1.00 30.51 ? 53 GLN C C   1 
ATOM   939  O O   . GLN C 1 27 ? -1.216  10.253  7.697   1.00 30.04 ? 53 GLN C O   1 
ATOM   940  C CB  . GLN C 1 27 ? -2.333  11.432  4.746   1.00 31.77 ? 53 GLN C CB  1 
ATOM   941  C CG  . GLN C 1 27 ? -3.291  12.175  5.668   1.00 32.81 ? 53 GLN C CG  1 
ATOM   942  C CD  . GLN C 1 27 ? -2.668  13.453  6.234   1.00 36.05 ? 53 GLN C CD  1 
ATOM   943  O OE1 . GLN C 1 27 ? -2.236  14.339  5.479   1.00 34.01 ? 53 GLN C OE1 1 
ATOM   944  N NE2 . GLN C 1 27 ? -2.617  13.553  7.564   1.00 32.98 ? 53 GLN C NE2 1 
ATOM   945  N N   . GLN C 1 28 ? -1.622  8.778   6.047   1.00 29.01 ? 54 GLN C N   1 
ATOM   946  C CA  . GLN C 1 28 ? -1.906  7.689   6.962   1.00 28.23 ? 54 GLN C CA  1 
ATOM   947  C C   . GLN C 1 28 ? -0.758  7.450   7.936   1.00 27.45 ? 54 GLN C C   1 
ATOM   948  O O   . GLN C 1 28 ? -0.976  7.115   9.095   1.00 26.77 ? 54 GLN C O   1 
ATOM   949  C CB  . GLN C 1 28 ? -2.212  6.415   6.174   1.00 28.26 ? 54 GLN C CB  1 
ATOM   950  C CG  . GLN C 1 28 ? -2.322  5.167   7.020   1.00 27.79 ? 54 GLN C CG  1 
ATOM   951  C CD  . GLN C 1 28 ? -2.780  3.978   6.209   1.00 30.53 ? 54 GLN C CD  1 
ATOM   952  O OE1 . GLN C 1 28 ? -3.979  3.782   5.997   1.00 30.74 ? 54 GLN C OE1 1 
ATOM   953  N NE2 . GLN C 1 28 ? -1.827  3.185   5.731   1.00 27.98 ? 54 GLN C NE2 1 
ATOM   954  N N   . VAL C 1 29 ? 0.472   7.616   7.480   1.00 27.84 ? 55 VAL C N   1 
ATOM   955  C CA  . VAL C 1 29 ? 1.584   7.410   8.384   1.00 29.03 ? 55 VAL C CA  1 
ATOM   956  C C   . VAL C 1 29 ? 1.461   8.436   9.505   1.00 30.10 ? 55 VAL C C   1 
ATOM   957  O O   . VAL C 1 29 ? 1.656   8.123   10.686  1.00 29.68 ? 55 VAL C O   1 
ATOM   958  C CB  . VAL C 1 29 ? 2.918   7.584   7.662   1.00 28.99 ? 55 VAL C CB  1 
ATOM   959  C CG1 . VAL C 1 29 ? 4.038   7.381   8.627   1.00 29.59 ? 55 VAL C CG1 1 
ATOM   960  C CG2 . VAL C 1 29 ? 3.029   6.568   6.527   1.00 30.40 ? 55 VAL C CG2 1 
ATOM   961  N N   . LYS C 1 30 ? 1.104   9.661   9.127   1.00 29.68 ? 56 LYS C N   1 
ATOM   962  C CA  . LYS C 1 30 ? 0.942   10.737  10.092  1.00 28.42 ? 56 LYS C CA  1 
ATOM   963  C C   . LYS C 1 30 ? -0.056  10.334  11.153  1.00 28.77 ? 56 LYS C C   1 
ATOM   964  O O   . LYS C 1 30 ? 0.212   10.486  12.344  1.00 29.90 ? 56 LYS C O   1 
ATOM   965  C CB  . LYS C 1 30 ? 0.468   12.014  9.401   1.00 30.09 ? 56 LYS C CB  1 
ATOM   966  C CG  . LYS C 1 30 ? 1.523   12.671  8.505   1.00 31.76 ? 56 LYS C CG  1 
ATOM   967  C CD  . LYS C 1 30 ? 0.988   13.903  7.781   1.00 29.59 ? 56 LYS C CD  1 
ATOM   968  C CE  . LYS C 1 30 ? 2.076   14.551  6.947   1.00 30.74 ? 56 LYS C CE  1 
ATOM   969  N NZ  . LYS C 1 30 ? 2.773   13.562  6.090   1.00 30.86 ? 56 LYS C NZ  1 
ATOM   970  N N   . GLU C 1 31 ? -1.206  9.821   10.715  1.00 28.43 ? 57 GLU C N   1 
ATOM   971  C CA  . GLU C 1 31 ? -2.262  9.377   11.625  1.00 29.50 ? 57 GLU C CA  1 
ATOM   972  C C   . GLU C 1 31 ? -1.786  8.221   12.510  1.00 30.46 ? 57 GLU C C   1 
ATOM   973  O O   . GLU C 1 31 ? -2.088  8.176   13.703  1.00 30.57 ? 57 GLU C O   1 
ATOM   974  C CB  . GLU C 1 31 ? -3.493  8.914   10.846  1.00 28.65 ? 57 GLU C CB  1 
ATOM   975  C CG  . GLU C 1 31 ? -4.033  9.897   9.844   1.00 27.86 ? 57 GLU C CG  1 
ATOM   976  C CD  . GLU C 1 31 ? -4.278  11.242  10.451  1.00 29.42 ? 57 GLU C CD  1 
ATOM   977  O OE1 . GLU C 1 31 ? -4.708  11.298  11.616  1.00 31.01 ? 57 GLU C OE1 1 
ATOM   978  O OE2 . GLU C 1 31 ? -4.044  12.254  9.767   1.00 30.50 ? 57 GLU C OE2 1 
ATOM   979  N N   . ILE C 1 32 ? -1.043  7.286   11.928  1.00 30.82 ? 58 ILE C N   1 
ATOM   980  C CA  . ILE C 1 32 ? -0.564  6.163   12.704  1.00 33.16 ? 58 ILE C CA  1 
ATOM   981  C C   . ILE C 1 32 ? 0.401   6.638   13.776  1.00 34.85 ? 58 ILE C C   1 
ATOM   982  O O   . ILE C 1 32 ? 0.411   6.122   14.895  1.00 35.34 ? 58 ILE C O   1 
ATOM   983  C CB  . ILE C 1 32 ? 0.077   5.111   11.804  1.00 32.92 ? 58 ILE C CB  1 
ATOM   984  C CG1 . ILE C 1 32 ? -1.006  4.518   10.902  1.00 33.93 ? 58 ILE C CG1 1 
ATOM   985  C CG2 . ILE C 1 32 ? 0.694   4.006   12.637  1.00 30.54 ? 58 ILE C CG2 1 
ATOM   986  C CD1 . ILE C 1 32 ? -0.502  3.451   9.946   1.00 36.65 ? 58 ILE C CD1 1 
ATOM   987  N N   . THR C 1 33 ? 1.210   7.634   13.450  1.00 36.25 ? 59 THR C N   1 
ATOM   988  C CA  . THR C 1 33 ? 2.130   8.173   14.450  1.00 36.69 ? 59 THR C CA  1 
ATOM   989  C C   . THR C 1 33 ? 1.286   8.893   15.520  1.00 36.96 ? 59 THR C C   1 
ATOM   990  O O   . THR C 1 33 ? 1.439   8.628   16.711  1.00 37.54 ? 59 THR C O   1 
ATOM   991  C CB  . THR C 1 33 ? 3.145   9.159   13.815  1.00 36.41 ? 59 THR C CB  1 
ATOM   992  O OG1 . THR C 1 33 ? 3.949   8.472   12.847  1.00 34.54 ? 59 THR C OG1 1 
ATOM   993  C CG2 . THR C 1 33 ? 4.050   9.739   14.881  1.00 37.45 ? 59 THR C CG2 1 
ATOM   994  N N   . PHE C 1 34 ? 0.389   9.785   15.095  1.00 36.33 ? 60 PHE C N   1 
ATOM   995  C CA  . PHE C 1 34 ? -0.475  10.496  16.039  1.00 37.67 ? 60 PHE C CA  1 
ATOM   996  C C   . PHE C 1 34 ? -1.136  9.496   16.961  1.00 38.12 ? 60 PHE C C   1 
ATOM   997  O O   . PHE C 1 34 ? -1.246  9.717   18.162  1.00 39.25 ? 60 PHE C O   1 
ATOM   998  C CB  . PHE C 1 34 ? -1.577  11.279  15.319  1.00 38.04 ? 60 PHE C CB  1 
ATOM   999  C CG  . PHE C 1 34 ? -1.119  12.582  14.737  1.00 39.77 ? 60 PHE C CG  1 
ATOM   1000 C CD1 . PHE C 1 34 ? -0.558  13.566  15.554  1.00 39.35 ? 60 PHE C CD1 1 
ATOM   1001 C CD2 . PHE C 1 34 ? -1.229  12.826  13.367  1.00 39.97 ? 60 PHE C CD2 1 
ATOM   1002 C CE1 . PHE C 1 34 ? -0.115  14.778  15.012  1.00 39.57 ? 60 PHE C CE1 1 
ATOM   1003 C CE2 . PHE C 1 34 ? -0.790  14.034  12.813  1.00 39.74 ? 60 PHE C CE2 1 
ATOM   1004 C CZ  . PHE C 1 34 ? -0.231  15.010  13.639  1.00 40.28 ? 60 PHE C CZ  1 
ATOM   1005 N N   . LEU C 1 35 ? -1.587  8.389   16.393  1.00 37.80 ? 61 LEU C N   1 
ATOM   1006 C CA  . LEU C 1 35 ? -2.228  7.378   17.204  1.00 38.86 ? 61 LEU C CA  1 
ATOM   1007 C C   . LEU C 1 35 ? -1.241  6.884   18.261  1.00 38.71 ? 61 LEU C C   1 
ATOM   1008 O O   . LEU C 1 35 ? -1.517  6.944   19.460  1.00 36.80 ? 61 LEU C O   1 
ATOM   1009 C CB  . LEU C 1 35 ? -2.693  6.226   16.321  1.00 40.08 ? 61 LEU C CB  1 
ATOM   1010 C CG  . LEU C 1 35 ? -3.649  5.266   17.017  1.00 42.40 ? 61 LEU C CG  1 
ATOM   1011 C CD1 . LEU C 1 35 ? -4.771  6.068   17.670  1.00 43.72 ? 61 LEU C CD1 1 
ATOM   1012 C CD2 . LEU C 1 35 ? -4.200  4.265   16.006  1.00 44.83 ? 61 LEU C CD2 1 
ATOM   1013 N N   . LYS C 1 36 ? -0.086  6.415   17.799  1.00 38.92 ? 62 LYS C N   1 
ATOM   1014 C CA  . LYS C 1 36 ? 0.971   5.919   18.676  1.00 39.67 ? 62 LYS C CA  1 
ATOM   1015 C C   . LYS C 1 36 ? 1.222   6.848   19.857  1.00 41.23 ? 62 LYS C C   1 
ATOM   1016 O O   . LYS C 1 36 ? 1.018   6.469   21.013  1.00 41.29 ? 62 LYS C O   1 
ATOM   1017 C CB  . LYS C 1 36 ? 2.272   5.761   17.893  1.00 40.53 ? 62 LYS C CB  1 
ATOM   1018 C CG  . LYS C 1 36 ? 3.458   5.336   18.746  1.00 37.74 ? 62 LYS C CG  1 
ATOM   1019 C CD  . LYS C 1 36 ? 4.763   5.509   18.000  1.00 35.41 ? 62 LYS C CD  1 
ATOM   1020 C CE  . LYS C 1 36 ? 5.048   6.970   17.744  1.00 37.04 ? 62 LYS C CE  1 
ATOM   1021 N NZ  . LYS C 1 36 ? 6.408   7.202   17.194  1.00 37.29 ? 62 LYS C NZ  1 
ATOM   1022 N N   . ASN C 1 37 ? 1.674   8.063   19.560  1.00 41.40 ? 63 ASN C N   1 
ATOM   1023 C CA  . ASN C 1 37 ? 1.958   9.047   20.595  1.00 42.19 ? 63 ASN C CA  1 
ATOM   1024 C C   . ASN C 1 37 ? 0.847   9.162   21.625  1.00 44.45 ? 63 ASN C C   1 
ATOM   1025 O O   . ASN C 1 37 ? 1.122   9.243   22.819  1.00 46.02 ? 63 ASN C O   1 
ATOM   1026 C CB  . ASN C 1 37 ? 2.236   10.401  19.957  1.00 40.14 ? 63 ASN C CB  1 
ATOM   1027 C CG  . ASN C 1 37 ? 3.579   10.436  19.259  1.00 40.82 ? 63 ASN C CG  1 
ATOM   1028 O OD1 . ASN C 1 37 ? 3.726   11.028  18.187  1.00 41.38 ? 63 ASN C OD1 1 
ATOM   1029 N ND2 . ASN C 1 37 ? 4.575   9.802   19.869  1.00 41.05 ? 63 ASN C ND2 1 
ATOM   1030 N N   . THR C 1 38 ? -0.405  9.171   21.178  1.00 46.91 ? 64 THR C N   1 
ATOM   1031 C CA  . THR C 1 38 ? -1.524  9.249   22.114  1.00 48.80 ? 64 THR C CA  1 
ATOM   1032 C C   . THR C 1 38 ? -1.413  8.071   23.085  1.00 50.37 ? 64 THR C C   1 
ATOM   1033 O O   . THR C 1 38 ? -1.378  8.264   24.299  1.00 50.04 ? 64 THR C O   1 
ATOM   1034 C CB  . THR C 1 38 ? -2.897  9.169   21.388  1.00 49.46 ? 64 THR C CB  1 
ATOM   1035 O OG1 . THR C 1 38 ? -3.063  10.306  20.531  1.00 49.27 ? 64 THR C OG1 1 
ATOM   1036 C CG2 . THR C 1 38 ? -4.033  9.145   22.400  1.00 48.18 ? 64 THR C CG2 1 
ATOM   1037 N N   . VAL C 1 39 ? -1.341  6.855   22.544  1.00 51.64 ? 65 VAL C N   1 
ATOM   1038 C CA  . VAL C 1 39 ? -1.229  5.657   23.370  1.00 54.09 ? 65 VAL C CA  1 
ATOM   1039 C C   . VAL C 1 39 ? -0.118  5.785   24.406  1.00 56.50 ? 65 VAL C C   1 
ATOM   1040 O O   . VAL C 1 39 ? -0.310  5.477   25.584  1.00 56.69 ? 65 VAL C O   1 
ATOM   1041 C CB  . VAL C 1 39 ? -0.936  4.399   22.523  1.00 52.93 ? 65 VAL C CB  1 
ATOM   1042 C CG1 . VAL C 1 39 ? -0.723  3.200   23.435  1.00 51.61 ? 65 VAL C CG1 1 
ATOM   1043 C CG2 . VAL C 1 39 ? -2.084  4.126   21.580  1.00 52.52 ? 65 VAL C CG2 1 
ATOM   1044 N N   . MET C 1 40 ? 1.049   6.235   23.961  1.00 59.14 ? 66 MET C N   1 
ATOM   1045 C CA  . MET C 1 40 ? 2.196   6.390   24.849  1.00 60.88 ? 66 MET C CA  1 
ATOM   1046 C C   . MET C 1 40 ? 1.938   7.332   26.017  1.00 62.62 ? 66 MET C C   1 
ATOM   1047 O O   . MET C 1 40 ? 2.281   7.017   27.163  1.00 62.83 ? 66 MET C O   1 
ATOM   1048 C CB  . MET C 1 40 ? 3.407   6.865   24.056  1.00 59.79 ? 66 MET C CB  1 
ATOM   1049 C CG  . MET C 1 40 ? 3.955   5.814   23.128  1.00 59.06 ? 66 MET C CG  1 
ATOM   1050 S SD  . MET C 1 40 ? 5.450   6.383   22.355  1.00 61.83 ? 66 MET C SD  1 
ATOM   1051 C CE  . MET C 1 40 ? 6.636   5.984   23.617  1.00 62.01 ? 66 MET C CE  1 
ATOM   1052 N N   . GLU C 1 41 ? 1.338   8.485   25.748  1.00 63.59 ? 67 GLU C N   1 
ATOM   1053 C CA  . GLU C 1 41 ? 1.067   9.401   26.838  1.00 65.31 ? 67 GLU C CA  1 
ATOM   1054 C C   . GLU C 1 41 ? -0.216  9.026   27.580  1.00 66.11 ? 67 GLU C C   1 
ATOM   1055 O O   . GLU C 1 41 ? -0.705  9.779   28.413  1.00 66.94 ? 67 GLU C O   1 
ATOM   1056 C CB  . GLU C 1 41 ? 1.019   10.853  26.337  1.00 65.68 ? 67 GLU C CB  1 
ATOM   1057 C CG  . GLU C 1 41 ? -0.142  11.236  25.430  1.00 66.51 ? 67 GLU C CG  1 
ATOM   1058 C CD  . GLU C 1 41 ? -0.129  12.728  25.085  1.00 66.99 ? 67 GLU C CD  1 
ATOM   1059 O OE1 . GLU C 1 41 ? 0.852   13.204  24.463  1.00 66.90 ? 67 GLU C OE1 1 
ATOM   1060 O OE2 . GLU C 1 41 ? -1.100  13.428  25.439  1.00 66.63 ? 67 GLU C OE2 1 
ATOM   1061 N N   . CYS C 1 42 ? -0.755  7.848   27.282  1.00 67.99 ? 68 CYS C N   1 
ATOM   1062 C CA  . CYS C 1 42 ? -1.965  7.387   27.955  1.00 69.93 ? 68 CYS C CA  1 
ATOM   1063 C C   . CYS C 1 42 ? -1.569  6.871   29.339  1.00 71.30 ? 68 CYS C C   1 
ATOM   1064 O O   . CYS C 1 42 ? -0.708  5.998   29.466  1.00 70.84 ? 68 CYS C O   1 
ATOM   1065 C CB  . CYS C 1 42 ? -2.638  6.264   27.156  1.00 70.27 ? 68 CYS C CB  1 
ATOM   1066 S SG  . CYS C 1 42 ? -4.163  5.621   27.919  1.00 70.73 ? 68 CYS C SG  1 
ATOM   1067 N N   . ASP C 1 43 ? -2.203  7.418   30.371  1.00 73.25 ? 69 ASP C N   1 
ATOM   1068 C CA  . ASP C 1 43 ? -1.913  7.032   31.748  1.00 74.76 ? 69 ASP C CA  1 
ATOM   1069 C C   . ASP C 1 43 ? -2.119  5.540   31.998  1.00 75.57 ? 69 ASP C C   1 
ATOM   1070 O O   . ASP C 1 43 ? -1.160  4.768   32.017  1.00 75.64 ? 69 ASP C O   1 
ATOM   1071 C CB  . ASP C 1 43 ? -2.785  7.839   32.723  1.00 74.81 ? 69 ASP C CB  1 
ATOM   1072 C CG  . ASP C 1 43 ? -2.488  9.334   32.685  1.00 75.03 ? 69 ASP C CG  1 
ATOM   1073 O OD1 . ASP C 1 43 ? -2.714  9.965   31.630  1.00 73.92 ? 69 ASP C OD1 1 
ATOM   1074 O OD2 . ASP C 1 43 ? -2.027  9.880   33.712  1.00 75.22 ? 69 ASP C OD2 1 
ATOM   1075 N N   . ALA C 1 44 ? -3.380  5.158   32.189  1.00 76.62 ? 70 ALA C N   1 
ATOM   1076 C CA  . ALA C 1 44 ? -3.788  3.778   32.460  1.00 78.13 ? 70 ALA C CA  1 
ATOM   1077 C C   . ALA C 1 44 ? -2.733  2.683   32.248  1.00 78.97 ? 70 ALA C C   1 
ATOM   1078 O O   . ALA C 1 44 ? -2.478  1.875   33.148  1.00 79.70 ? 70 ALA C O   1 
ATOM   1079 C CB  . ALA C 1 44 ? -5.046  3.447   31.653  1.00 78.14 ? 70 ALA C CB  1 
ATOM   1080 N N   . CYS C 1 45 ? -2.125  2.648   31.066  1.00 78.64 ? 71 CYS C N   1 
ATOM   1081 C CA  . CYS C 1 45 ? -1.122  1.634   30.762  1.00 78.03 ? 71 CYS C CA  1 
ATOM   1082 C C   . CYS C 1 45 ? -0.014  1.546   31.807  1.00 77.82 ? 71 CYS C C   1 
ATOM   1083 O O   . CYS C 1 45 ? 0.058   2.419   32.696  1.00 77.22 ? 71 CYS C O   1 
ATOM   1084 C CB  . CYS C 1 45 ? -0.513  1.903   29.388  1.00 77.98 ? 71 CYS C CB  1 
ATOM   1085 S SG  . CYS C 1 45 ? -1.735  1.942   28.062  1.00 77.96 ? 71 CYS C SG  1 
ATOM   1086 O OXT . CYS C 1 45 ? 0.780   0.593   31.711  1.00 77.71 ? 71 CYS C OXT 1 
ATOM   1087 N N   . MET D 1 1  ? 12.279  6.872   -29.824 1.00 67.76 ? 27 MET D N   1 
ATOM   1088 C CA  . MET D 1 1  ? 11.597  6.206   -30.970 1.00 68.77 ? 27 MET D CA  1 
ATOM   1089 C C   . MET D 1 1  ? 10.078  6.173   -30.810 1.00 67.87 ? 27 MET D C   1 
ATOM   1090 O O   . MET D 1 1  ? 9.537   5.272   -30.169 1.00 68.39 ? 27 MET D O   1 
ATOM   1091 C CB  . MET D 1 1  ? 12.117  4.779   -31.129 1.00 70.27 ? 27 MET D CB  1 
ATOM   1092 C CG  . MET D 1 1  ? 13.603  4.701   -31.355 1.00 72.85 ? 27 MET D CG  1 
ATOM   1093 S SD  . MET D 1 1  ? 14.060  3.165   -32.159 1.00 76.85 ? 27 MET D SD  1 
ATOM   1094 C CE  . MET D 1 1  ? 13.796  3.603   -33.891 1.00 76.15 ? 27 MET D CE  1 
ATOM   1095 N N   . ASP D 1 2  ? 9.399   7.147   -31.414 1.00 66.15 ? 28 ASP D N   1 
ATOM   1096 C CA  . ASP D 1 2  ? 7.943   7.258   -31.342 1.00 63.59 ? 28 ASP D CA  1 
ATOM   1097 C C   . ASP D 1 2  ? 7.568   7.875   -30.010 1.00 60.54 ? 28 ASP D C   1 
ATOM   1098 O O   . ASP D 1 2  ? 7.949   9.004   -29.683 1.00 60.13 ? 28 ASP D O   1 
ATOM   1099 C CB  . ASP D 1 2  ? 7.253   5.880   -31.422 1.00 65.89 ? 28 ASP D CB  1 
ATOM   1100 C CG  . ASP D 1 2  ? 7.499   5.167   -32.730 1.00 68.33 ? 28 ASP D CG  1 
ATOM   1101 O OD1 . ASP D 1 2  ? 7.117   5.721   -33.786 1.00 69.42 ? 28 ASP D OD1 1 
ATOM   1102 O OD2 . ASP D 1 2  ? 8.067   4.047   -32.695 1.00 68.69 ? 28 ASP D OD2 1 
ATOM   1103 N N   . LEU D 1 3  ? 6.808   7.092   -29.252 1.00 56.37 ? 29 LEU D N   1 
ATOM   1104 C CA  . LEU D 1 3  ? 6.334   7.465   -27.942 1.00 51.77 ? 29 LEU D CA  1 
ATOM   1105 C C   . LEU D 1 3  ? 7.181   6.674   -26.954 1.00 50.56 ? 29 LEU D C   1 
ATOM   1106 O O   . LEU D 1 3  ? 7.053   6.821   -25.740 1.00 51.22 ? 29 LEU D O   1 
ATOM   1107 C CB  . LEU D 1 3  ? 4.862   7.078   -27.815 1.00 50.37 ? 29 LEU D CB  1 
ATOM   1108 C CG  . LEU D 1 3  ? 3.893   7.713   -28.813 1.00 47.71 ? 29 LEU D CG  1 
ATOM   1109 C CD1 . LEU D 1 3  ? 2.524   7.080   -28.672 1.00 47.26 ? 29 LEU D CD1 1 
ATOM   1110 C CD2 . LEU D 1 3  ? 3.817   9.206   -28.565 1.00 46.47 ? 29 LEU D CD2 1 
ATOM   1111 N N   . ALA D 1 4  ? 8.059   5.834   -27.492 1.00 47.50 ? 30 ALA D N   1 
ATOM   1112 C CA  . ALA D 1 4  ? 8.925   5.019   -26.661 1.00 44.42 ? 30 ALA D CA  1 
ATOM   1113 C C   . ALA D 1 4  ? 9.626   5.845   -25.591 1.00 42.41 ? 30 ALA D C   1 
ATOM   1114 O O   . ALA D 1 4  ? 9.473   5.568   -24.404 1.00 43.28 ? 30 ALA D O   1 
ATOM   1115 C CB  . ALA D 1 4  ? 9.940   4.293   -27.521 1.00 43.64 ? 30 ALA D CB  1 
ATOM   1116 N N   . PRO D 1 5  ? 10.386  6.884   -25.986 1.00 40.46 ? 31 PRO D N   1 
ATOM   1117 C CA  . PRO D 1 5  ? 11.096  7.725   -25.006 1.00 41.05 ? 31 PRO D CA  1 
ATOM   1118 C C   . PRO D 1 5  ? 10.190  8.296   -23.900 1.00 40.51 ? 31 PRO D C   1 
ATOM   1119 O O   . PRO D 1 5  ? 10.605  8.459   -22.749 1.00 40.39 ? 31 PRO D O   1 
ATOM   1120 C CB  . PRO D 1 5  ? 11.701  8.836   -25.873 1.00 39.77 ? 31 PRO D CB  1 
ATOM   1121 C CG  . PRO D 1 5  ? 11.866  8.198   -27.204 1.00 38.67 ? 31 PRO D CG  1 
ATOM   1122 C CD  . PRO D 1 5  ? 10.582  7.409   -27.347 1.00 40.06 ? 31 PRO D CD  1 
ATOM   1123 N N   . GLN D 1 6  ? 8.952   8.595   -24.277 1.00 39.39 ? 32 GLN D N   1 
ATOM   1124 C CA  . GLN D 1 6  ? 7.957   9.160   -23.385 1.00 38.88 ? 32 GLN D CA  1 
ATOM   1125 C C   . GLN D 1 6  ? 7.357   8.093   -22.480 1.00 38.06 ? 32 GLN D C   1 
ATOM   1126 O O   . GLN D 1 6  ? 6.944   8.388   -21.359 1.00 38.57 ? 32 GLN D O   1 
ATOM   1127 C CB  . GLN D 1 6  ? 6.889   9.823   -24.238 1.00 41.33 ? 32 GLN D CB  1 
ATOM   1128 C CG  . GLN D 1 6  ? 7.527   10.625  -25.360 1.00 45.36 ? 32 GLN D CG  1 
ATOM   1129 C CD  . GLN D 1 6  ? 6.572   10.984  -26.469 1.00 46.76 ? 32 GLN D CD  1 
ATOM   1130 O OE1 . GLN D 1 6  ? 5.585   11.692  -26.250 1.00 48.42 ? 32 GLN D OE1 1 
ATOM   1131 N NE2 . GLN D 1 6  ? 6.862   10.498  -27.677 1.00 46.04 ? 32 GLN D NE2 1 
ATOM   1132 N N   . MET D 1 7  ? 7.298   6.861   -22.974 1.00 36.96 ? 33 MET D N   1 
ATOM   1133 C CA  . MET D 1 7  ? 6.785   5.749   -22.190 1.00 37.24 ? 33 MET D CA  1 
ATOM   1134 C C   . MET D 1 7  ? 7.870   5.362   -21.189 1.00 37.67 ? 33 MET D C   1 
ATOM   1135 O O   . MET D 1 7  ? 7.580   4.969   -20.060 1.00 39.02 ? 33 MET D O   1 
ATOM   1136 C CB  . MET D 1 7  ? 6.466   4.548   -23.080 1.00 36.71 ? 33 MET D CB  1 
ATOM   1137 C CG  . MET D 1 7  ? 5.079   4.560   -23.702 1.00 38.88 ? 33 MET D CG  1 
ATOM   1138 S SD  . MET D 1 7  ? 4.934   3.457   -25.146 1.00 39.31 ? 33 MET D SD  1 
ATOM   1139 C CE  . MET D 1 7  ? 4.447   1.908   -24.324 1.00 39.87 ? 33 MET D CE  1 
ATOM   1140 N N   . LEU D 1 8  ? 9.125   5.469   -21.601 1.00 36.82 ? 34 LEU D N   1 
ATOM   1141 C CA  . LEU D 1 8  ? 10.215  5.135   -20.703 1.00 37.15 ? 34 LEU D CA  1 
ATOM   1142 C C   . LEU D 1 8  ? 10.202  6.118   -19.539 1.00 38.09 ? 34 LEU D C   1 
ATOM   1143 O O   . LEU D 1 8  ? 10.490  5.765   -18.399 1.00 38.41 ? 34 LEU D O   1 
ATOM   1144 C CB  . LEU D 1 8  ? 11.542  5.207   -21.454 1.00 36.60 ? 34 LEU D CB  1 
ATOM   1145 C CG  . LEU D 1 8  ? 12.851  5.106   -20.668 1.00 35.05 ? 34 LEU D CG  1 
ATOM   1146 C CD1 . LEU D 1 8  ? 12.883  3.887   -19.769 1.00 36.26 ? 34 LEU D CD1 1 
ATOM   1147 C CD2 . LEU D 1 8  ? 13.971  5.032   -21.662 1.00 34.72 ? 34 LEU D CD2 1 
ATOM   1148 N N   . ARG D 1 9  ? 9.848   7.358   -19.844 1.00 39.32 ? 35 ARG D N   1 
ATOM   1149 C CA  . ARG D 1 9  ? 9.781   8.422   -18.850 1.00 39.55 ? 35 ARG D CA  1 
ATOM   1150 C C   . ARG D 1 9  ? 8.706   8.120   -17.806 1.00 37.87 ? 35 ARG D C   1 
ATOM   1151 O O   . ARG D 1 9  ? 8.845   8.472   -16.642 1.00 38.18 ? 35 ARG D O   1 
ATOM   1152 C CB  . ARG D 1 9  ? 9.482   9.741   -19.557 1.00 42.64 ? 35 ARG D CB  1 
ATOM   1153 C CG  . ARG D 1 9  ? 9.494   10.972  -18.685 1.00 47.32 ? 35 ARG D CG  1 
ATOM   1154 C CD  . ARG D 1 9  ? 9.209   12.206  -19.537 1.00 50.44 ? 35 ARG D CD  1 
ATOM   1155 N NE  . ARG D 1 9  ? 10.181  12.368  -20.622 1.00 53.63 ? 35 ARG D NE  1 
ATOM   1156 C CZ  . ARG D 1 9  ? 9.855   12.496  -21.909 1.00 55.67 ? 35 ARG D CZ  1 
ATOM   1157 N NH1 . ARG D 1 9  ? 8.575   12.478  -22.277 1.00 56.01 ? 35 ARG D NH1 1 
ATOM   1158 N NH2 . ARG D 1 9  ? 10.805  12.645  -22.830 1.00 54.83 ? 35 ARG D NH2 1 
ATOM   1159 N N   . GLU D 1 10 ? 7.628   7.471   -18.226 1.00 36.31 ? 36 GLU D N   1 
ATOM   1160 C CA  . GLU D 1 10 ? 6.566   7.117   -17.300 1.00 35.60 ? 36 GLU D CA  1 
ATOM   1161 C C   . GLU D 1 10 ? 7.057   5.957   -16.436 1.00 36.05 ? 36 GLU D C   1 
ATOM   1162 O O   . GLU D 1 10 ? 6.912   5.963   -15.212 1.00 36.39 ? 36 GLU D O   1 
ATOM   1163 C CB  . GLU D 1 10 ? 5.300   6.708   -18.061 1.00 36.59 ? 36 GLU D CB  1 
ATOM   1164 C CG  . GLU D 1 10 ? 4.628   7.825   -18.834 1.00 34.29 ? 36 GLU D CG  1 
ATOM   1165 C CD  . GLU D 1 10 ? 4.332   9.031   -17.972 1.00 35.33 ? 36 GLU D CD  1 
ATOM   1166 O OE1 . GLU D 1 10 ? 3.902   8.835   -16.820 1.00 36.39 ? 36 GLU D OE1 1 
ATOM   1167 O OE2 . GLU D 1 10 ? 4.517   10.178  -18.439 1.00 36.12 ? 36 GLU D OE2 1 
ATOM   1168 N N   . LEU D 1 11 ? 7.642   4.956   -17.077 1.00 36.01 ? 37 LEU D N   1 
ATOM   1169 C CA  . LEU D 1 11 ? 8.161   3.824   -16.335 1.00 36.35 ? 37 LEU D CA  1 
ATOM   1170 C C   . LEU D 1 11 ? 9.126   4.276   -15.243 1.00 36.97 ? 37 LEU D C   1 
ATOM   1171 O O   . LEU D 1 11 ? 9.043   3.809   -14.104 1.00 39.42 ? 37 LEU D O   1 
ATOM   1172 C CB  . LEU D 1 11 ? 8.866   2.846   -17.268 1.00 35.24 ? 37 LEU D CB  1 
ATOM   1173 C CG  . LEU D 1 11 ? 7.926   2.041   -18.159 1.00 35.38 ? 37 LEU D CG  1 
ATOM   1174 C CD1 . LEU D 1 11 ? 8.688   0.893   -18.821 1.00 34.38 ? 37 LEU D CD1 1 
ATOM   1175 C CD2 . LEU D 1 11 ? 6.782   1.504   -17.306 1.00 35.06 ? 37 LEU D CD2 1 
ATOM   1176 N N   . GLN D 1 12 ? 10.041  5.181   -15.583 1.00 35.64 ? 38 GLN D N   1 
ATOM   1177 C CA  . GLN D 1 12 ? 11.003  5.676   -14.608 1.00 34.14 ? 38 GLN D CA  1 
ATOM   1178 C C   . GLN D 1 12 ? 10.284  6.365   -13.449 1.00 35.22 ? 38 GLN D C   1 
ATOM   1179 O O   . GLN D 1 12 ? 10.708  6.254   -12.295 1.00 34.06 ? 38 GLN D O   1 
ATOM   1180 C CB  . GLN D 1 12 ? 11.963  6.638   -15.278 1.00 32.63 ? 38 GLN D CB  1 
ATOM   1181 C CG  . GLN D 1 12 ? 12.678  6.026   -16.439 1.00 35.78 ? 38 GLN D CG  1 
ATOM   1182 C CD  . GLN D 1 12 ? 13.616  7.000   -17.119 1.00 39.36 ? 38 GLN D CD  1 
ATOM   1183 O OE1 . GLN D 1 12 ? 13.207  8.088   -17.541 1.00 40.34 ? 38 GLN D OE1 1 
ATOM   1184 N NE2 . GLN D 1 12 ? 14.885  6.617   -17.233 1.00 39.37 ? 38 GLN D NE2 1 
ATOM   1185 N N   . GLU D 1 13 ? 9.191   7.063   -13.758 1.00 34.89 ? 39 GLU D N   1 
ATOM   1186 C CA  . GLU D 1 13 ? 8.411   7.748   -12.727 1.00 35.87 ? 39 GLU D CA  1 
ATOM   1187 C C   . GLU D 1 13 ? 7.674   6.787   -11.825 1.00 35.21 ? 39 GLU D C   1 
ATOM   1188 O O   . GLU D 1 13 ? 7.658   6.958   -10.615 1.00 34.80 ? 39 GLU D O   1 
ATOM   1189 C CB  . GLU D 1 13 ? 7.388   8.669   -13.345 1.00 37.40 ? 39 GLU D CB  1 
ATOM   1190 C CG  . GLU D 1 13 ? 7.975   9.867   -13.981 1.00 41.19 ? 39 GLU D CG  1 
ATOM   1191 C CD  . GLU D 1 13 ? 6.907   10.829  -14.353 1.00 43.78 ? 39 GLU D CD  1 
ATOM   1192 O OE1 . GLU D 1 13 ? 6.042   11.071  -13.477 1.00 44.55 ? 39 GLU D OE1 1 
ATOM   1193 O OE2 . GLU D 1 13 ? 6.930   11.332  -15.505 1.00 47.94 ? 39 GLU D OE2 1 
ATOM   1194 N N   . THR D 1 14 ? 7.030   5.795   -12.428 1.00 35.36 ? 40 THR D N   1 
ATOM   1195 C CA  . THR D 1 14 ? 6.305   4.784   -11.667 1.00 35.15 ? 40 THR D CA  1 
ATOM   1196 C C   . THR D 1 14 ? 7.278   4.131   -10.710 1.00 34.99 ? 40 THR D C   1 
ATOM   1197 O O   . THR D 1 14 ? 6.950   3.834   -9.564  1.00 34.42 ? 40 THR D O   1 
ATOM   1198 C CB  . THR D 1 14 ? 5.750   3.700   -12.593 1.00 34.56 ? 40 THR D CB  1 
ATOM   1199 O OG1 . THR D 1 14 ? 4.522   4.156   -13.169 1.00 39.04 ? 40 THR D OG1 1 
ATOM   1200 C CG2 . THR D 1 14 ? 5.527   2.408   -11.830 1.00 32.75 ? 40 THR D CG2 1 
ATOM   1201 N N   . ASN D 1 15 ? 8.488   3.917   -11.208 1.00 35.93 ? 41 ASN D N   1 
ATOM   1202 C CA  . ASN D 1 15 ? 9.532   3.288   -10.435 1.00 36.82 ? 41 ASN D CA  1 
ATOM   1203 C C   . ASN D 1 15 ? 9.965   4.159   -9.264  1.00 36.25 ? 41 ASN D C   1 
ATOM   1204 O O   . ASN D 1 15 ? 10.090  3.676   -8.138  1.00 37.65 ? 41 ASN D O   1 
ATOM   1205 C CB  . ASN D 1 15 ? 10.720  2.978   -11.332 1.00 39.39 ? 41 ASN D CB  1 
ATOM   1206 C CG  . ASN D 1 15 ? 11.715  2.085   -10.653 1.00 42.21 ? 41 ASN D CG  1 
ATOM   1207 O OD1 . ASN D 1 15 ? 11.344  1.038   -10.115 1.00 42.30 ? 41 ASN D OD1 1 
ATOM   1208 N ND2 . ASN D 1 15 ? 12.984  2.486   -10.658 1.00 43.01 ? 41 ASN D ND2 1 
ATOM   1209 N N   . ALA D 1 16 ? 10.191  5.442   -9.518  1.00 35.04 ? 42 ALA D N   1 
ATOM   1210 C CA  . ALA D 1 16 ? 10.581  6.354   -8.446  1.00 33.20 ? 42 ALA D CA  1 
ATOM   1211 C C   . ALA D 1 16 ? 9.456   6.420   -7.423  1.00 32.85 ? 42 ALA D C   1 
ATOM   1212 O O   . ALA D 1 16 ? 9.701   6.479   -6.225  1.00 34.20 ? 42 ALA D O   1 
ATOM   1213 C CB  . ALA D 1 16 ? 10.849  7.724   -8.998  1.00 31.39 ? 42 ALA D CB  1 
ATOM   1214 N N   . ALA D 1 17 ? 8.220   6.403   -7.913  1.00 32.75 ? 43 ALA D N   1 
ATOM   1215 C CA  . ALA D 1 17 ? 7.044   6.456   -7.063  1.00 31.75 ? 43 ALA D CA  1 
ATOM   1216 C C   . ALA D 1 17 ? 6.977   5.237   -6.149  1.00 32.02 ? 43 ALA D C   1 
ATOM   1217 O O   . ALA D 1 17 ? 6.765   5.381   -4.948  1.00 32.35 ? 43 ALA D O   1 
ATOM   1218 C CB  . ALA D 1 17 ? 5.803   6.547   -7.911  1.00 30.92 ? 43 ALA D CB  1 
ATOM   1219 N N   . LEU D 1 18 ? 7.161   4.042   -6.705  1.00 32.69 ? 44 LEU D N   1 
ATOM   1220 C CA  . LEU D 1 18 ? 7.131   2.829   -5.886  1.00 33.52 ? 44 LEU D CA  1 
ATOM   1221 C C   . LEU D 1 18 ? 8.117   2.970   -4.722  1.00 34.61 ? 44 LEU D C   1 
ATOM   1222 O O   . LEU D 1 18 ? 7.800   2.627   -3.574  1.00 33.76 ? 44 LEU D O   1 
ATOM   1223 C CB  . LEU D 1 18 ? 7.515   1.600   -6.712  1.00 34.01 ? 44 LEU D CB  1 
ATOM   1224 C CG  . LEU D 1 18 ? 6.571   0.389   -6.693  1.00 34.97 ? 44 LEU D CG  1 
ATOM   1225 C CD1 . LEU D 1 18 ? 6.124   0.073   -5.278  1.00 35.09 ? 44 LEU D CD1 1 
ATOM   1226 C CD2 . LEU D 1 18 ? 5.356   0.702   -7.527  1.00 35.59 ? 44 LEU D CD2 1 
ATOM   1227 N N   . GLN D 1 19 ? 9.312   3.476   -5.032  1.00 34.72 ? 45 GLN D N   1 
ATOM   1228 C CA  . GLN D 1 19 ? 10.361  3.683   -4.037  1.00 35.23 ? 45 GLN D CA  1 
ATOM   1229 C C   . GLN D 1 19 ? 9.820   4.432   -2.833  1.00 34.60 ? 45 GLN D C   1 
ATOM   1230 O O   . GLN D 1 19 ? 9.996   4.021   -1.685  1.00 35.26 ? 45 GLN D O   1 
ATOM   1231 C CB  . GLN D 1 19 ? 11.502  4.478   -4.656  1.00 37.86 ? 45 GLN D CB  1 
ATOM   1232 C CG  . GLN D 1 19 ? 12.153  3.780   -5.837  1.00 42.66 ? 45 GLN D CG  1 
ATOM   1233 C CD  . GLN D 1 19 ? 12.888  2.518   -5.420  1.00 45.75 ? 45 GLN D CD  1 
ATOM   1234 O OE1 . GLN D 1 19 ? 13.732  2.556   -4.514  1.00 47.63 ? 45 GLN D OE1 1 
ATOM   1235 N NE2 . GLN D 1 19 ? 12.579  1.393   -6.078  1.00 43.88 ? 45 GLN D NE2 1 
ATOM   1236 N N   . ASP D 1 20 ? 9.164   5.547   -3.115  1.00 33.44 ? 46 ASP D N   1 
ATOM   1237 C CA  . ASP D 1 20 ? 8.566   6.386   -2.088  1.00 32.14 ? 46 ASP D CA  1 
ATOM   1238 C C   . ASP D 1 20 ? 7.568   5.597   -1.259  1.00 30.01 ? 46 ASP D C   1 
ATOM   1239 O O   . ASP D 1 20 ? 7.617   5.613   -0.036  1.00 29.86 ? 46 ASP D O   1 
ATOM   1240 C CB  . ASP D 1 20 ? 7.832   7.540   -2.744  1.00 34.86 ? 46 ASP D CB  1 
ATOM   1241 C CG  . ASP D 1 20 ? 8.303   8.868   -2.253  1.00 39.32 ? 46 ASP D CG  1 
ATOM   1242 O OD1 . ASP D 1 20 ? 9.386   9.307   -2.703  1.00 40.35 ? 46 ASP D OD1 1 
ATOM   1243 O OD2 . ASP D 1 20 ? 7.593   9.465   -1.413  1.00 41.87 ? 46 ASP D OD2 1 
ATOM   1244 N N   . VAL D 1 21 ? 6.641   4.941   -1.948  1.00 28.26 ? 47 VAL D N   1 
ATOM   1245 C CA  . VAL D 1 21 ? 5.619   4.132   -1.311  1.00 26.78 ? 47 VAL D CA  1 
ATOM   1246 C C   . VAL D 1 21 ? 6.317   3.074   -0.481  1.00 29.07 ? 47 VAL D C   1 
ATOM   1247 O O   . VAL D 1 21 ? 5.992   2.846   0.692   1.00 29.23 ? 47 VAL D O   1 
ATOM   1248 C CB  . VAL D 1 21 ? 4.733   3.470   -2.370  1.00 24.66 ? 47 VAL D CB  1 
ATOM   1249 C CG1 . VAL D 1 21 ? 3.817   2.422   -1.733  1.00 21.44 ? 47 VAL D CG1 1 
ATOM   1250 C CG2 . VAL D 1 21 ? 3.915   4.545   -3.074  1.00 22.75 ? 47 VAL D CG2 1 
ATOM   1251 N N   . ARG D 1 22 ? 7.299   2.434   -1.100  1.00 30.35 ? 48 ARG D N   1 
ATOM   1252 C CA  . ARG D 1 22 ? 8.065   1.407   -0.422  1.00 31.23 ? 48 ARG D CA  1 
ATOM   1253 C C   . ARG D 1 22 ? 8.583   1.967   0.905   1.00 29.34 ? 48 ARG D C   1 
ATOM   1254 O O   . ARG D 1 22 ? 8.317   1.409   1.964   1.00 27.67 ? 48 ARG D O   1 
ATOM   1255 C CB  . ARG D 1 22 ? 9.219   0.971   -1.323  1.00 34.40 ? 48 ARG D CB  1 
ATOM   1256 C CG  . ARG D 1 22 ? 10.066  -0.166  -0.797  1.00 36.34 ? 48 ARG D CG  1 
ATOM   1257 C CD  . ARG D 1 22 ? 11.217  -0.414  -1.754  1.00 39.00 ? 48 ARG D CD  1 
ATOM   1258 N NE  . ARG D 1 22 ? 11.853  -1.705  -1.523  1.00 42.79 ? 48 ARG D NE  1 
ATOM   1259 C CZ  . ARG D 1 22 ? 12.633  -2.324  -2.407  1.00 43.44 ? 48 ARG D CZ  1 
ATOM   1260 N NH1 . ARG D 1 22 ? 12.878  -1.772  -3.587  1.00 42.65 ? 48 ARG D NH1 1 
ATOM   1261 N NH2 . ARG D 1 22 ? 13.156  -3.507  -2.112  1.00 44.88 ? 48 ARG D NH2 1 
ATOM   1262 N N   . GLU D 1 23 ? 9.304   3.083   0.843   1.00 29.92 ? 49 GLU D N   1 
ATOM   1263 C CA  . GLU D 1 23 ? 9.855   3.713   2.048   1.00 30.93 ? 49 GLU D CA  1 
ATOM   1264 C C   . GLU D 1 23 ? 8.814   4.100   3.091   1.00 29.31 ? 49 GLU D C   1 
ATOM   1265 O O   . GLU D 1 23 ? 8.942   3.708   4.247   1.00 28.26 ? 49 GLU D O   1 
ATOM   1266 C CB  . GLU D 1 23 ? 10.684  4.933   1.665   1.00 32.73 ? 49 GLU D CB  1 
ATOM   1267 C CG  . GLU D 1 23 ? 11.704  4.607   0.579   1.00 39.42 ? 49 GLU D CG  1 
ATOM   1268 C CD  . GLU D 1 23 ? 12.796  5.651   0.450   1.00 42.60 ? 49 GLU D CD  1 
ATOM   1269 O OE1 . GLU D 1 23 ? 12.462  6.843   0.253   1.00 45.75 ? 49 GLU D OE1 1 
ATOM   1270 O OE2 . GLU D 1 23 ? 13.988  5.272   0.540   1.00 43.84 ? 49 GLU D OE2 1 
ATOM   1271 N N   . LEU D 1 24 ? 7.795   4.862   2.684   1.00 28.49 ? 50 LEU D N   1 
ATOM   1272 C CA  . LEU D 1 24 ? 6.717   5.282   3.587   1.00 27.87 ? 50 LEU D CA  1 
ATOM   1273 C C   . LEU D 1 24 ? 6.148   4.059   4.269   1.00 28.51 ? 50 LEU D C   1 
ATOM   1274 O O   . LEU D 1 24 ? 5.773   4.090   5.436   1.00 28.49 ? 50 LEU D O   1 
ATOM   1275 C CB  . LEU D 1 24 ? 5.575   5.958   2.821   1.00 27.42 ? 50 LEU D CB  1 
ATOM   1276 C CG  . LEU D 1 24 ? 5.767   7.313   2.137   1.00 27.22 ? 50 LEU D CG  1 
ATOM   1277 C CD1 . LEU D 1 24 ? 4.582   7.600   1.264   1.00 27.93 ? 50 LEU D CD1 1 
ATOM   1278 C CD2 . LEU D 1 24 ? 5.911   8.402   3.159   1.00 28.36 ? 50 LEU D CD2 1 
ATOM   1279 N N   . LEU D 1 25 ? 6.075   2.971   3.519   1.00 30.70 ? 51 LEU D N   1 
ATOM   1280 C CA  . LEU D 1 25 ? 5.539   1.743   4.053   1.00 31.89 ? 51 LEU D CA  1 
ATOM   1281 C C   . LEU D 1 25 ? 6.484   1.119   5.068   1.00 33.72 ? 51 LEU D C   1 
ATOM   1282 O O   . LEU D 1 25 ? 6.057   0.694   6.147   1.00 34.24 ? 51 LEU D O   1 
ATOM   1283 C CB  . LEU D 1 25 ? 5.256   0.779   2.923   1.00 30.81 ? 51 LEU D CB  1 
ATOM   1284 C CG  . LEU D 1 25 ? 4.257   -0.277  3.338   1.00 32.88 ? 51 LEU D CG  1 
ATOM   1285 C CD1 . LEU D 1 25 ? 3.025   0.402   3.910   1.00 34.84 ? 51 LEU D CD1 1 
ATOM   1286 C CD2 . LEU D 1 25 ? 3.893   -1.122  2.138   1.00 36.17 ? 51 LEU D CD2 1 
ATOM   1287 N N   . ARG D 1 26 ? 7.772   1.063   4.736   1.00 34.28 ? 52 ARG D N   1 
ATOM   1288 C CA  . ARG D 1 26 ? 8.749   0.500   5.664   1.00 34.47 ? 52 ARG D CA  1 
ATOM   1289 C C   . ARG D 1 26 ? 8.711   1.243   7.005   1.00 35.07 ? 52 ARG D C   1 
ATOM   1290 O O   . ARG D 1 26 ? 9.171   0.738   8.019   1.00 37.49 ? 52 ARG D O   1 
ATOM   1291 C CB  . ARG D 1 26 ? 10.157  0.586   5.084   1.00 33.17 ? 52 ARG D CB  1 
ATOM   1292 C CG  . ARG D 1 26 ? 10.475  -0.420  4.004   1.00 33.00 ? 52 ARG D CG  1 
ATOM   1293 C CD  . ARG D 1 26 ? 11.981  -0.571  3.880   1.00 31.75 ? 52 ARG D CD  1 
ATOM   1294 N NE  . ARG D 1 26 ? 12.522  0.008   2.654   1.00 34.98 ? 52 ARG D NE  1 
ATOM   1295 C CZ  . ARG D 1 26 ? 12.700  -0.661  1.514   1.00 36.12 ? 52 ARG D CZ  1 
ATOM   1296 N NH1 . ARG D 1 26 ? 12.379  -1.947  1.431   1.00 35.26 ? 52 ARG D NH1 1 
ATOM   1297 N NH2 . ARG D 1 26 ? 13.210  -0.044  0.453   1.00 36.64 ? 52 ARG D NH2 1 
ATOM   1298 N N   . GLN D 1 27 ? 8.158   2.447   7.000   1.00 35.02 ? 53 GLN D N   1 
ATOM   1299 C CA  . GLN D 1 27 ? 8.069   3.252   8.205   1.00 33.61 ? 53 GLN D CA  1 
ATOM   1300 C C   . GLN D 1 27 ? 6.785   2.942   8.951   1.00 33.66 ? 53 GLN D C   1 
ATOM   1301 O O   . GLN D 1 27 ? 6.767   2.907   10.174  1.00 33.28 ? 53 GLN D O   1 
ATOM   1302 C CB  . GLN D 1 27 ? 8.105   4.738   7.846   1.00 33.52 ? 53 GLN D CB  1 
ATOM   1303 C CG  . GLN D 1 27 ? 8.278   5.653   9.038   1.00 35.36 ? 53 GLN D CG  1 
ATOM   1304 C CD  . GLN D 1 27 ? 9.564   5.367   9.796   1.00 37.60 ? 53 GLN D CD  1 
ATOM   1305 O OE1 . GLN D 1 27 ? 10.645  5.308   9.208   1.00 39.85 ? 53 GLN D OE1 1 
ATOM   1306 N NE2 . GLN D 1 27 ? 9.455   5.195   11.104  1.00 37.93 ? 53 GLN D NE2 1 
ATOM   1307 N N   . GLN D 1 28 ? 5.703   2.724   8.216   1.00 33.43 ? 54 GLN D N   1 
ATOM   1308 C CA  . GLN D 1 28 ? 4.448   2.425   8.861   1.00 34.62 ? 54 GLN D CA  1 
ATOM   1309 C C   . GLN D 1 28 ? 4.592   1.211   9.765   1.00 37.74 ? 54 GLN D C   1 
ATOM   1310 O O   . GLN D 1 28 ? 4.127   1.223   10.908  1.00 38.56 ? 54 GLN D O   1 
ATOM   1311 C CB  . GLN D 1 28 ? 3.380   2.150   7.829   1.00 35.27 ? 54 GLN D CB  1 
ATOM   1312 C CG  . GLN D 1 28 ? 2.237   3.138   7.829   1.00 37.79 ? 54 GLN D CG  1 
ATOM   1313 C CD  . GLN D 1 28 ? 1.136   2.721   6.871   1.00 39.85 ? 54 GLN D CD  1 
ATOM   1314 O OE1 . GLN D 1 28 ? 0.288   3.529   6.487   1.00 39.71 ? 54 GLN D OE1 1 
ATOM   1315 N NE2 . GLN D 1 28 ? 1.145   1.446   6.481   1.00 37.92 ? 54 GLN D NE2 1 
ATOM   1316 N N   . VAL D 1 29 ? 5.249   0.167   9.259   1.00 40.23 ? 55 VAL D N   1 
ATOM   1317 C CA  . VAL D 1 29 ? 5.430   -1.059  10.032  1.00 41.45 ? 55 VAL D CA  1 
ATOM   1318 C C   . VAL D 1 29 ? 6.157   -0.842  11.344  1.00 42.28 ? 55 VAL D C   1 
ATOM   1319 O O   . VAL D 1 29 ? 5.891   -1.541  12.324  1.00 43.89 ? 55 VAL D O   1 
ATOM   1320 C CB  . VAL D 1 29 ? 6.171   -2.130  9.242   1.00 41.77 ? 55 VAL D CB  1 
ATOM   1321 C CG1 . VAL D 1 29 ? 6.320   -3.369  10.087  1.00 42.66 ? 55 VAL D CG1 1 
ATOM   1322 C CG2 . VAL D 1 29 ? 5.389   -2.474  7.987   1.00 44.42 ? 55 VAL D CG2 1 
ATOM   1323 N N   . LYS D 1 30 ? 7.082   0.111   11.368  1.00 41.72 ? 56 LYS D N   1 
ATOM   1324 C CA  . LYS D 1 30 ? 7.797   0.416   12.600  1.00 39.93 ? 56 LYS D CA  1 
ATOM   1325 C C   . LYS D 1 30 ? 6.810   1.117   13.511  1.00 38.96 ? 56 LYS D C   1 
ATOM   1326 O O   . LYS D 1 30 ? 6.679   0.765   14.675  1.00 39.97 ? 56 LYS D O   1 
ATOM   1327 C CB  . LYS D 1 30 ? 8.974   1.351   12.343  1.00 41.34 ? 56 LYS D CB  1 
ATOM   1328 C CG  . LYS D 1 30 ? 10.102  0.759   11.531  1.00 42.73 ? 56 LYS D CG  1 
ATOM   1329 C CD  . LYS D 1 30 ? 11.190  1.805   11.301  1.00 42.95 ? 56 LYS D CD  1 
ATOM   1330 C CE  . LYS D 1 30 ? 12.198  1.322   10.269  1.00 44.35 ? 56 LYS D CE  1 
ATOM   1331 N NZ  . LYS D 1 30 ? 13.025  2.437   9.736   1.00 45.00 ? 56 LYS D NZ  1 
ATOM   1332 N N   . GLU D 1 31 ? 6.114   2.118   12.978  1.00 38.12 ? 57 GLU D N   1 
ATOM   1333 C CA  . GLU D 1 31 ? 5.136   2.845   13.774  1.00 36.52 ? 57 GLU D CA  1 
ATOM   1334 C C   . GLU D 1 31 ? 4.123   1.864   14.311  1.00 36.70 ? 57 GLU D C   1 
ATOM   1335 O O   . GLU D 1 31 ? 3.723   1.961   15.469  1.00 36.66 ? 57 GLU D O   1 
ATOM   1336 C CB  . GLU D 1 31 ? 4.409   3.907   12.952  1.00 35.13 ? 57 GLU D CB  1 
ATOM   1337 C CG  . GLU D 1 31 ? 5.278   5.064   12.519  1.00 35.98 ? 57 GLU D CG  1 
ATOM   1338 C CD  . GLU D 1 31 ? 6.137   5.611   13.646  1.00 37.89 ? 57 GLU D CD  1 
ATOM   1339 O OE1 . GLU D 1 31 ? 5.576   6.023   14.684  1.00 39.27 ? 57 GLU D OE1 1 
ATOM   1340 O OE2 . GLU D 1 31 ? 7.378   5.628   13.493  1.00 37.25 ? 57 GLU D OE2 1 
ATOM   1341 N N   . ILE D 1 32 ? 3.722   0.906   13.476  1.00 36.71 ? 58 ILE D N   1 
ATOM   1342 C CA  . ILE D 1 32 ? 2.746   -0.091  13.900  1.00 36.93 ? 58 ILE D CA  1 
ATOM   1343 C C   . ILE D 1 32 ? 3.314   -1.160  14.813  1.00 38.95 ? 58 ILE D C   1 
ATOM   1344 O O   . ILE D 1 32 ? 2.668   -1.529  15.802  1.00 40.01 ? 58 ILE D O   1 
ATOM   1345 C CB  . ILE D 1 32 ? 2.048   -0.758  12.701  1.00 35.53 ? 58 ILE D CB  1 
ATOM   1346 C CG1 . ILE D 1 32 ? 1.105   0.256   12.044  1.00 34.33 ? 58 ILE D CG1 1 
ATOM   1347 C CG2 . ILE D 1 32 ? 1.242   -1.972  13.168  1.00 33.08 ? 58 ILE D CG2 1 
ATOM   1348 C CD1 . ILE D 1 32 ? 0.531   -0.200  10.745  1.00 35.63 ? 58 ILE D CD1 1 
ATOM   1349 N N   . THR D 1 33 ? 4.503   -1.668  14.507  1.00 39.99 ? 59 THR D N   1 
ATOM   1350 C CA  . THR D 1 33 ? 5.089   -2.683  15.382  1.00 43.08 ? 59 THR D CA  1 
ATOM   1351 C C   . THR D 1 33 ? 5.198   -2.064  16.764  1.00 43.50 ? 59 THR D C   1 
ATOM   1352 O O   . THR D 1 33 ? 4.650   -2.573  17.737  1.00 42.37 ? 59 THR D O   1 
ATOM   1353 C CB  . THR D 1 33 ? 6.505   -3.112  14.931  1.00 44.27 ? 59 THR D CB  1 
ATOM   1354 O OG1 . THR D 1 33 ? 6.408   -3.903  13.743  1.00 46.14 ? 59 THR D OG1 1 
ATOM   1355 C CG2 . THR D 1 33 ? 7.195   -3.923  16.019  1.00 41.99 ? 59 THR D CG2 1 
ATOM   1356 N N   . PHE D 1 34 ? 5.915   -0.954  16.830  1.00 44.99 ? 60 PHE D N   1 
ATOM   1357 C CA  . PHE D 1 34 ? 6.098   -0.244  18.076  1.00 48.42 ? 60 PHE D CA  1 
ATOM   1358 C C   . PHE D 1 34 ? 4.766   -0.182  18.795  1.00 49.71 ? 60 PHE D C   1 
ATOM   1359 O O   . PHE D 1 34 ? 4.613   -0.680  19.909  1.00 50.92 ? 60 PHE D O   1 
ATOM   1360 C CB  . PHE D 1 34 ? 6.566   1.176   17.804  1.00 49.24 ? 60 PHE D CB  1 
ATOM   1361 C CG  . PHE D 1 34 ? 6.658   2.011   19.030  1.00 52.66 ? 60 PHE D CG  1 
ATOM   1362 C CD1 . PHE D 1 34 ? 7.821   2.032   19.784  1.00 55.79 ? 60 PHE D CD1 1 
ATOM   1363 C CD2 . PHE D 1 34 ? 5.571   2.761   19.452  1.00 54.60 ? 60 PHE D CD2 1 
ATOM   1364 C CE1 . PHE D 1 34 ? 7.908   2.794   20.950  1.00 57.92 ? 60 PHE D CE1 1 
ATOM   1365 C CE2 . PHE D 1 34 ? 5.641   3.526   20.614  1.00 57.46 ? 60 PHE D CE2 1 
ATOM   1366 C CZ  . PHE D 1 34 ? 6.815   3.543   21.367  1.00 57.83 ? 60 PHE D CZ  1 
ATOM   1367 N N   . LEU D 1 35 ? 3.812   0.452   18.130  1.00 50.92 ? 61 LEU D N   1 
ATOM   1368 C CA  . LEU D 1 35 ? 2.464   0.623   18.639  1.00 51.44 ? 61 LEU D CA  1 
ATOM   1369 C C   . LEU D 1 35 ? 1.973   -0.700  19.202  1.00 52.69 ? 61 LEU D C   1 
ATOM   1370 O O   . LEU D 1 35 ? 1.376   -0.739  20.277  1.00 53.31 ? 61 LEU D O   1 
ATOM   1371 C CB  . LEU D 1 35 ? 1.560   1.095   17.498  1.00 50.59 ? 61 LEU D CB  1 
ATOM   1372 C CG  . LEU D 1 35 ? 0.185   1.695   17.773  1.00 49.00 ? 61 LEU D CG  1 
ATOM   1373 C CD1 . LEU D 1 35 ? 0.296   2.836   18.753  1.00 48.04 ? 61 LEU D CD1 1 
ATOM   1374 C CD2 . LEU D 1 35 ? -0.398  2.179   16.464  1.00 48.18 ? 61 LEU D CD2 1 
ATOM   1375 N N   . LYS D 1 36 ? 2.243   -1.783  18.478  1.00 54.28 ? 62 LYS D N   1 
ATOM   1376 C CA  . LYS D 1 36 ? 1.828   -3.115  18.903  1.00 55.28 ? 62 LYS D CA  1 
ATOM   1377 C C   . LYS D 1 36 ? 2.416   -3.436  20.276  1.00 56.73 ? 62 LYS D C   1 
ATOM   1378 O O   . LYS D 1 36 ? 1.680   -3.730  21.218  1.00 56.81 ? 62 LYS D O   1 
ATOM   1379 C CB  . LYS D 1 36 ? 2.279   -4.154  17.869  1.00 55.33 ? 62 LYS D CB  1 
ATOM   1380 C CG  . LYS D 1 36 ? 1.431   -5.430  17.804  1.00 54.85 ? 62 LYS D CG  1 
ATOM   1381 C CD  . LYS D 1 36 ? 1.748   -6.397  18.923  1.00 55.40 ? 62 LYS D CD  1 
ATOM   1382 C CE  . LYS D 1 36 ? 3.204   -6.857  18.871  1.00 56.01 ? 62 LYS D CE  1 
ATOM   1383 N NZ  . LYS D 1 36 ? 3.515   -7.621  17.629  1.00 55.83 ? 62 LYS D NZ  1 
ATOM   1384 N N   . ASN D 1 37 ? 3.740   -3.364  20.389  1.00 58.80 ? 63 ASN D N   1 
ATOM   1385 C CA  . ASN D 1 37 ? 4.424   -3.648  21.648  1.00 60.69 ? 63 ASN D CA  1 
ATOM   1386 C C   . ASN D 1 37 ? 3.879   -2.832  22.810  1.00 61.31 ? 63 ASN D C   1 
ATOM   1387 O O   . ASN D 1 37 ? 3.615   -3.370  23.883  1.00 60.58 ? 63 ASN D O   1 
ATOM   1388 C CB  . ASN D 1 37 ? 5.924   -3.374  21.524  1.00 62.12 ? 63 ASN D CB  1 
ATOM   1389 C CG  . ASN D 1 37 ? 6.589   -4.238  20.481  1.00 63.94 ? 63 ASN D CG  1 
ATOM   1390 O OD1 . ASN D 1 37 ? 6.105   -5.324  20.153  1.00 65.93 ? 63 ASN D OD1 1 
ATOM   1391 N ND2 . ASN D 1 37 ? 7.717   -3.770  19.961  1.00 64.35 ? 63 ASN D ND2 1 
ATOM   1392 N N   . THR D 1 38 ? 3.736   -1.527  22.598  1.00 62.65 ? 64 THR D N   1 
ATOM   1393 C CA  . THR D 1 38 ? 3.226   -0.639  23.636  1.00 64.25 ? 64 THR D CA  1 
ATOM   1394 C C   . THR D 1 38 ? 1.852   -1.090  24.106  1.00 65.09 ? 64 THR D C   1 
ATOM   1395 O O   . THR D 1 38 ? 1.637   -1.286  25.301  1.00 65.61 ? 64 THR D O   1 
ATOM   1396 C CB  . THR D 1 38 ? 3.155   0.831   23.140  1.00 64.65 ? 64 THR D CB  1 
ATOM   1397 O OG1 . THR D 1 38 ? 4.475   1.392   23.128  1.00 65.63 ? 64 THR D OG1 1 
ATOM   1398 C CG2 . THR D 1 38 ? 2.269   1.668   24.048  1.00 63.51 ? 64 THR D CG2 1 
ATOM   1399 N N   . VAL D 1 39 ? 0.922   -1.258  23.172  1.00 66.39 ? 65 VAL D N   1 
ATOM   1400 C CA  . VAL D 1 39 ? -0.418  -1.695  23.535  1.00 68.32 ? 65 VAL D CA  1 
ATOM   1401 C C   . VAL D 1 39 ? -0.298  -2.983  24.330  1.00 70.36 ? 65 VAL D C   1 
ATOM   1402 O O   . VAL D 1 39 ? -0.933  -3.149  25.371  1.00 70.40 ? 65 VAL D O   1 
ATOM   1403 C CB  . VAL D 1 39 ? -1.290  -1.961  22.294  1.00 67.11 ? 65 VAL D CB  1 
ATOM   1404 C CG1 . VAL D 1 39 ? -2.662  -2.439  22.725  1.00 65.73 ? 65 VAL D CG1 1 
ATOM   1405 C CG2 . VAL D 1 39 ? -1.410  -0.694  21.463  1.00 67.48 ? 65 VAL D CG2 1 
ATOM   1406 N N   . MET D 1 40 ? 0.535   -3.887  23.829  1.00 72.99 ? 66 MET D N   1 
ATOM   1407 C CA  . MET D 1 40 ? 0.762   -5.172  24.474  1.00 75.18 ? 66 MET D CA  1 
ATOM   1408 C C   . MET D 1 40 ? 1.340   -4.952  25.871  1.00 76.45 ? 66 MET D C   1 
ATOM   1409 O O   . MET D 1 40 ? 0.796   -5.448  26.861  1.00 75.56 ? 66 MET D O   1 
ATOM   1410 C CB  . MET D 1 40 ? 1.716   -6.000  23.616  1.00 75.41 ? 66 MET D CB  1 
ATOM   1411 C CG  . MET D 1 40 ? 1.738   -7.472  23.935  1.00 76.63 ? 66 MET D CG  1 
ATOM   1412 S SD  . MET D 1 40 ? 2.449   -8.399  22.560  1.00 79.69 ? 66 MET D SD  1 
ATOM   1413 C CE  . MET D 1 40 ? 1.018   -9.372  22.018  1.00 78.23 ? 66 MET D CE  1 
ATOM   1414 N N   . GLU D 1 41 ? 2.436   -4.195  25.942  1.00 78.58 ? 67 GLU D N   1 
ATOM   1415 C CA  . GLU D 1 41 ? 3.101   -3.884  27.211  1.00 80.39 ? 67 GLU D CA  1 
ATOM   1416 C C   . GLU D 1 41 ? 2.362   -2.819  28.018  1.00 80.03 ? 67 GLU D C   1 
ATOM   1417 O O   . GLU D 1 41 ? 2.976   -1.956  28.649  1.00 79.80 ? 67 GLU D O   1 
ATOM   1418 C CB  . GLU D 1 41 ? 4.551   -3.432  26.976  1.00 81.66 ? 67 GLU D CB  1 
ATOM   1419 C CG  . GLU D 1 41 ? 5.535   -4.582  26.780  1.00 84.37 ? 67 GLU D CG  1 
ATOM   1420 C CD  . GLU D 1 41 ? 6.978   -4.111  26.629  1.00 86.34 ? 67 GLU D CD  1 
ATOM   1421 O OE1 . GLU D 1 41 ? 7.518   -3.503  27.583  1.00 87.21 ? 67 GLU D OE1 1 
ATOM   1422 O OE2 . GLU D 1 41 ? 7.572   -4.353  25.553  1.00 87.61 ? 67 GLU D OE2 1 
ATOM   1423 N N   . CYS D 1 42 ? 1.037   -2.880  27.988  1.00 79.71 ? 68 CYS D N   1 
ATOM   1424 C CA  . CYS D 1 42 ? 0.231   -1.938  28.741  1.00 79.57 ? 68 CYS D CA  1 
ATOM   1425 C C   . CYS D 1 42 ? -0.230  -2.614  30.026  1.00 80.27 ? 68 CYS D C   1 
ATOM   1426 O O   . CYS D 1 42 ? -0.665  -3.769  30.010  1.00 80.86 ? 68 CYS D O   1 
ATOM   1427 C CB  . CYS D 1 42 ? -0.981  -1.505  27.932  1.00 78.42 ? 68 CYS D CB  1 
ATOM   1428 S SG  . CYS D 1 42 ? -2.237  -0.738  28.955  1.00 77.56 ? 68 CYS D SG  1 
ATOM   1429 N N   . ASP D 1 43 ? -0.142  -1.889  31.135  1.00 80.42 ? 69 ASP D N   1 
ATOM   1430 C CA  . ASP D 1 43 ? -0.540  -2.427  32.427  1.00 79.89 ? 69 ASP D CA  1 
ATOM   1431 C C   . ASP D 1 43 ? -2.048  -2.365  32.662  1.00 79.24 ? 69 ASP D C   1 
ATOM   1432 O O   . ASP D 1 43 ? -2.608  -3.208  33.372  1.00 78.83 ? 69 ASP D O   1 
ATOM   1433 C CB  . ASP D 1 43 ? 0.206   -1.691  33.541  1.00 80.47 ? 69 ASP D CB  1 
ATOM   1434 C CG  . ASP D 1 43 ? 1.716   -1.780  33.381  1.00 81.47 ? 69 ASP D CG  1 
ATOM   1435 O OD1 . ASP D 1 43 ? 2.272   -1.049  32.534  1.00 81.41 ? 69 ASP D OD1 1 
ATOM   1436 O OD2 . ASP D 1 43 ? 2.347   -2.598  34.092  1.00 81.70 ? 69 ASP D OD2 1 
ATOM   1437 N N   . ALA D 1 44 ? -2.706  -1.375  32.061  1.00 78.55 ? 70 ALA D N   1 
ATOM   1438 C CA  . ALA D 1 44 ? -4.150  -1.220  32.207  1.00 77.11 ? 70 ALA D CA  1 
ATOM   1439 C C   . ALA D 1 44 ? -4.894  -2.449  31.674  1.00 76.53 ? 70 ALA D C   1 
ATOM   1440 O O   . ALA D 1 44 ? -6.086  -2.619  31.936  1.00 76.15 ? 70 ALA D O   1 
ATOM   1441 C CB  . ALA D 1 44 ? -4.623  0.034   31.486  1.00 76.23 ? 70 ALA D CB  1 
ATOM   1442 N N   . CYS D 1 45 ? -4.193  -3.302  30.925  1.00 75.41 ? 71 CYS D N   1 
ATOM   1443 C CA  . CYS D 1 45 ? -4.808  -4.516  30.393  1.00 74.52 ? 71 CYS D CA  1 
ATOM   1444 C C   . CYS D 1 45 ? -4.675  -5.659  31.402  1.00 75.01 ? 71 CYS D C   1 
ATOM   1445 O O   . CYS D 1 45 ? -5.721  -6.135  31.906  1.00 74.69 ? 71 CYS D O   1 
ATOM   1446 C CB  . CYS D 1 45 ? -4.154  -4.933  29.068  1.00 72.73 ? 71 CYS D CB  1 
ATOM   1447 S SG  . CYS D 1 45 ? -4.414  -3.791  27.674  1.00 69.31 ? 71 CYS D SG  1 
ATOM   1448 O OXT . CYS D 1 45 ? -3.523  -6.060  31.678  1.00 74.85 ? 71 CYS D OXT 1 
ATOM   1449 N N   . MET E 1 1  ? 16.463  -3.623  -29.560 1.00 74.27 ? 27 MET E N   1 
ATOM   1450 C CA  . MET E 1 1  ? 15.715  -2.669  -30.436 1.00 74.00 ? 27 MET E CA  1 
ATOM   1451 C C   . MET E 1 1  ? 15.015  -1.575  -29.630 1.00 72.28 ? 27 MET E C   1 
ATOM   1452 O O   . MET E 1 1  ? 14.626  -1.780  -28.478 1.00 71.38 ? 27 MET E O   1 
ATOM   1453 C CB  . MET E 1 1  ? 14.665  -3.424  -31.275 1.00 75.49 ? 27 MET E CB  1 
ATOM   1454 C CG  . MET E 1 1  ? 15.178  -4.069  -32.576 1.00 76.88 ? 27 MET E CG  1 
ATOM   1455 S SD  . MET E 1 1  ? 15.406  -2.915  -33.978 1.00 76.91 ? 27 MET E SD  1 
ATOM   1456 C CE  . MET E 1 1  ? 17.203  -2.833  -34.085 1.00 75.93 ? 27 MET E CE  1 
ATOM   1457 N N   . ASP E 1 2  ? 14.864  -0.407  -30.246 1.00 70.45 ? 28 ASP E N   1 
ATOM   1458 C CA  . ASP E 1 2  ? 14.180  0.699   -29.597 1.00 68.95 ? 28 ASP E CA  1 
ATOM   1459 C C   . ASP E 1 2  ? 14.787  1.031   -28.227 1.00 66.17 ? 28 ASP E C   1 
ATOM   1460 O O   . ASP E 1 2  ? 15.987  1.274   -28.099 1.00 65.44 ? 28 ASP E O   1 
ATOM   1461 C CB  . ASP E 1 2  ? 12.696  0.336   -29.432 1.00 70.89 ? 28 ASP E CB  1 
ATOM   1462 C CG  . ASP E 1 2  ? 11.870  1.480   -28.870 1.00 72.74 ? 28 ASP E CG  1 
ATOM   1463 O OD1 . ASP E 1 2  ? 10.829  1.205   -28.227 1.00 71.82 ? 28 ASP E OD1 1 
ATOM   1464 O OD2 . ASP E 1 2  ? 12.263  2.653   -29.079 1.00 74.63 ? 28 ASP E OD2 1 
ATOM   1465 N N   . LEU E 1 3  ? 13.927  1.043   -27.213 1.00 62.35 ? 29 LEU E N   1 
ATOM   1466 C CA  . LEU E 1 3  ? 14.307  1.333   -25.842 1.00 58.16 ? 29 LEU E CA  1 
ATOM   1467 C C   . LEU E 1 3  ? 13.863  0.163   -24.982 1.00 56.71 ? 29 LEU E C   1 
ATOM   1468 O O   . LEU E 1 3  ? 13.747  0.279   -23.760 1.00 55.20 ? 29 LEU E O   1 
ATOM   1469 C CB  . LEU E 1 3  ? 13.613  2.605   -25.377 1.00 56.96 ? 29 LEU E CB  1 
ATOM   1470 C CG  . LEU E 1 3  ? 13.994  3.860   -26.156 1.00 55.99 ? 29 LEU E CG  1 
ATOM   1471 C CD1 . LEU E 1 3  ? 12.927  4.925   -25.967 1.00 55.83 ? 29 LEU E CD1 1 
ATOM   1472 C CD2 . LEU E 1 3  ? 15.363  4.349   -25.689 1.00 54.25 ? 29 LEU E CD2 1 
ATOM   1473 N N   . ALA E 1 4  ? 13.605  -0.965  -25.641 1.00 55.38 ? 30 ALA E N   1 
ATOM   1474 C CA  . ALA E 1 4  ? 13.170  -2.176  -24.962 1.00 52.72 ? 30 ALA E CA  1 
ATOM   1475 C C   . ALA E 1 4  ? 14.135  -2.501  -23.840 1.00 51.09 ? 30 ALA E C   1 
ATOM   1476 O O   . ALA E 1 4  ? 13.721  -2.798  -22.723 1.00 52.61 ? 30 ALA E O   1 
ATOM   1477 C CB  . ALA E 1 4  ? 13.100  -3.327  -25.937 1.00 52.11 ? 30 ALA E CB  1 
ATOM   1478 N N   . PRO E 1 5  ? 15.444  -2.448  -24.114 1.00 49.05 ? 31 PRO E N   1 
ATOM   1479 C CA  . PRO E 1 5  ? 16.354  -2.762  -23.012 1.00 48.26 ? 31 PRO E CA  1 
ATOM   1480 C C   . PRO E 1 5  ? 16.092  -1.866  -21.798 1.00 47.46 ? 31 PRO E C   1 
ATOM   1481 O O   . PRO E 1 5  ? 15.979  -2.351  -20.677 1.00 47.87 ? 31 PRO E O   1 
ATOM   1482 C CB  . PRO E 1 5  ? 17.728  -2.536  -23.635 1.00 48.60 ? 31 PRO E CB  1 
ATOM   1483 C CG  . PRO E 1 5  ? 17.510  -2.924  -25.065 1.00 48.04 ? 31 PRO E CG  1 
ATOM   1484 C CD  . PRO E 1 5  ? 16.185  -2.260  -25.374 1.00 48.10 ? 31 PRO E CD  1 
ATOM   1485 N N   . GLN E 1 6  ? 15.974  -0.562  -22.033 1.00 46.04 ? 32 GLN E N   1 
ATOM   1486 C CA  . GLN E 1 6  ? 15.734  0.400   -20.962 1.00 44.97 ? 32 GLN E CA  1 
ATOM   1487 C C   . GLN E 1 6  ? 14.391  0.176   -20.285 1.00 44.49 ? 32 GLN E C   1 
ATOM   1488 O O   . GLN E 1 6  ? 14.301  0.039   -19.061 1.00 44.60 ? 32 GLN E O   1 
ATOM   1489 C CB  . GLN E 1 6  ? 15.787  1.839   -21.500 1.00 45.27 ? 32 GLN E CB  1 
ATOM   1490 C CG  . GLN E 1 6  ? 17.177  2.369   -21.868 1.00 45.02 ? 32 GLN E CG  1 
ATOM   1491 C CD  . GLN E 1 6  ? 17.732  1.785   -23.163 1.00 46.96 ? 32 GLN E CD  1 
ATOM   1492 O OE1 . GLN E 1 6  ? 18.843  2.114   -23.572 1.00 48.80 ? 32 GLN E OE1 1 
ATOM   1493 N NE2 . GLN E 1 6  ? 16.964  0.923   -23.811 1.00 47.34 ? 32 GLN E NE2 1 
ATOM   1494 N N   . MET E 1 7  ? 13.341  0.142   -21.090 1.00 42.83 ? 33 MET E N   1 
ATOM   1495 C CA  . MET E 1 7  ? 12.012  -0.049  -20.553 1.00 41.44 ? 33 MET E CA  1 
ATOM   1496 C C   . MET E 1 7  ? 11.910  -1.335  -19.761 1.00 40.24 ? 33 MET E C   1 
ATOM   1497 O O   . MET E 1 7  ? 11.159  -1.406  -18.790 1.00 40.60 ? 33 MET E O   1 
ATOM   1498 C CB  . MET E 1 7  ? 10.984  -0.042  -21.681 1.00 42.10 ? 33 MET E CB  1 
ATOM   1499 C CG  . MET E 1 7  ? 10.984  1.249   -22.467 1.00 45.17 ? 33 MET E CG  1 
ATOM   1500 S SD  . MET E 1 7  ? 9.498   1.467   -23.445 1.00 47.20 ? 33 MET E SD  1 
ATOM   1501 C CE  . MET E 1 7  ? 8.365   2.008   -22.159 1.00 47.25 ? 33 MET E CE  1 
ATOM   1502 N N   . LEU E 1 8  ? 12.669  -2.348  -20.170 1.00 38.89 ? 34 LEU E N   1 
ATOM   1503 C CA  . LEU E 1 8  ? 12.634  -3.639  -19.491 1.00 36.02 ? 34 LEU E CA  1 
ATOM   1504 C C   . LEU E 1 8  ? 13.220  -3.489  -18.105 1.00 35.79 ? 34 LEU E C   1 
ATOM   1505 O O   . LEU E 1 8  ? 12.683  -4.007  -17.125 1.00 35.82 ? 34 LEU E O   1 
ATOM   1506 C CB  . LEU E 1 8  ? 13.416  -4.687  -20.287 1.00 33.03 ? 34 LEU E CB  1 
ATOM   1507 C CG  . LEU E 1 8  ? 13.474  -6.103  -19.701 1.00 32.83 ? 34 LEU E CG  1 
ATOM   1508 C CD1 . LEU E 1 8  ? 12.104  -6.546  -19.205 1.00 32.95 ? 34 LEU E CD1 1 
ATOM   1509 C CD2 . LEU E 1 8  ? 13.982  -7.062  -20.757 1.00 33.31 ? 34 LEU E CD2 1 
ATOM   1510 N N   . ARG E 1 9  ? 14.315  -2.747  -18.029 1.00 35.23 ? 35 ARG E N   1 
ATOM   1511 C CA  . ARG E 1 9  ? 14.995  -2.516  -16.768 1.00 33.15 ? 35 ARG E CA  1 
ATOM   1512 C C   . ARG E 1 9  ? 14.051  -1.917  -15.731 1.00 31.44 ? 35 ARG E C   1 
ATOM   1513 O O   . ARG E 1 9  ? 13.945  -2.433  -14.616 1.00 32.05 ? 35 ARG E O   1 
ATOM   1514 C CB  . ARG E 1 9  ? 16.200  -1.605  -16.999 1.00 32.55 ? 35 ARG E CB  1 
ATOM   1515 C CG  . ARG E 1 9  ? 16.944  -1.241  -15.744 1.00 33.71 ? 35 ARG E CG  1 
ATOM   1516 C CD  . ARG E 1 9  ? 17.239  -2.455  -14.880 1.00 34.36 ? 35 ARG E CD  1 
ATOM   1517 N NE  . ARG E 1 9  ? 17.984  -2.056  -13.695 1.00 35.63 ? 35 ARG E NE  1 
ATOM   1518 C CZ  . ARG E 1 9  ? 19.265  -1.690  -13.694 1.00 35.60 ? 35 ARG E CZ  1 
ATOM   1519 N NH1 . ARG E 1 9  ? 19.972  -1.684  -14.823 1.00 31.08 ? 35 ARG E NH1 1 
ATOM   1520 N NH2 . ARG E 1 9  ? 19.830  -1.293  -12.559 1.00 35.90 ? 35 ARG E NH2 1 
ATOM   1521 N N   . GLU E 1 10 ? 13.360  -0.840  -16.096 1.00 29.00 ? 36 GLU E N   1 
ATOM   1522 C CA  . GLU E 1 10 ? 12.427  -0.203  -15.175 1.00 26.56 ? 36 GLU E CA  1 
ATOM   1523 C C   . GLU E 1 10 ? 11.460  -1.238  -14.623 1.00 26.98 ? 36 GLU E C   1 
ATOM   1524 O O   . GLU E 1 10 ? 11.252  -1.323  -13.412 1.00 28.67 ? 36 GLU E O   1 
ATOM   1525 C CB  . GLU E 1 10 ? 11.620  0.891   -15.869 1.00 23.62 ? 36 GLU E CB  1 
ATOM   1526 C CG  . GLU E 1 10 ? 12.427  2.058   -16.380 1.00 24.69 ? 36 GLU E CG  1 
ATOM   1527 C CD  . GLU E 1 10 ? 13.355  2.640   -15.336 1.00 24.19 ? 36 GLU E CD  1 
ATOM   1528 O OE1 . GLU E 1 10 ? 12.929  2.837   -14.179 1.00 27.45 ? 36 GLU E OE1 1 
ATOM   1529 O OE2 . GLU E 1 10 ? 14.519  2.914   -15.677 1.00 24.01 ? 36 GLU E OE2 1 
ATOM   1530 N N   . LEU E 1 11 ? 10.875  -2.025  -15.516 1.00 25.51 ? 37 LEU E N   1 
ATOM   1531 C CA  . LEU E 1 11 ? 9.924   -3.049  -15.118 1.00 26.51 ? 37 LEU E CA  1 
ATOM   1532 C C   . LEU E 1 11 ? 10.518  -4.013  -14.094 1.00 28.25 ? 37 LEU E C   1 
ATOM   1533 O O   . LEU E 1 11 ? 9.948   -4.210  -13.011 1.00 28.43 ? 37 LEU E O   1 
ATOM   1534 C CB  . LEU E 1 11 ? 9.441   -3.816  -16.349 1.00 27.11 ? 37 LEU E CB  1 
ATOM   1535 C CG  . LEU E 1 11 ? 8.686   -2.978  -17.385 1.00 26.65 ? 37 LEU E CG  1 
ATOM   1536 C CD1 . LEU E 1 11 ? 8.474   -3.784  -18.654 1.00 26.10 ? 37 LEU E CD1 1 
ATOM   1537 C CD2 . LEU E 1 11 ? 7.374   -2.516  -16.798 1.00 23.84 ? 37 LEU E CD2 1 
ATOM   1538 N N   . GLN E 1 12 ? 11.662  -4.615  -14.422 1.00 27.74 ? 38 GLN E N   1 
ATOM   1539 C CA  . GLN E 1 12 ? 12.273  -5.532  -13.485 1.00 26.00 ? 38 GLN E CA  1 
ATOM   1540 C C   . GLN E 1 12 ? 12.483  -4.780  -12.196 1.00 26.67 ? 38 GLN E C   1 
ATOM   1541 O O   . GLN E 1 12 ? 12.279  -5.316  -11.112 1.00 27.24 ? 38 GLN E O   1 
ATOM   1542 C CB  . GLN E 1 12 ? 13.605  -6.033  -13.996 1.00 25.82 ? 38 GLN E CB  1 
ATOM   1543 C CG  . GLN E 1 12 ? 13.530  -6.900  -15.216 1.00 28.39 ? 38 GLN E CG  1 
ATOM   1544 C CD  . GLN E 1 12 ? 14.880  -7.463  -15.569 1.00 28.60 ? 38 GLN E CD  1 
ATOM   1545 O OE1 . GLN E 1 12 ? 15.889  -6.818  -15.334 1.00 32.66 ? 38 GLN E OE1 1 
ATOM   1546 N NE2 . GLN E 1 12 ? 14.912  -8.656  -16.139 1.00 29.69 ? 38 GLN E NE2 1 
ATOM   1547 N N   . GLU E 1 13 ? 12.880  -3.521  -12.298 1.00 27.63 ? 39 GLU E N   1 
ATOM   1548 C CA  . GLU E 1 13 ? 13.089  -2.758  -11.079 1.00 32.14 ? 39 GLU E CA  1 
ATOM   1549 C C   . GLU E 1 13 ? 11.786  -2.474  -10.354 1.00 33.17 ? 39 GLU E C   1 
ATOM   1550 O O   . GLU E 1 13 ? 11.762  -2.407  -9.130  1.00 35.23 ? 39 GLU E O   1 
ATOM   1551 C CB  . GLU E 1 13 ? 13.829  -1.456  -11.363 1.00 32.40 ? 39 GLU E CB  1 
ATOM   1552 C CG  . GLU E 1 13 ? 15.327  -1.610  -11.252 1.00 35.45 ? 39 GLU E CG  1 
ATOM   1553 C CD  . GLU E 1 13 ? 16.052  -0.309  -11.449 1.00 36.96 ? 39 GLU E CD  1 
ATOM   1554 O OE1 . GLU E 1 13 ? 15.849  0.621   -10.640 1.00 37.82 ? 39 GLU E OE1 1 
ATOM   1555 O OE2 . GLU E 1 13 ? 16.823  -0.220  -12.420 1.00 38.68 ? 39 GLU E OE2 1 
ATOM   1556 N N   . THR E 1 14 ? 10.707  -2.308  -11.108 1.00 33.22 ? 40 THR E N   1 
ATOM   1557 C CA  . THR E 1 14 ? 9.406   -2.055  -10.506 1.00 34.46 ? 40 THR E CA  1 
ATOM   1558 C C   . THR E 1 14 ? 8.922   -3.294  -9.743  1.00 34.19 ? 40 THR E C   1 
ATOM   1559 O O   . THR E 1 14 ? 8.332   -3.170  -8.668  1.00 32.51 ? 40 THR E O   1 
ATOM   1560 C CB  . THR E 1 14 ? 8.356   -1.652  -11.581 1.00 35.12 ? 40 THR E CB  1 
ATOM   1561 O OG1 . THR E 1 14 ? 8.301   -0.224  -11.675 1.00 35.24 ? 40 THR E OG1 1 
ATOM   1562 C CG2 . THR E 1 14 ? 6.978   -2.195  -11.237 1.00 31.87 ? 40 THR E CG2 1 
ATOM   1563 N N   . ASN E 1 15 ? 9.169   -4.482  -10.296 1.00 33.21 ? 41 ASN E N   1 
ATOM   1564 C CA  . ASN E 1 15 ? 8.756   -5.702  -9.616  1.00 32.65 ? 41 ASN E CA  1 
ATOM   1565 C C   . ASN E 1 15 ? 9.559   -5.927  -8.349  1.00 31.37 ? 41 ASN E C   1 
ATOM   1566 O O   . ASN E 1 15 ? 8.982   -6.107  -7.277  1.00 31.17 ? 41 ASN E O   1 
ATOM   1567 C CB  . ASN E 1 15 ? 8.882   -6.914  -10.527 1.00 34.29 ? 41 ASN E CB  1 
ATOM   1568 C CG  . ASN E 1 15 ? 7.681   -7.077  -11.436 1.00 37.58 ? 41 ASN E CG  1 
ATOM   1569 O OD1 . ASN E 1 15 ? 6.541   -7.172  -10.967 1.00 37.81 ? 41 ASN E OD1 1 
ATOM   1570 N ND2 . ASN E 1 15 ? 7.924   -7.112  -12.744 1.00 39.05 ? 41 ASN E ND2 1 
ATOM   1571 N N   . ALA E 1 16 ? 10.881  -5.904  -8.458  1.00 28.24 ? 42 ALA E N   1 
ATOM   1572 C CA  . ALA E 1 16 ? 11.724  -6.098  -7.293  1.00 27.88 ? 42 ALA E CA  1 
ATOM   1573 C C   . ALA E 1 16 ? 11.135  -5.374  -6.090  1.00 28.97 ? 42 ALA E C   1 
ATOM   1574 O O   . ALA E 1 16 ? 11.021  -5.935  -4.995  1.00 27.79 ? 42 ALA E O   1 
ATOM   1575 C CB  . ALA E 1 16 ? 13.102  -5.575  -7.571  1.00 28.50 ? 42 ALA E CB  1 
ATOM   1576 N N   . ALA E 1 17 ? 10.745  -4.125  -6.322  1.00 30.17 ? 43 ALA E N   1 
ATOM   1577 C CA  . ALA E 1 17 ? 10.180  -3.265  -5.289  1.00 31.12 ? 43 ALA E CA  1 
ATOM   1578 C C   . ALA E 1 17 ? 8.820   -3.730  -4.807  1.00 32.31 ? 43 ALA E C   1 
ATOM   1579 O O   . ALA E 1 17 ? 8.594   -3.845  -3.598  1.00 32.41 ? 43 ALA E O   1 
ATOM   1580 C CB  . ALA E 1 17 ? 10.074  -1.831  -5.804  1.00 30.43 ? 43 ALA E CB  1 
ATOM   1581 N N   . LEU E 1 18 ? 7.917   -3.977  -5.759  1.00 32.71 ? 44 LEU E N   1 
ATOM   1582 C CA  . LEU E 1 18 ? 6.571   -4.411  -5.436  1.00 33.53 ? 44 LEU E CA  1 
ATOM   1583 C C   . LEU E 1 18 ? 6.669   -5.706  -4.666  1.00 35.41 ? 44 LEU E C   1 
ATOM   1584 O O   . LEU E 1 18 ? 5.960   -5.920  -3.686  1.00 37.12 ? 44 LEU E O   1 
ATOM   1585 C CB  . LEU E 1 18 ? 5.758   -4.623  -6.696  1.00 32.72 ? 44 LEU E CB  1 
ATOM   1586 C CG  . LEU E 1 18 ? 4.261   -4.731  -6.427  1.00 33.44 ? 44 LEU E CG  1 
ATOM   1587 C CD1 . LEU E 1 18 ? 3.723   -3.396  -5.957  1.00 32.37 ? 44 LEU E CD1 1 
ATOM   1588 C CD2 . LEU E 1 18 ? 3.555   -5.150  -7.697  1.00 35.74 ? 44 LEU E CD2 1 
ATOM   1589 N N   . GLN E 1 19 ? 7.564   -6.573  -5.109  1.00 35.94 ? 45 GLN E N   1 
ATOM   1590 C CA  . GLN E 1 19 ? 7.766   -7.836  -4.432  1.00 35.91 ? 45 GLN E CA  1 
ATOM   1591 C C   . GLN E 1 19 ? 7.997   -7.538  -2.969  1.00 35.25 ? 45 GLN E C   1 
ATOM   1592 O O   . GLN E 1 19 ? 7.547   -8.276  -2.099  1.00 36.01 ? 45 GLN E O   1 
ATOM   1593 C CB  . GLN E 1 19 ? 9.001   -8.539  -4.983  1.00 38.16 ? 45 GLN E CB  1 
ATOM   1594 C CG  . GLN E 1 19 ? 8.832   -10.033 -5.165  1.00 40.78 ? 45 GLN E CG  1 
ATOM   1595 C CD  . GLN E 1 19 ? 8.752   -10.403 -6.620  1.00 41.04 ? 45 GLN E CD  1 
ATOM   1596 O OE1 . GLN E 1 19 ? 9.725   -10.240 -7.357  1.00 42.56 ? 45 GLN E OE1 1 
ATOM   1597 N NE2 . GLN E 1 19 ? 7.590   -10.885 -7.055  1.00 42.18 ? 45 GLN E NE2 1 
ATOM   1598 N N   . ASP E 1 20 ? 8.709   -6.446  -2.706  1.00 35.75 ? 46 ASP E N   1 
ATOM   1599 C CA  . ASP E 1 20 ? 9.035   -6.048  -1.346  1.00 35.92 ? 46 ASP E CA  1 
ATOM   1600 C C   . ASP E 1 20 ? 7.838   -5.432  -0.651  1.00 36.00 ? 46 ASP E C   1 
ATOM   1601 O O   . ASP E 1 20 ? 7.569   -5.735  0.509   1.00 37.15 ? 46 ASP E O   1 
ATOM   1602 C CB  . ASP E 1 20 ? 10.204  -5.063  -1.342  1.00 37.75 ? 46 ASP E CB  1 
ATOM   1603 C CG  . ASP E 1 20 ? 10.848  -4.936  0.026   1.00 40.89 ? 46 ASP E CG  1 
ATOM   1604 O OD1 . ASP E 1 20 ? 11.802  -4.145  0.191   1.00 40.04 ? 46 ASP E OD1 1 
ATOM   1605 O OD2 . ASP E 1 20 ? 10.397  -5.641  0.948   1.00 45.24 ? 46 ASP E OD2 1 
ATOM   1606 N N   . VAL E 1 21 ? 7.126   -4.555  -1.353  1.00 34.78 ? 47 VAL E N   1 
ATOM   1607 C CA  . VAL E 1 21 ? 5.938   -3.926  -0.789  1.00 32.69 ? 47 VAL E CA  1 
ATOM   1608 C C   . VAL E 1 21 ? 4.994   -5.027  -0.328  1.00 33.09 ? 47 VAL E C   1 
ATOM   1609 O O   . VAL E 1 21 ? 4.440   -4.974  0.763   1.00 33.20 ? 47 VAL E O   1 
ATOM   1610 C CB  . VAL E 1 21 ? 5.209   -3.055  -1.837  1.00 32.37 ? 47 VAL E CB  1 
ATOM   1611 C CG1 . VAL E 1 21 ? 3.735   -2.909  -1.467  1.00 28.57 ? 47 VAL E CG1 1 
ATOM   1612 C CG2 . VAL E 1 21 ? 5.872   -1.686  -1.923  1.00 31.04 ? 47 VAL E CG2 1 
ATOM   1613 N N   . ARG E 1 22 ? 4.816   -6.032  -1.174  1.00 34.16 ? 48 ARG E N   1 
ATOM   1614 C CA  . ARG E 1 22 ? 3.948   -7.146  -0.845  1.00 35.51 ? 48 ARG E CA  1 
ATOM   1615 C C   . ARG E 1 22 ? 4.332   -7.726  0.516   1.00 35.58 ? 48 ARG E C   1 
ATOM   1616 O O   . ARG E 1 22 ? 3.505   -7.805  1.426   1.00 33.89 ? 48 ARG E O   1 
ATOM   1617 C CB  . ARG E 1 22 ? 4.058   -8.233  -1.914  1.00 36.54 ? 48 ARG E CB  1 
ATOM   1618 C CG  . ARG E 1 22 ? 3.231   -9.470  -1.598  1.00 40.46 ? 48 ARG E CG  1 
ATOM   1619 C CD  . ARG E 1 22 ? 3.894   -10.723 -2.125  1.00 42.77 ? 48 ARG E CD  1 
ATOM   1620 N NE  . ARG E 1 22 ? 3.500   -11.054 -3.487  1.00 43.70 ? 48 ARG E NE  1 
ATOM   1621 C CZ  . ARG E 1 22 ? 4.335   -11.555 -4.390  1.00 45.32 ? 48 ARG E CZ  1 
ATOM   1622 N NH1 . ARG E 1 22 ? 5.603   -11.764 -4.061  1.00 46.40 ? 48 ARG E NH1 1 
ATOM   1623 N NH2 . ARG E 1 22 ? 3.905   -11.864 -5.607  1.00 44.70 ? 48 ARG E NH2 1 
ATOM   1624 N N   . GLU E 1 23 ? 5.596   -8.120  0.649   1.00 36.47 ? 49 GLU E N   1 
ATOM   1625 C CA  . GLU E 1 23 ? 6.091   -8.711  1.883   1.00 36.74 ? 49 GLU E CA  1 
ATOM   1626 C C   . GLU E 1 23 ? 5.911   -7.783  3.061   1.00 35.99 ? 49 GLU E C   1 
ATOM   1627 O O   . GLU E 1 23 ? 5.535   -8.225  4.138   1.00 36.03 ? 49 GLU E O   1 
ATOM   1628 C CB  . GLU E 1 23 ? 7.560   -9.095  1.737   1.00 39.47 ? 49 GLU E CB  1 
ATOM   1629 C CG  . GLU E 1 23 ? 7.836   -10.072 0.585   1.00 44.77 ? 49 GLU E CG  1 
ATOM   1630 C CD  . GLU E 1 23 ? 6.970   -11.338 0.637   1.00 46.94 ? 49 GLU E CD  1 
ATOM   1631 O OE1 . GLU E 1 23 ? 7.063   -12.089 1.638   1.00 45.56 ? 49 GLU E OE1 1 
ATOM   1632 O OE2 . GLU E 1 23 ? 6.201   -11.576 -0.329  1.00 46.58 ? 49 GLU E OE2 1 
ATOM   1633 N N   . LEU E 1 24 ? 6.174   -6.497  2.858   1.00 35.68 ? 50 LEU E N   1 
ATOM   1634 C CA  . LEU E 1 24 ? 6.013   -5.516  3.924   1.00 34.92 ? 50 LEU E CA  1 
ATOM   1635 C C   . LEU E 1 24 ? 4.582   -5.528  4.428   1.00 35.86 ? 50 LEU E C   1 
ATOM   1636 O O   . LEU E 1 24 ? 4.339   -5.704  5.623   1.00 35.28 ? 50 LEU E O   1 
ATOM   1637 C CB  . LEU E 1 24 ? 6.371   -4.116  3.428   1.00 35.11 ? 50 LEU E CB  1 
ATOM   1638 C CG  . LEU E 1 24 ? 7.850   -3.741  3.479   1.00 33.85 ? 50 LEU E CG  1 
ATOM   1639 C CD1 . LEU E 1 24 ? 8.068   -2.423  2.768   1.00 34.44 ? 50 LEU E CD1 1 
ATOM   1640 C CD2 . LEU E 1 24 ? 8.296   -3.656  4.923   1.00 31.45 ? 50 LEU E CD2 1 
ATOM   1641 N N   . LEU E 1 25 ? 3.635   -5.337  3.515   1.00 36.79 ? 51 LEU E N   1 
ATOM   1642 C CA  . LEU E 1 25 ? 2.225   -5.350  3.881   1.00 38.04 ? 51 LEU E CA  1 
ATOM   1643 C C   . LEU E 1 25 ? 1.952   -6.696  4.547   1.00 38.76 ? 51 LEU E C   1 
ATOM   1644 O O   . LEU E 1 25 ? 1.338   -6.762  5.613   1.00 39.61 ? 51 LEU E O   1 
ATOM   1645 C CB  . LEU E 1 25 ? 1.350   -5.199  2.637   1.00 38.86 ? 51 LEU E CB  1 
ATOM   1646 C CG  . LEU E 1 25 ? 0.206   -4.186  2.718   1.00 40.24 ? 51 LEU E CG  1 
ATOM   1647 C CD1 . LEU E 1 25 ? -0.749  -4.396  1.557   1.00 41.90 ? 51 LEU E CD1 1 
ATOM   1648 C CD2 . LEU E 1 25 ? -0.544  -4.345  4.017   1.00 40.04 ? 51 LEU E CD2 1 
ATOM   1649 N N   . ARG E 1 26 ? 2.428   -7.761  3.904   1.00 39.66 ? 52 ARG E N   1 
ATOM   1650 C CA  . ARG E 1 26 ? 2.291   -9.143  4.388   1.00 40.62 ? 52 ARG E CA  1 
ATOM   1651 C C   . ARG E 1 26 ? 2.507   -9.228  5.903   1.00 39.46 ? 52 ARG E C   1 
ATOM   1652 O O   . ARG E 1 26 ? 1.632   -9.653  6.655   1.00 36.54 ? 52 ARG E O   1 
ATOM   1653 C CB  . ARG E 1 26 ? 3.332   -10.032 3.680   1.00 42.63 ? 52 ARG E CB  1 
ATOM   1654 C CG  . ARG E 1 26 ? 3.239   -11.519 3.972   1.00 43.37 ? 52 ARG E CG  1 
ATOM   1655 C CD  . ARG E 1 26 ? 2.232   -12.180 3.056   1.00 47.10 ? 52 ARG E CD  1 
ATOM   1656 N NE  . ARG E 1 26 ? 2.701   -12.245 1.671   1.00 49.25 ? 52 ARG E NE  1 
ATOM   1657 C CZ  . ARG E 1 26 ? 1.933   -12.585 0.637   1.00 49.88 ? 52 ARG E CZ  1 
ATOM   1658 N NH1 . ARG E 1 26 ? 0.649   -12.885 0.826   1.00 48.47 ? 52 ARG E NH1 1 
ATOM   1659 N NH2 . ARG E 1 26 ? 2.449   -12.636 -0.584  1.00 49.44 ? 52 ARG E NH2 1 
ATOM   1660 N N   . GLN E 1 27 ? 3.698   -8.827  6.332   1.00 39.52 ? 53 GLN E N   1 
ATOM   1661 C CA  . GLN E 1 27 ? 4.057   -8.847  7.734   1.00 40.12 ? 53 GLN E CA  1 
ATOM   1662 C C   . GLN E 1 27 ? 3.259   -7.821  8.516   1.00 40.40 ? 53 GLN E C   1 
ATOM   1663 O O   . GLN E 1 27 ? 2.895   -8.061  9.662   1.00 42.21 ? 53 GLN E O   1 
ATOM   1664 C CB  . GLN E 1 27 ? 5.541   -8.549  7.897   1.00 41.09 ? 53 GLN E CB  1 
ATOM   1665 C CG  . GLN E 1 27 ? 5.948   -8.293  9.337   1.00 44.19 ? 53 GLN E CG  1 
ATOM   1666 C CD  . GLN E 1 27 ? 7.226   -7.481  9.447   1.00 47.83 ? 53 GLN E CD  1 
ATOM   1667 O OE1 . GLN E 1 27 ? 7.675   -7.157  10.552  1.00 49.33 ? 53 GLN E OE1 1 
ATOM   1668 N NE2 . GLN E 1 27 ? 7.819   -7.141  8.302   1.00 48.42 ? 53 GLN E NE2 1 
ATOM   1669 N N   . GLN E 1 28 ? 2.991   -6.671  7.907   1.00 39.10 ? 54 GLN E N   1 
ATOM   1670 C CA  . GLN E 1 28 ? 2.239   -5.640  8.597   1.00 37.91 ? 54 GLN E CA  1 
ATOM   1671 C C   . GLN E 1 28 ? 0.935   -6.167  9.150   1.00 37.97 ? 54 GLN E C   1 
ATOM   1672 O O   . GLN E 1 28 ? 0.651   -5.996  10.328  1.00 37.73 ? 54 GLN E O   1 
ATOM   1673 C CB  . GLN E 1 28 ? 1.957   -4.463  7.673   1.00 37.61 ? 54 GLN E CB  1 
ATOM   1674 C CG  . GLN E 1 28 ? 1.049   -3.433  8.299   1.00 37.92 ? 54 GLN E CG  1 
ATOM   1675 C CD  . GLN E 1 28 ? 1.068   -2.117  7.566   1.00 40.43 ? 54 GLN E CD  1 
ATOM   1676 O OE1 . GLN E 1 28 ? 2.042   -1.372  7.633   1.00 42.65 ? 54 GLN E OE1 1 
ATOM   1677 N NE2 . GLN E 1 28 ? -0.012  -1.820  6.854   1.00 41.00 ? 54 GLN E NE2 1 
ATOM   1678 N N   . VAL E 1 29 ? 0.143   -6.811  8.302   1.00 38.98 ? 55 VAL E N   1 
ATOM   1679 C CA  . VAL E 1 29 ? -1.138  -7.366  8.729   1.00 40.80 ? 55 VAL E CA  1 
ATOM   1680 C C   . VAL E 1 29 ? -0.970  -8.353  9.888   1.00 42.65 ? 55 VAL E C   1 
ATOM   1681 O O   . VAL E 1 29 ? -1.895  -8.582  10.666  1.00 43.65 ? 55 VAL E O   1 
ATOM   1682 C CB  . VAL E 1 29 ? -1.833  -8.079  7.574   1.00 39.99 ? 55 VAL E CB  1 
ATOM   1683 C CG1 . VAL E 1 29 ? -1.745  -7.221  6.329   1.00 38.59 ? 55 VAL E CG1 1 
ATOM   1684 C CG2 . VAL E 1 29 ? -1.204  -9.436  7.351   1.00 38.61 ? 55 VAL E CG2 1 
ATOM   1685 N N   . LYS E 1 30 ? 0.212   -8.942  9.997   1.00 44.61 ? 56 LYS E N   1 
ATOM   1686 C CA  . LYS E 1 30 ? 0.488   -9.874  11.079  1.00 45.42 ? 56 LYS E CA  1 
ATOM   1687 C C   . LYS E 1 30 ? 0.622   -9.064  12.364  1.00 43.69 ? 56 LYS E C   1 
ATOM   1688 O O   . LYS E 1 30 ? 0.150   -9.479  13.411  1.00 42.33 ? 56 LYS E O   1 
ATOM   1689 C CB  . LYS E 1 30 ? 1.778   -10.651 10.792  1.00 48.02 ? 56 LYS E CB  1 
ATOM   1690 C CG  . LYS E 1 30 ? 2.276   -11.479 11.962  1.00 52.48 ? 56 LYS E CG  1 
ATOM   1691 C CD  . LYS E 1 30 ? 3.536   -12.282 11.621  1.00 55.71 ? 56 LYS E CD  1 
ATOM   1692 C CE  . LYS E 1 30 ? 3.205   -13.505 10.765  1.00 58.16 ? 56 LYS E CE  1 
ATOM   1693 N NZ  . LYS E 1 30 ? 4.352   -14.457 10.660  1.00 59.23 ? 56 LYS E NZ  1 
ATOM   1694 N N   . GLU E 1 31 ? 1.259   -7.900  12.258  1.00 43.68 ? 57 GLU E N   1 
ATOM   1695 C CA  . GLU E 1 31 ? 1.460   -6.997  13.395  1.00 45.22 ? 57 GLU E CA  1 
ATOM   1696 C C   . GLU E 1 31 ? 0.163   -6.276  13.748  1.00 45.12 ? 57 GLU E C   1 
ATOM   1697 O O   . GLU E 1 31 ? 0.003   -5.767  14.852  1.00 44.94 ? 57 GLU E O   1 
ATOM   1698 C CB  . GLU E 1 31 ? 2.524   -5.942  13.072  1.00 45.07 ? 57 GLU E CB  1 
ATOM   1699 C CG  . GLU E 1 31 ? 3.879   -6.501  12.727  1.00 48.03 ? 57 GLU E CG  1 
ATOM   1700 C CD  . GLU E 1 31 ? 4.692   -6.855  13.949  1.00 51.75 ? 57 GLU E CD  1 
ATOM   1701 O OE1 . GLU E 1 31 ? 4.142   -7.500  14.870  1.00 52.54 ? 57 GLU E OE1 1 
ATOM   1702 O OE2 . GLU E 1 31 ? 5.891   -6.495  13.987  1.00 54.86 ? 57 GLU E OE2 1 
ATOM   1703 N N   . ILE E 1 32 ? -0.757  -6.216  12.794  1.00 45.44 ? 58 ILE E N   1 
ATOM   1704 C CA  . ILE E 1 32 ? -2.020  -5.552  13.030  1.00 44.44 ? 58 ILE E CA  1 
ATOM   1705 C C   . ILE E 1 32 ? -3.045  -6.523  13.581  1.00 45.90 ? 58 ILE E C   1 
ATOM   1706 O O   . ILE E 1 32 ? -4.004  -6.105  14.231  1.00 47.47 ? 58 ILE E O   1 
ATOM   1707 C CB  . ILE E 1 32 ? -2.526  -4.877  11.747  1.00 43.03 ? 58 ILE E CB  1 
ATOM   1708 C CG1 . ILE E 1 32 ? -1.725  -3.590  11.531  1.00 43.41 ? 58 ILE E CG1 1 
ATOM   1709 C CG2 . ILE E 1 32 ? -4.012  -4.573  11.849  1.00 42.76 ? 58 ILE E CG2 1 
ATOM   1710 C CD1 . ILE E 1 32 ? -2.123  -2.794  10.314  1.00 45.00 ? 58 ILE E CD1 1 
ATOM   1711 N N   . THR E 1 33 ? -2.852  -7.817  13.335  1.00 46.58 ? 59 THR E N   1 
ATOM   1712 C CA  . THR E 1 33 ? -3.780  -8.812  13.872  1.00 46.77 ? 59 THR E CA  1 
ATOM   1713 C C   . THR E 1 33 ? -3.433  -9.087  15.336  1.00 46.58 ? 59 THR E C   1 
ATOM   1714 O O   . THR E 1 33 ? -4.323  -9.338  16.152  1.00 47.02 ? 59 THR E O   1 
ATOM   1715 C CB  . THR E 1 33 ? -3.734  -10.138 13.098  1.00 46.32 ? 59 THR E CB  1 
ATOM   1716 O OG1 . THR E 1 33 ? -4.277  -9.949  11.786  1.00 46.06 ? 59 THR E OG1 1 
ATOM   1717 C CG2 . THR E 1 33 ? -4.553  -11.195 13.828  1.00 46.27 ? 59 THR E CG2 1 
ATOM   1718 N N   . PHE E 1 34 ? -2.143  -9.036  15.665  1.00 45.14 ? 60 PHE E N   1 
ATOM   1719 C CA  . PHE E 1 34 ? -1.719  -9.253  17.042  1.00 45.90 ? 60 PHE E CA  1 
ATOM   1720 C C   . PHE E 1 34 ? -2.259  -8.114  17.888  1.00 45.46 ? 60 PHE E C   1 
ATOM   1721 O O   . PHE E 1 34 ? -2.802  -8.328  18.979  1.00 45.14 ? 60 PHE E O   1 
ATOM   1722 C CB  . PHE E 1 34 ? -0.200  -9.273  17.154  1.00 47.09 ? 60 PHE E CB  1 
ATOM   1723 C CG  . PHE E 1 34 ? 0.442   -10.426 16.455  1.00 49.75 ? 60 PHE E CG  1 
ATOM   1724 C CD1 . PHE E 1 34 ? -0.227  -11.642 16.328  1.00 50.61 ? 60 PHE E CD1 1 
ATOM   1725 C CD2 . PHE E 1 34 ? 1.741   -10.319 15.967  1.00 51.11 ? 60 PHE E CD2 1 
ATOM   1726 C CE1 . PHE E 1 34 ? 0.388   -12.738 15.727  1.00 50.92 ? 60 PHE E CE1 1 
ATOM   1727 C CE2 . PHE E 1 34 ? 2.370   -11.411 15.363  1.00 51.42 ? 60 PHE E CE2 1 
ATOM   1728 C CZ  . PHE E 1 34 ? 1.693   -12.622 15.243  1.00 51.16 ? 60 PHE E CZ  1 
ATOM   1729 N N   . LEU E 1 35 ? -2.096  -6.901  17.368  1.00 44.03 ? 61 LEU E N   1 
ATOM   1730 C CA  . LEU E 1 35 ? -2.566  -5.693  18.025  1.00 43.03 ? 61 LEU E CA  1 
ATOM   1731 C C   . LEU E 1 35 ? -4.077  -5.798  18.238  1.00 44.10 ? 61 LEU E C   1 
ATOM   1732 O O   . LEU E 1 35 ? -4.591  -5.395  19.278  1.00 44.01 ? 61 LEU E O   1 
ATOM   1733 C CB  . LEU E 1 35 ? -2.228  -4.486  17.158  1.00 40.15 ? 61 LEU E CB  1 
ATOM   1734 C CG  . LEU E 1 35 ? -2.698  -3.116  17.624  1.00 39.13 ? 61 LEU E CG  1 
ATOM   1735 C CD1 . LEU E 1 35 ? -2.166  -2.824  19.008  1.00 37.54 ? 61 LEU E CD1 1 
ATOM   1736 C CD2 . LEU E 1 35 ? -2.219  -2.070  16.626  1.00 38.48 ? 61 LEU E CD2 1 
ATOM   1737 N N   . LYS E 1 36 ? -4.778  -6.351  17.249  1.00 44.88 ? 62 LYS E N   1 
ATOM   1738 C CA  . LYS E 1 36 ? -6.224  -6.539  17.334  1.00 45.25 ? 62 LYS E CA  1 
ATOM   1739 C C   . LYS E 1 36 ? -6.562  -7.513  18.439  1.00 46.14 ? 62 LYS E C   1 
ATOM   1740 O O   . LYS E 1 36 ? -7.511  -7.295  19.188  1.00 46.28 ? 62 LYS E O   1 
ATOM   1741 C CB  . LYS E 1 36 ? -6.791  -7.113  16.038  1.00 45.94 ? 62 LYS E CB  1 
ATOM   1742 C CG  . LYS E 1 36 ? -8.268  -7.480  16.155  1.00 44.49 ? 62 LYS E CG  1 
ATOM   1743 C CD  . LYS E 1 36 ? -8.727  -8.415  15.044  1.00 45.18 ? 62 LYS E CD  1 
ATOM   1744 C CE  . LYS E 1 36 ? -8.180  -9.826  15.223  1.00 45.11 ? 62 LYS E CE  1 
ATOM   1745 N NZ  . LYS E 1 36 ? -8.609  -10.746 14.133  1.00 43.36 ? 62 LYS E NZ  1 
ATOM   1746 N N   . ASN E 1 37 ? -5.805  -8.607  18.519  1.00 47.21 ? 63 ASN E N   1 
ATOM   1747 C CA  . ASN E 1 37 ? -6.053  -9.617  19.546  1.00 48.06 ? 63 ASN E CA  1 
ATOM   1748 C C   . ASN E 1 37 ? -5.788  -9.077  20.935  1.00 46.78 ? 63 ASN E C   1 
ATOM   1749 O O   . ASN E 1 37 ? -6.522  -9.369  21.881  1.00 45.16 ? 63 ASN E O   1 
ATOM   1750 C CB  . ASN E 1 37 ? -5.185  -10.861 19.326  1.00 48.58 ? 63 ASN E CB  1 
ATOM   1751 C CG  . ASN E 1 37 ? -5.760  -11.784 18.289  1.00 49.41 ? 63 ASN E CG  1 
ATOM   1752 O OD1 . ASN E 1 37 ? -6.948  -11.719 17.992  1.00 50.39 ? 63 ASN E OD1 1 
ATOM   1753 N ND2 . ASN E 1 37 ? -4.928  -12.661 17.738  1.00 51.41 ? 63 ASN E ND2 1 
ATOM   1754 N N   . THR E 1 38 ? -4.729  -8.287  21.045  1.00 46.45 ? 64 THR E N   1 
ATOM   1755 C CA  . THR E 1 38 ? -4.341  -7.711  22.314  1.00 47.83 ? 64 THR E CA  1 
ATOM   1756 C C   . THR E 1 38 ? -5.380  -6.750  22.869  1.00 47.83 ? 64 THR E C   1 
ATOM   1757 O O   . THR E 1 38 ? -5.660  -6.773  24.064  1.00 49.36 ? 64 THR E O   1 
ATOM   1758 C CB  . THR E 1 38 ? -2.997  -7.006  22.191  1.00 47.21 ? 64 THR E CB  1 
ATOM   1759 O OG1 . THR E 1 38 ? -2.048  -7.920  21.634  1.00 47.85 ? 64 THR E OG1 1 
ATOM   1760 C CG2 . THR E 1 38 ? -2.508  -6.556  23.552  1.00 46.38 ? 64 THR E CG2 1 
ATOM   1761 N N   . VAL E 1 39 ? -5.954  -5.910  22.016  1.00 47.23 ? 65 VAL E N   1 
ATOM   1762 C CA  . VAL E 1 39 ? -6.971  -4.974  22.474  1.00 46.46 ? 65 VAL E CA  1 
ATOM   1763 C C   . VAL E 1 39 ? -8.228  -5.736  22.914  1.00 47.85 ? 65 VAL E C   1 
ATOM   1764 O O   . VAL E 1 39 ? -8.865  -5.385  23.908  1.00 47.53 ? 65 VAL E O   1 
ATOM   1765 C CB  . VAL E 1 39 ? -7.327  -3.953  21.374  1.00 44.85 ? 65 VAL E CB  1 
ATOM   1766 C CG1 . VAL E 1 39 ? -8.510  -3.120  21.803  1.00 44.80 ? 65 VAL E CG1 1 
ATOM   1767 C CG2 . VAL E 1 39 ? -6.140  -3.039  21.114  1.00 42.40 ? 65 VAL E CG2 1 
ATOM   1768 N N   . MET E 1 40 ? -8.565  -6.793  22.183  1.00 51.08 ? 66 MET E N   1 
ATOM   1769 C CA  . MET E 1 40 ? -9.736  -7.619  22.493  1.00 54.25 ? 66 MET E CA  1 
ATOM   1770 C C   . MET E 1 40 ? -9.670  -8.275  23.879  1.00 55.73 ? 66 MET E C   1 
ATOM   1771 O O   . MET E 1 40 ? -10.680 -8.399  24.577  1.00 55.28 ? 66 MET E O   1 
ATOM   1772 C CB  . MET E 1 40 ? -9.880  -8.731  21.461  1.00 55.28 ? 66 MET E CB  1 
ATOM   1773 C CG  . MET E 1 40 ? -10.112 -8.289  20.044  1.00 56.02 ? 66 MET E CG  1 
ATOM   1774 S SD  . MET E 1 40 ? -10.237 -9.774  19.032  1.00 60.37 ? 66 MET E SD  1 
ATOM   1775 C CE  . MET E 1 40 ? -11.753 -10.481 19.680  1.00 55.67 ? 66 MET E CE  1 
ATOM   1776 N N   . GLU E 1 41 ? -8.477  -8.718  24.260  1.00 57.89 ? 67 GLU E N   1 
ATOM   1777 C CA  . GLU E 1 41 ? -8.276  -9.377  25.541  1.00 59.05 ? 67 GLU E CA  1 
ATOM   1778 C C   . GLU E 1 41 ? -7.879  -8.397  26.635  1.00 60.51 ? 67 GLU E C   1 
ATOM   1779 O O   . GLU E 1 41 ? -7.702  -8.788  27.786  1.00 60.93 ? 67 GLU E O   1 
ATOM   1780 C CB  . GLU E 1 41 ? -7.195  -10.454 25.408  1.00 59.45 ? 67 GLU E CB  1 
ATOM   1781 C CG  . GLU E 1 41 ? -7.499  -11.562 24.394  1.00 58.98 ? 67 GLU E CG  1 
ATOM   1782 C CD  . GLU E 1 41 ? -8.845  -12.245 24.641  1.00 59.30 ? 67 GLU E CD  1 
ATOM   1783 O OE1 . GLU E 1 41 ? -9.387  -12.107 25.759  1.00 58.89 ? 67 GLU E OE1 1 
ATOM   1784 O OE2 . GLU E 1 41 ? -9.355  -12.928 23.720  1.00 58.28 ? 67 GLU E OE2 1 
ATOM   1785 N N   . CYS E 1 42 ? -7.741  -7.125  26.274  1.00 62.17 ? 68 CYS E N   1 
ATOM   1786 C CA  . CYS E 1 42 ? -7.352  -6.103  27.236  1.00 64.56 ? 68 CYS E CA  1 
ATOM   1787 C C   . CYS E 1 42 ? -8.430  -5.864  28.287  1.00 65.63 ? 68 CYS E C   1 
ATOM   1788 O O   . CYS E 1 42 ? -9.457  -5.249  28.009  1.00 65.93 ? 68 CYS E O   1 
ATOM   1789 C CB  . CYS E 1 42 ? -7.036  -4.794  26.518  1.00 65.18 ? 68 CYS E CB  1 
ATOM   1790 S SG  . CYS E 1 42 ? -6.424  -3.489  27.627  1.00 68.23 ? 68 CYS E SG  1 
ATOM   1791 N N   . ASP E 1 43 ? -8.179  -6.349  29.498  1.00 66.91 ? 69 ASP E N   1 
ATOM   1792 C CA  . ASP E 1 43 ? -9.122  -6.208  30.602  1.00 67.85 ? 69 ASP E CA  1 
ATOM   1793 C C   . ASP E 1 43 ? -9.526  -4.768  30.877  1.00 67.69 ? 69 ASP E C   1 
ATOM   1794 O O   . ASP E 1 43 ? -10.510 -4.525  31.566  1.00 67.72 ? 69 ASP E O   1 
ATOM   1795 C CB  . ASP E 1 43 ? -8.542  -6.826  31.881  1.00 68.79 ? 69 ASP E CB  1 
ATOM   1796 C CG  . ASP E 1 43 ? -8.204  -8.300  31.716  1.00 69.12 ? 69 ASP E CG  1 
ATOM   1797 O OD1 . ASP E 1 43 ? -7.099  -8.606  31.215  1.00 69.58 ? 69 ASP E OD1 1 
ATOM   1798 O OD2 . ASP E 1 43 ? -9.049  -9.151  32.076  1.00 67.56 ? 69 ASP E OD2 1 
ATOM   1799 N N   . ALA E 1 44 ? -8.764  -3.816  30.350  1.00 68.23 ? 70 ALA E N   1 
ATOM   1800 C CA  . ALA E 1 44 ? -9.078  -2.402  30.549  1.00 68.61 ? 70 ALA E CA  1 
ATOM   1801 C C   . ALA E 1 44 ? -10.422 -2.134  29.895  1.00 68.49 ? 70 ALA E C   1 
ATOM   1802 O O   . ALA E 1 44 ? -11.101 -1.154  30.205  1.00 68.09 ? 70 ALA E O   1 
ATOM   1803 C CB  . ALA E 1 44 ? -8.004  -1.526  29.915  1.00 69.35 ? 70 ALA E CB  1 
ATOM   1804 N N   . CYS E 1 45 ? -10.790 -3.024  28.977  1.00 68.65 ? 71 CYS E N   1 
ATOM   1805 C CA  . CYS E 1 45 ? -12.057 -2.935  28.267  1.00 68.22 ? 71 CYS E CA  1 
ATOM   1806 C C   . CYS E 1 45 ? -13.015 -3.918  28.948  1.00 67.72 ? 71 CYS E C   1 
ATOM   1807 O O   . CYS E 1 45 ? -13.530 -4.836  28.273  1.00 67.22 ? 71 CYS E O   1 
ATOM   1808 C CB  . CYS E 1 45 ? -11.880 -3.322  26.788  1.00 69.05 ? 71 CYS E CB  1 
ATOM   1809 S SG  . CYS E 1 45 ? -10.491 -2.564  25.866  1.00 68.33 ? 71 CYS E SG  1 
ATOM   1810 O OXT . CYS E 1 45 ? -13.229 -3.765  30.168  1.00 66.72 ? 71 CYS E OXT 1 
HETATM 1811 C C1  . OLA F 2 .  ? -0.857  0.202   3.774   1.00 35.47 ? 1  OLA D C1  1 
HETATM 1812 O O1  . OLA F 2 .  ? -0.995  1.417   3.771   1.00 39.74 ? 1  OLA D O1  1 
HETATM 1813 O O2  . OLA F 2 .  ? -1.183  -0.431  4.773   1.00 35.67 ? 1  OLA D O2  1 
HETATM 1814 C C2  . OLA F 2 .  ? -0.297  -0.499  2.595   1.00 35.01 ? 1  OLA D C2  1 
HETATM 1815 C C3  . OLA F 2 .  ? -0.348  0.346   1.349   1.00 34.03 ? 1  OLA D C3  1 
HETATM 1816 C C4  . OLA F 2 .  ? 0.238   -0.416  0.204   1.00 32.43 ? 1  OLA D C4  1 
HETATM 1817 C C5  . OLA F 2 .  ? -0.081  0.265   -1.091  1.00 29.01 ? 1  OLA D C5  1 
HETATM 1818 C C6  . OLA F 2 .  ? 0.900   -0.169  -2.108  1.00 30.93 ? 1  OLA D C6  1 
HETATM 1819 C C7  . OLA F 2 .  ? 0.466   0.203   -3.496  1.00 33.70 ? 1  OLA D C7  1 
HETATM 1820 C C8  . OLA F 2 .  ? 1.580   -0.067  -4.457  1.00 35.70 ? 1  OLA D C8  1 
HETATM 1821 C C9  . OLA F 2 .  ? 1.145   0.302   -5.818  1.00 36.93 ? 1  OLA D C9  1 
HETATM 1822 C C10 . OLA F 2 .  ? 1.702   -0.440  -6.920  1.00 38.77 ? 1  OLA D C10 1 
HETATM 1823 C C11 . OLA F 2 .  ? 1.687   0.151   -8.282  1.00 40.28 ? 1  OLA D C11 1 
HETATM 1824 C C12 . OLA F 2 .  ? 1.879   -0.917  -9.306  1.00 42.35 ? 1  OLA D C12 1 
HETATM 1825 C C13 . OLA F 2 .  ? 3.331   -1.063  -9.672  1.00 44.39 ? 1  OLA D C13 1 
HETATM 1826 C C14 . OLA F 2 .  ? 3.451   -1.632  -11.051 1.00 45.85 ? 1  OLA D C14 1 
HETATM 1827 C C15 . OLA F 2 .  ? 3.803   -0.574  -12.070 1.00 48.12 ? 1  OLA D C15 1 
HETATM 1828 C C16 . OLA F 2 .  ? 3.171   -0.766  -13.437 1.00 49.73 ? 1  OLA D C16 1 
HETATM 1829 C C17 . OLA F 2 .  ? 4.053   -1.515  -14.398 1.00 49.81 ? 1  OLA D C17 1 
HETATM 1830 C C18 . OLA F 2 .  ? 4.565   -0.614  -15.471 1.00 49.92 ? 1  OLA D C18 1 
HETATM 1831 O O   . HOH G 3 .  ? -4.885  -16.031 -5.741  1.00 43.56 ? 7  HOH A O   1 
HETATM 1832 O O   . HOH G 3 .  ? -15.497 0.028   32.817  1.00 47.53 ? 19 HOH A O   1 
HETATM 1833 O O   . HOH G 3 .  ? -2.552  -12.487 -0.459  1.00 36.28 ? 21 HOH A O   1 
HETATM 1834 O O   . HOH G 3 .  ? -12.238 -8.370  11.583  1.00 33.80 ? 72 HOH A O   1 
HETATM 1835 O O   . HOH G 3 .  ? -19.933 0.632   15.686  1.00 45.01 ? 73 HOH A O   1 
HETATM 1836 O O   . HOH G 3 .  ? 11.872  -7.738  -33.156 1.00 52.23 ? 74 HOH A O   1 
HETATM 1837 O O   . HOH H 3 .  ? -0.967  -9.388  -28.731 1.00 35.17 ? 2  HOH B O   1 
HETATM 1838 O O   . HOH H 3 .  ? -7.733  -7.823  -28.347 1.00 42.25 ? 3  HOH B O   1 
HETATM 1839 O O   . HOH H 3 .  ? -6.433  11.090  3.088   1.00 38.57 ? 9  HOH B O   1 
HETATM 1840 O O   . HOH H 3 .  ? -16.775 5.936   5.750   1.00 40.97 ? 10 HOH B O   1 
HETATM 1841 O O   . HOH H 3 .  ? -10.581 8.548   3.560   1.00 49.59 ? 12 HOH B O   1 
HETATM 1842 O O   . HOH H 3 .  ? 6.523   -8.977  -34.887 1.00 44.15 ? 14 HOH B O   1 
HETATM 1843 O O   . HOH H 3 .  ? -0.598  -2.738  -31.725 1.00 47.79 ? 20 HOH B O   1 
HETATM 1844 O O   . HOH H 3 .  ? -14.409 3.405   5.510   1.00 46.07 ? 26 HOH B O   1 
HETATM 1845 O O   . HOH H 3 .  ? -5.626  -4.626  -26.540 1.00 38.49 ? 72 HOH B O   1 
HETATM 1846 O O   . HOH H 3 .  ? 2.852   -18.279 -34.749 1.00 52.28 ? 73 HOH B O   1 
HETATM 1847 O O   . HOH H 3 .  ? -12.405 12.535  27.793  1.00 45.19 ? 74 HOH B O   1 
HETATM 1848 O O   . HOH H 3 .  ? -8.931  0.278   -17.336 1.00 31.80 ? 75 HOH B O   1 
HETATM 1849 O O   . HOH H 3 .  ? -13.178 12.563  19.682  1.00 33.53 ? 76 HOH B O   1 
HETATM 1850 O O   . HOH H 3 .  ? -14.564 1.643   0.409   1.00 52.61 ? 77 HOH B O   1 
HETATM 1851 O O   . HOH I 3 .  ? -2.347  14.273  2.489   1.00 40.21 ? 13 HOH C O   1 
HETATM 1852 O O   . HOH I 3 .  ? -5.207  10.393  -3.754  1.00 36.87 ? 15 HOH C O   1 
HETATM 1853 O O   . HOH I 3 .  ? 0.221   11.587  -14.965 1.00 22.73 ? 24 HOH C O   1 
HETATM 1854 O O   . HOH I 3 .  ? 0.049   14.757  4.236   1.00 30.16 ? 25 HOH C O   1 
HETATM 1855 O O   . HOH I 3 .  ? 4.535   10.965  5.978   1.00 34.75 ? 72 HOH C O   1 
HETATM 1856 O O   . HOH I 3 .  ? 1.454   14.885  -2.147  1.00 40.99 ? 73 HOH C O   1 
HETATM 1857 O O   . HOH I 3 .  ? -1.137  9.085   -25.676 1.00 29.29 ? 74 HOH C O   1 
HETATM 1858 O O   . HOH I 3 .  ? -9.852  8.047   -13.993 1.00 31.85 ? 75 HOH C O   1 
HETATM 1859 O O   . HOH I 3 .  ? -6.463  2.967   -28.893 1.00 35.76 ? 76 HOH C O   1 
HETATM 1860 O O   . HOH I 3 .  ? -4.087  4.064   -29.840 1.00 42.55 ? 77 HOH C O   1 
HETATM 1861 O O   . HOH I 3 .  ? -0.740  1.993   35.533  1.00 47.36 ? 78 HOH C O   1 
HETATM 1862 O O   . HOH I 3 .  ? 1.479   0.605   -35.155 1.00 43.46 ? 79 HOH C O   1 
HETATM 1863 O O   . HOH I 3 .  ? 3.117   1.922   30.133  1.00 47.58 ? 80 HOH C O   1 
HETATM 1864 O O   . HOH I 3 .  ? 7.698   10.393  -8.759  1.00 35.98 ? 81 HOH C O   1 
HETATM 1865 O O   . HOH J 3 .  ? 5.727   14.235  -15.699 1.00 36.93 ? 5  HOH D O   1 
HETATM 1866 O O   . HOH J 3 .  ? 13.327  6.158   -11.109 1.00 30.38 ? 6  HOH D O   1 
HETATM 1867 O O   . HOH J 3 .  ? 6.765   14.462  -18.095 1.00 29.10 ? 8  HOH D O   1 
HETATM 1868 O O   . HOH J 3 .  ? -2.993  -8.716  32.075  1.00 35.75 ? 11 HOH D O   1 
HETATM 1869 O O   . HOH J 3 .  ? 9.773   12.750  -25.475 1.00 50.29 ? 16 HOH D O   1 
HETATM 1870 O O   . HOH J 3 .  ? 2.722   11.203  -15.783 1.00 30.48 ? 22 HOH D O   1 
HETATM 1871 O O   . HOH J 3 .  ? 1.140   -8.809  30.061  1.00 37.79 ? 23 HOH D O   1 
HETATM 1872 O O   . HOH J 3 .  ? 6.162   10.023  -32.331 1.00 37.28 ? 72 HOH D O   1 
HETATM 1873 O O   . HOH J 3 .  ? 16.042  7.389   -14.244 1.00 46.82 ? 73 HOH D O   1 
HETATM 1874 O O   . HOH J 3 .  ? 6.619   -6.645  29.861  1.00 44.64 ? 74 HOH D O   1 
HETATM 1875 O O   . HOH J 3 .  ? 12.198  -3.866  3.046   1.00 44.22 ? 75 HOH D O   1 
HETATM 1876 O O   . HOH J 3 .  ? 9.830   -5.193  23.397  1.00 41.61 ? 76 HOH D O   1 
HETATM 1877 O O   . HOH J 3 .  ? 11.527  4.562   4.772   1.00 46.53 ? 77 HOH D O   1 
HETATM 1878 O O   . HOH K 3 .  ? 16.263  0.084   -32.565 1.00 52.00 ? 4  HOH E O   1 
HETATM 1879 O O   . HOH K 3 .  ? 2.822   -15.370 2.310   1.00 44.25 ? 17 HOH E O   1 
HETATM 1880 O O   . HOH K 3 .  ? 12.866  -8.028  -10.329 1.00 33.49 ? 18 HOH E O   1 
HETATM 1881 O O   . HOH K 3 .  ? -11.443 -6.798  27.247  1.00 36.96 ? 72 HOH E O   1 
HETATM 1882 O O   . HOH K 3 .  ? 14.487  4.251   -12.627 1.00 40.50 ? 73 HOH E O   1 
HETATM 1883 O O   . HOH K 3 .  ? 8.644   -0.038  -28.292 1.00 58.62 ? 74 HOH E O   1 
HETATM 1884 O O   . HOH K 3 .  ? 10.300  -9.949  -1.479  1.00 51.72 ? 75 HOH E O   1 
# 
